data_7LZP
#
_entry.id   7LZP
#
_cell.length_a   132.604
_cell.length_b   132.604
_cell.length_c   413.030
_cell.angle_alpha   90.000
_cell.angle_beta   90.000
_cell.angle_gamma   120.000
#
_symmetry.space_group_name_H-M   'P 65 2 2'
#
loop_
_entity.id
_entity.type
_entity.pdbx_description
1 polymer 'Botulinum neurotoxin A light chain'
2 polymer JPU-G11
3 polymer JPU-A11
4 polymer JPU-B9
5 non-polymer 'ZINC ION'
6 water water
#
loop_
_entity_poly.entity_id
_entity_poly.type
_entity_poly.pdbx_seq_one_letter_code
_entity_poly.pdbx_strand_id
1 'polypeptide(L)'
;GPLGSPEFPFVNKQFNYKDPVNGVDIAYIKIPNVGQMQPVKAFKIHNKIWVIPERDTFTNPEEGDLNPPPEAKQVPVSYY
DSTYLSTDNEKDNYLKGVTKLFERIYSTDLGRMLLTSIVRGIPFWGGSTIDTELKVIDTNCINVIQPDGSYRSEELNLVI
IGPSADIIQFECKSFGHEVLNLTRNGYGSTQYIRFSPDFTFGFEESLEVDTNPLLGAGKFATDPAVTLAHELIHAGHRLY
GIAINPNRVFKVNTNAYYEMSGLEVSFEELRTFGGHDAKFIDSLQENEFRLYYYNKFKDIASTLNKAKSIVGTTASLQYM
KNVFKEKYLLSEDTSGKFSVDKLKFDKLYKMLTEIYTEDNFVKFFKVLNRKTYLNFDKAVFKINIVPKVNYTIYDGFNLR
NTNLAANFNGQNTEINNMNFTKLKNFTGLFEFYKLLCVRGIITSK
;
A,D
2 'polypeptide(L)'
;GPLGSQLQLVETGGGLVQPGGSLRLACVASESVFEMYTVAWYRQAPGKQRELVAGITDEGRTNYADFVKGRFTISRDNSK
KTVHLQMDNLNPEDTAVYYCKLEHDLGYYDYWGQGTQVTVSS
;
C,F
3 'polypeptide(L)'
;GPLGSQVQLVETGGGLVQAGDSLTLSCAATGRTLDYYALGWFRQVPGNKREFVAAINWLGGSTYYADSVRGRFTLSRDNS
KSTLYLNMNNLIPDDTAVYYCAADFSIAYSGTYPPAYAEYDYDYWGQGTQVTVSS
;
E,B
4 'polypeptide(L)'
;GPLGSQVQLVETGGALVQPGQSLTLSCTTSENVFGIYGMAWLRQAPGRQRELVASITSRGTAHYHDSVKGRFTISRESGK
TTAYLQTTSVNPEDTAIYYCNSGPYWGQGTQVTVSS
;
G,H
#
# COMPACT_ATOMS: atom_id res chain seq x y z
N PHE A 8 20.02 -28.28 24.16
CA PHE A 8 18.73 -28.52 23.50
C PHE A 8 17.70 -27.36 23.37
N PRO A 9 17.97 -26.15 23.94
CA PRO A 9 16.90 -25.13 23.94
C PRO A 9 16.98 -24.14 22.78
N PHE A 10 15.88 -23.40 22.58
CA PHE A 10 15.83 -22.38 21.54
C PHE A 10 16.84 -21.28 21.80
N VAL A 11 16.78 -20.67 22.97
CA VAL A 11 17.73 -19.62 23.32
C VAL A 11 19.01 -20.27 23.82
N ASN A 12 20.13 -19.90 23.21
CA ASN A 12 21.41 -20.50 23.52
C ASN A 12 22.06 -19.88 24.76
N LYS A 13 21.62 -18.70 25.16
CA LYS A 13 22.23 -17.97 26.25
C LYS A 13 21.22 -17.73 27.37
N GLN A 14 21.75 -17.54 28.58
CA GLN A 14 20.95 -17.17 29.74
C GLN A 14 21.12 -15.66 29.94
N PHE A 15 20.07 -14.90 29.66
CA PHE A 15 20.15 -13.45 29.64
C PHE A 15 19.58 -12.85 30.92
N ASN A 16 20.29 -11.86 31.45
CA ASN A 16 19.78 -10.98 32.48
C ASN A 16 19.79 -9.56 31.93
N TYR A 17 18.81 -8.75 32.33
CA TYR A 17 18.69 -7.41 31.77
C TYR A 17 19.91 -6.55 32.11
N LYS A 18 20.52 -6.78 33.26
CA LYS A 18 21.66 -5.98 33.71
C LYS A 18 23.00 -6.52 33.22
N ASP A 19 23.00 -7.53 32.36
CA ASP A 19 24.24 -8.00 31.77
C ASP A 19 24.86 -6.90 30.92
N PRO A 20 26.19 -6.81 30.88
CA PRO A 20 26.83 -5.74 30.09
C PRO A 20 26.65 -5.97 28.61
N VAL A 21 26.54 -4.87 27.87
CA VAL A 21 26.37 -4.96 26.43
C VAL A 21 27.69 -5.33 25.77
N ASN A 22 27.60 -5.92 24.58
CA ASN A 22 28.77 -6.32 23.82
C ASN A 22 28.68 -5.93 22.35
N GLY A 23 27.57 -5.33 21.91
CA GLY A 23 27.42 -4.98 20.51
C GLY A 23 27.11 -6.13 19.60
N VAL A 24 26.83 -7.31 20.14
CA VAL A 24 26.56 -8.50 19.32
C VAL A 24 25.15 -9.00 19.61
N ASP A 25 24.93 -9.51 20.82
CA ASP A 25 23.63 -10.05 21.22
C ASP A 25 22.98 -9.28 22.36
N ILE A 26 23.73 -8.43 23.06
CA ILE A 26 23.20 -7.50 24.04
C ILE A 26 23.75 -6.14 23.64
N ALA A 27 22.87 -5.22 23.22
CA ALA A 27 23.38 -3.96 22.70
C ALA A 27 22.29 -2.91 22.70
N TYR A 28 22.71 -1.66 22.68
CA TYR A 28 21.78 -0.57 22.45
C TYR A 28 21.51 -0.43 20.96
N ILE A 29 20.25 -0.20 20.60
CA ILE A 29 19.83 -0.16 19.22
C ILE A 29 18.93 1.04 18.99
N LYS A 30 18.70 1.33 17.71
CA LYS A 30 17.83 2.38 17.23
C LYS A 30 17.00 1.84 16.08
N ILE A 31 15.72 2.20 16.07
CA ILE A 31 14.76 1.75 15.07
C ILE A 31 14.81 2.78 13.94
N PRO A 32 14.44 2.41 12.67
CA PRO A 32 14.48 3.37 11.56
C PRO A 32 13.99 4.78 11.87
N ASN A 33 12.99 4.91 12.74
CA ASN A 33 12.52 6.23 13.14
C ASN A 33 13.32 6.76 14.33
N MET A 37 14.90 9.34 18.34
CA MET A 37 15.11 8.68 19.62
C MET A 37 16.60 8.55 19.94
N GLN A 38 16.90 8.07 21.14
CA GLN A 38 18.24 7.64 21.53
C GLN A 38 18.20 6.15 21.87
N PRO A 39 19.33 5.44 21.68
CA PRO A 39 19.27 3.97 21.67
C PRO A 39 18.68 3.36 22.93
N VAL A 40 18.05 2.21 22.76
CA VAL A 40 17.46 1.44 23.85
C VAL A 40 18.18 0.11 23.95
N LYS A 41 18.29 -0.42 25.17
CA LYS A 41 18.97 -1.68 25.40
C LYS A 41 18.08 -2.84 24.95
N ALA A 42 18.59 -3.67 24.03
CA ALA A 42 17.87 -4.81 23.50
C ALA A 42 18.75 -6.04 23.50
N PHE A 43 18.10 -7.20 23.32
CA PHE A 43 18.74 -8.51 23.44
C PHE A 43 18.39 -9.34 22.20
N LYS A 44 19.42 -9.96 21.61
CA LYS A 44 19.26 -10.79 20.41
C LYS A 44 19.17 -12.24 20.88
N ILE A 45 17.94 -12.68 21.19
CA ILE A 45 17.75 -14.02 21.76
C ILE A 45 17.97 -15.12 20.74
N HIS A 46 17.92 -14.80 19.45
CA HIS A 46 18.18 -15.76 18.39
C HIS A 46 18.50 -14.96 17.14
N ASN A 47 19.12 -15.63 16.17
CA ASN A 47 19.34 -15.02 14.88
C ASN A 47 18.03 -14.45 14.34
N LYS A 48 18.09 -13.20 13.89
CA LYS A 48 16.98 -12.46 13.26
C LYS A 48 15.86 -12.10 14.23
N ILE A 49 16.00 -12.37 15.53
CA ILE A 49 14.96 -12.09 16.51
C ILE A 49 15.56 -11.33 17.68
N TRP A 50 14.98 -10.18 18.01
CA TRP A 50 15.42 -9.33 19.10
C TRP A 50 14.27 -9.09 20.08
N VAL A 51 14.63 -8.74 21.30
CA VAL A 51 13.65 -8.40 22.34
C VAL A 51 14.07 -7.08 22.98
N ILE A 52 13.13 -6.14 23.07
CA ILE A 52 13.34 -4.84 23.69
C ILE A 52 12.45 -4.75 24.92
N PRO A 53 13.00 -5.00 26.12
CA PRO A 53 12.16 -4.95 27.33
C PRO A 53 11.74 -3.52 27.69
N GLU A 54 11.02 -2.87 26.79
CA GLU A 54 10.58 -1.49 27.01
C GLU A 54 9.13 -1.34 26.58
N ARG A 55 8.44 -0.40 27.21
CA ARG A 55 7.13 0.00 26.73
C ARG A 55 7.27 0.67 25.38
N ASP A 56 6.49 0.22 24.40
CA ASP A 56 6.66 0.67 23.02
C ASP A 56 6.24 2.12 22.85
N THR A 57 7.20 3.04 23.02
CA THR A 57 6.98 4.45 22.72
C THR A 57 7.79 4.88 21.50
N PHE A 58 8.28 3.93 20.73
CA PHE A 58 9.19 4.18 19.62
C PHE A 58 8.62 3.86 18.26
N THR A 59 7.93 2.72 18.10
CA THR A 59 7.37 2.38 16.79
C THR A 59 6.35 3.41 16.33
N ASN A 60 5.62 4.02 17.25
CA ASN A 60 4.64 5.07 16.93
C ASN A 60 4.84 6.23 17.89
N PRO A 61 5.50 7.30 17.46
CA PRO A 61 5.68 8.47 18.36
C PRO A 61 4.36 9.09 18.77
N GLU A 62 3.31 8.96 17.95
CA GLU A 62 1.99 9.44 18.35
C GLU A 62 1.43 8.66 19.53
N GLU A 63 1.95 7.46 19.77
CA GLU A 63 1.57 6.65 20.92
C GLU A 63 2.71 6.56 21.93
N GLY A 64 3.48 7.64 22.05
CA GLY A 64 4.55 7.71 23.02
C GLY A 64 4.11 8.20 24.37
N ASP A 65 2.81 8.24 24.62
CA ASP A 65 2.23 8.63 25.90
C ASP A 65 1.61 7.40 26.53
N LEU A 66 2.04 7.07 27.75
CA LEU A 66 1.54 5.90 28.47
C LEU A 66 0.42 6.24 29.43
N ASN A 67 0.02 7.51 29.50
CA ASN A 67 -1.10 7.89 30.33
C ASN A 67 -2.42 7.49 29.64
N PRO A 68 -3.40 7.04 30.39
CA PRO A 68 -4.65 6.57 29.78
C PRO A 68 -5.41 7.72 29.14
N PRO A 69 -6.00 7.49 27.97
CA PRO A 69 -6.88 8.51 27.36
C PRO A 69 -8.13 8.69 28.19
N PRO A 70 -8.98 9.67 27.85
CA PRO A 70 -10.24 9.82 28.58
C PRO A 70 -11.07 8.54 28.56
N GLU A 71 -11.86 8.34 29.61
CA GLU A 71 -12.61 7.11 29.77
C GLU A 71 -13.57 6.87 28.61
N ALA A 72 -14.06 7.94 27.98
CA ALA A 72 -14.91 7.78 26.81
C ALA A 72 -14.13 7.28 25.60
N LYS A 73 -12.88 7.69 25.47
CA LYS A 73 -12.04 7.26 24.35
C LYS A 73 -11.46 5.85 24.55
N GLN A 74 -11.61 5.28 25.75
CA GLN A 74 -11.04 3.96 26.02
C GLN A 74 -11.90 2.87 25.42
N VAL A 75 -11.26 1.91 24.76
CA VAL A 75 -11.94 0.70 24.28
C VAL A 75 -12.42 -0.10 25.48
N PRO A 76 -13.61 -0.71 25.44
CA PRO A 76 -14.07 -1.49 26.60
C PRO A 76 -13.07 -2.53 27.08
N VAL A 77 -12.36 -3.18 26.15
CA VAL A 77 -11.36 -4.16 26.55
C VAL A 77 -9.99 -3.49 26.47
N SER A 78 -9.62 -2.79 27.54
CA SER A 78 -8.33 -2.11 27.61
C SER A 78 -7.91 -2.01 29.07
N TYR A 79 -6.60 -1.89 29.28
CA TYR A 79 -6.06 -1.77 30.63
C TYR A 79 -4.80 -0.92 30.55
N TYR A 80 -4.69 0.07 31.45
CA TYR A 80 -3.61 1.03 31.42
C TYR A 80 -2.84 1.00 32.73
N ASP A 81 -1.51 1.18 32.62
CA ASP A 81 -0.64 1.24 33.78
C ASP A 81 0.68 1.86 33.30
N SER A 82 0.81 3.17 33.48
CA SER A 82 1.99 3.88 33.00
C SER A 82 3.27 3.47 33.72
N THR A 83 3.16 2.78 34.86
CA THR A 83 4.34 2.39 35.63
C THR A 83 4.86 1.00 35.28
N TYR A 84 4.11 0.22 34.50
CA TYR A 84 4.55 -1.11 34.15
C TYR A 84 5.78 -1.05 33.26
N LEU A 85 6.70 -2.00 33.48
CA LEU A 85 7.91 -2.15 32.68
C LEU A 85 8.79 -0.90 32.76
N SER A 86 8.94 -0.37 33.97
CA SER A 86 9.78 0.80 34.18
C SER A 86 11.02 0.52 35.03
N THR A 87 11.00 -0.52 35.85
CA THR A 87 12.14 -0.87 36.70
C THR A 87 13.00 -1.94 36.01
N ASP A 88 14.28 -1.96 36.37
CA ASP A 88 15.18 -2.96 35.81
C ASP A 88 14.73 -4.38 36.15
N ASN A 89 14.16 -4.58 37.34
CA ASN A 89 13.63 -5.89 37.69
C ASN A 89 12.45 -6.26 36.79
N GLU A 90 11.57 -5.30 36.52
CA GLU A 90 10.46 -5.55 35.60
C GLU A 90 10.97 -5.94 34.23
N LYS A 91 12.00 -5.25 33.73
CA LYS A 91 12.53 -5.55 32.40
C LYS A 91 13.22 -6.91 32.38
N ASP A 92 13.93 -7.25 33.45
CA ASP A 92 14.55 -8.57 33.55
C ASP A 92 13.49 -9.67 33.53
N ASN A 93 12.43 -9.50 34.33
CA ASN A 93 11.37 -10.50 34.38
C ASN A 93 10.63 -10.58 33.05
N TYR A 94 10.45 -9.44 32.38
CA TYR A 94 9.81 -9.44 31.06
C TYR A 94 10.64 -10.22 30.05
N LEU A 95 11.94 -9.94 30.01
CA LEU A 95 12.81 -10.66 29.08
C LEU A 95 12.80 -12.15 29.38
N LYS A 96 12.88 -12.53 30.66
CA LYS A 96 12.89 -13.95 31.01
C LYS A 96 11.57 -14.61 30.65
N GLY A 97 10.44 -13.91 30.85
CA GLY A 97 9.15 -14.48 30.51
C GLY A 97 8.95 -14.63 29.01
N VAL A 98 9.38 -13.63 28.24
CA VAL A 98 9.30 -13.74 26.78
C VAL A 98 10.16 -14.89 26.29
N THR A 99 11.36 -15.04 26.85
CA THR A 99 12.23 -16.15 26.46
C THR A 99 11.61 -17.49 26.84
N LYS A 100 10.97 -17.55 28.00
CA LYS A 100 10.34 -18.80 28.43
C LYS A 100 9.16 -19.16 27.54
N LEU A 101 8.38 -18.16 27.10
CA LEU A 101 7.28 -18.42 26.19
C LEU A 101 7.80 -18.85 24.82
N PHE A 102 8.90 -18.24 24.35
CA PHE A 102 9.53 -18.71 23.12
C PHE A 102 9.96 -20.17 23.24
N GLU A 103 10.52 -20.54 24.40
CA GLU A 103 10.93 -21.93 24.59
C GLU A 103 9.72 -22.86 24.63
N ARG A 104 8.63 -22.44 25.29
CA ARG A 104 7.43 -23.27 25.33
C ARG A 104 6.87 -23.47 23.94
N ILE A 105 6.86 -22.43 23.11
CA ILE A 105 6.45 -22.57 21.73
C ILE A 105 7.38 -23.51 20.98
N TYR A 106 8.69 -23.39 21.22
CA TYR A 106 9.67 -24.25 20.57
C TYR A 106 9.58 -25.69 21.05
N SER A 107 9.00 -25.93 22.23
CA SER A 107 8.90 -27.29 22.75
C SER A 107 7.94 -28.15 21.94
N THR A 108 7.06 -27.55 21.16
CA THR A 108 6.13 -28.27 20.31
C THR A 108 6.61 -28.24 18.86
N ASP A 109 6.32 -29.33 18.13
CA ASP A 109 6.76 -29.42 16.75
C ASP A 109 6.12 -28.32 15.90
N LEU A 110 4.86 -28.00 16.17
CA LEU A 110 4.21 -26.92 15.45
C LEU A 110 4.90 -25.59 15.71
N GLY A 111 5.16 -25.28 16.98
CA GLY A 111 5.83 -24.05 17.31
C GLY A 111 7.27 -24.00 16.81
N ARG A 112 7.95 -25.15 16.82
CA ARG A 112 9.29 -25.21 16.26
C ARG A 112 9.27 -24.94 14.76
N MET A 113 8.29 -25.50 14.06
CA MET A 113 8.17 -25.26 12.62
C MET A 113 7.89 -23.79 12.34
N LEU A 114 6.98 -23.19 13.12
CA LEU A 114 6.67 -21.77 12.96
C LEU A 114 7.91 -20.92 13.21
N LEU A 115 8.67 -21.23 14.27
CA LEU A 115 9.86 -20.45 14.59
C LEU A 115 10.92 -20.61 13.52
N THR A 116 11.05 -21.81 12.94
CA THR A 116 11.97 -21.99 11.83
C THR A 116 11.54 -21.16 10.62
N SER A 117 10.24 -21.16 10.32
CA SER A 117 9.73 -20.32 9.23
C SER A 117 10.05 -18.85 9.48
N ILE A 118 9.90 -18.40 10.73
CA ILE A 118 10.20 -17.01 11.05
C ILE A 118 11.69 -16.72 10.88
N VAL A 119 12.54 -17.62 11.38
CA VAL A 119 13.99 -17.40 11.30
C VAL A 119 14.45 -17.34 9.86
N ARG A 120 13.95 -18.23 9.01
CA ARG A 120 14.39 -18.24 7.62
C ARG A 120 13.56 -17.33 6.73
N GLY A 121 12.56 -16.64 7.27
CA GLY A 121 11.75 -15.73 6.48
C GLY A 121 12.35 -14.34 6.40
N ILE A 122 13.55 -14.23 5.86
CA ILE A 122 14.24 -12.93 5.79
C ILE A 122 13.52 -12.03 4.80
N PRO A 123 13.23 -10.78 5.15
CA PRO A 123 12.60 -9.87 4.18
C PRO A 123 13.44 -9.74 2.91
N PHE A 124 12.75 -9.68 1.78
CA PHE A 124 13.39 -9.74 0.49
C PHE A 124 14.22 -8.48 0.24
N TRP A 125 15.25 -8.63 -0.60
CA TRP A 125 16.10 -7.50 -0.99
C TRP A 125 15.56 -6.86 -2.27
N GLY A 126 14.41 -6.22 -2.12
CA GLY A 126 13.76 -5.56 -3.25
C GLY A 126 13.67 -4.05 -3.10
N GLY A 127 14.71 -3.45 -2.53
CA GLY A 127 14.73 -2.01 -2.29
C GLY A 127 15.47 -1.18 -3.30
N SER A 128 15.95 -1.78 -4.39
CA SER A 128 16.71 -1.05 -5.39
C SER A 128 15.81 -0.50 -6.49
N THR A 129 16.18 0.67 -7.01
CA THR A 129 15.50 1.24 -8.15
C THR A 129 15.95 0.63 -9.48
N ILE A 130 17.01 -0.17 -9.47
CA ILE A 130 17.50 -0.87 -10.65
C ILE A 130 16.92 -2.27 -10.67
N ASP A 131 16.46 -2.70 -11.85
CA ASP A 131 15.76 -3.98 -11.95
C ASP A 131 16.68 -5.16 -11.62
N THR A 132 17.94 -5.07 -12.01
CA THR A 132 18.88 -6.18 -11.93
C THR A 132 19.75 -6.15 -10.68
N GLU A 133 19.44 -5.28 -9.72
CA GLU A 133 20.25 -5.09 -8.53
C GLU A 133 19.47 -5.51 -7.29
N LEU A 134 20.08 -6.36 -6.46
CA LEU A 134 19.51 -6.75 -5.18
C LEU A 134 20.02 -5.82 -4.09
N LYS A 135 19.11 -5.13 -3.39
CA LYS A 135 19.48 -4.21 -2.33
C LYS A 135 18.49 -4.34 -1.19
N VAL A 136 19.01 -4.23 0.04
CA VAL A 136 18.18 -4.39 1.23
C VAL A 136 17.30 -3.16 1.43
N ILE A 137 16.13 -3.37 2.04
CA ILE A 137 15.23 -2.29 2.40
C ILE A 137 15.54 -1.88 3.84
N ASP A 138 15.87 -0.60 4.03
CA ASP A 138 16.37 -0.14 5.32
C ASP A 138 15.33 -0.22 6.43
N THR A 139 14.04 -0.27 6.09
CA THR A 139 13.02 -0.44 7.12
C THR A 139 13.08 -1.82 7.77
N ASN A 140 13.73 -2.78 7.11
CA ASN A 140 13.92 -4.12 7.66
C ASN A 140 15.23 -4.26 8.42
N CYS A 141 15.76 -3.17 8.99
CA CYS A 141 17.02 -3.20 9.72
C CYS A 141 16.87 -2.41 11.00
N ILE A 142 17.85 -2.60 11.89
CA ILE A 142 18.01 -1.79 13.09
C ILE A 142 19.47 -1.34 13.16
N ASN A 143 19.69 -0.22 13.83
CA ASN A 143 21.04 0.30 14.06
C ASN A 143 21.54 -0.19 15.41
N VAL A 144 22.63 -0.95 15.39
CA VAL A 144 23.25 -1.50 16.58
C VAL A 144 24.46 -0.64 16.93
N ILE A 145 24.52 -0.13 18.16
CA ILE A 145 25.69 0.63 18.59
C ILE A 145 26.85 -0.33 18.79
N GLN A 146 28.00 0.05 18.28
CA GLN A 146 29.18 -0.76 18.51
C GLN A 146 29.93 -0.25 19.73
N PRO A 147 30.74 -1.10 20.37
CA PRO A 147 31.69 -0.59 21.37
C PRO A 147 32.56 0.52 20.81
N ASP A 148 32.87 0.46 19.51
CA ASP A 148 33.52 1.56 18.82
C ASP A 148 32.77 2.87 19.00
N GLY A 149 31.45 2.81 19.15
CA GLY A 149 30.62 3.99 19.20
C GLY A 149 29.86 4.26 17.92
N SER A 150 30.24 3.63 16.82
CA SER A 150 29.57 3.81 15.55
C SER A 150 28.32 2.93 15.49
N TYR A 151 27.56 3.06 14.40
CA TYR A 151 26.32 2.32 14.21
C TYR A 151 26.47 1.30 13.09
N ARG A 152 25.87 0.15 13.30
CA ARG A 152 25.81 -0.94 12.32
C ARG A 152 24.37 -1.15 11.87
N SER A 153 24.15 -1.14 10.55
CA SER A 153 22.84 -1.45 10.02
C SER A 153 22.73 -2.96 9.90
N GLU A 154 21.95 -3.59 10.78
CA GLU A 154 21.80 -5.03 10.81
C GLU A 154 20.35 -5.39 10.48
N GLU A 155 20.18 -6.23 9.46
CA GLU A 155 18.84 -6.67 9.10
C GLU A 155 18.38 -7.78 10.03
N LEU A 156 17.06 -7.87 10.21
CA LEU A 156 16.48 -8.80 11.16
C LEU A 156 15.07 -9.15 10.70
N ASN A 157 14.42 -10.03 11.44
CA ASN A 157 13.09 -10.48 11.08
C ASN A 157 12.02 -10.12 12.10
N LEU A 158 12.35 -10.09 13.40
CA LEU A 158 11.33 -10.00 14.42
C LEU A 158 11.87 -9.22 15.63
N VAL A 159 11.02 -8.33 16.16
CA VAL A 159 11.28 -7.61 17.40
C VAL A 159 10.10 -7.86 18.32
N ILE A 160 10.38 -8.19 19.57
CA ILE A 160 9.37 -8.35 20.60
C ILE A 160 9.54 -7.19 21.58
N ILE A 161 8.59 -6.26 21.59
CA ILE A 161 8.66 -5.10 22.45
C ILE A 161 7.42 -5.06 23.33
N GLY A 162 7.58 -4.51 24.54
CA GLY A 162 6.49 -4.40 25.47
C GLY A 162 5.39 -3.50 24.94
N PRO A 163 4.20 -3.59 25.53
CA PRO A 163 3.07 -2.82 25.02
C PRO A 163 3.24 -1.33 25.25
N SER A 164 2.44 -0.56 24.52
CA SER A 164 2.44 0.90 24.64
C SER A 164 1.50 1.33 25.76
N ALA A 165 0.67 2.34 25.50
CA ALA A 165 -0.27 2.81 26.52
C ALA A 165 -1.23 1.70 26.95
N ASP A 166 -2.05 1.21 26.02
CA ASP A 166 -2.90 0.07 26.29
C ASP A 166 -2.03 -1.17 26.46
N ILE A 167 -2.00 -1.72 27.67
CA ILE A 167 -1.08 -2.82 27.97
C ILE A 167 -1.54 -4.11 27.30
N ILE A 168 -2.85 -4.33 27.18
CA ILE A 168 -3.33 -5.60 26.66
C ILE A 168 -3.55 -5.51 25.15
N GLN A 169 -3.15 -4.40 24.55
CA GLN A 169 -3.25 -4.25 23.10
C GLN A 169 -2.02 -4.89 22.47
N PHE A 170 -2.09 -6.20 22.24
CA PHE A 170 -1.01 -6.92 21.58
C PHE A 170 -1.22 -6.84 20.08
N GLU A 171 -0.12 -6.61 19.35
CA GLU A 171 -0.23 -6.38 17.91
C GLU A 171 1.06 -6.82 17.22
N CYS A 172 0.99 -6.87 15.89
CA CYS A 172 2.16 -7.17 15.05
C CYS A 172 2.11 -6.22 13.86
N LYS A 173 3.01 -5.24 13.85
CA LYS A 173 3.01 -4.20 12.83
C LYS A 173 4.41 -4.06 12.24
N SER A 174 4.50 -3.46 11.05
CA SER A 174 5.76 -3.37 10.36
C SER A 174 5.92 -2.01 9.71
N PHE A 175 7.17 -1.58 9.58
CA PHE A 175 7.48 -0.37 8.83
C PHE A 175 7.31 -0.63 7.35
N GLY A 176 6.76 0.35 6.64
CA GLY A 176 6.36 0.11 5.27
C GLY A 176 7.21 0.79 4.22
N HIS A 177 7.13 0.28 3.00
CA HIS A 177 7.70 0.95 1.84
C HIS A 177 6.75 2.03 1.36
N GLU A 178 7.31 3.05 0.72
CA GLU A 178 6.49 4.20 0.33
C GLU A 178 5.47 3.83 -0.74
N VAL A 179 5.78 2.85 -1.59
CA VAL A 179 4.88 2.48 -2.69
C VAL A 179 4.52 1.01 -2.58
N LEU A 180 5.44 0.18 -2.09
CA LEU A 180 5.22 -1.26 -2.00
C LEU A 180 4.56 -1.64 -0.68
N ASN A 181 3.70 -2.66 -0.75
CA ASN A 181 3.08 -3.25 0.43
C ASN A 181 3.84 -4.55 0.72
N LEU A 182 4.87 -4.44 1.57
CA LEU A 182 5.80 -5.55 1.78
C LEU A 182 5.12 -6.75 2.41
N THR A 183 4.08 -6.53 3.22
CA THR A 183 3.38 -7.62 3.87
C THR A 183 2.41 -8.34 2.94
N ARG A 184 2.29 -7.90 1.68
CA ARG A 184 1.32 -8.49 0.76
C ARG A 184 1.86 -8.78 -0.62
N ASN A 185 3.04 -8.30 -1.00
CA ASN A 185 3.59 -8.55 -2.32
C ASN A 185 4.64 -9.67 -2.31
N GLY A 186 4.64 -10.50 -1.27
CA GLY A 186 5.59 -11.59 -1.16
C GLY A 186 6.98 -11.20 -0.70
N TYR A 187 7.28 -9.90 -0.59
CA TYR A 187 8.61 -9.48 -0.14
C TYR A 187 8.81 -9.75 1.34
N GLY A 188 7.96 -9.17 2.17
CA GLY A 188 8.09 -9.29 3.61
C GLY A 188 8.83 -8.12 4.22
N SER A 189 8.56 -7.90 5.51
CA SER A 189 9.21 -6.82 6.24
C SER A 189 9.37 -7.25 7.70
N THR A 190 10.31 -6.59 8.38
CA THR A 190 10.57 -6.89 9.78
C THR A 190 9.34 -6.59 10.62
N GLN A 191 8.92 -7.58 11.42
CA GLN A 191 7.71 -7.47 12.21
C GLN A 191 8.06 -7.08 13.64
N TYR A 192 7.32 -6.12 14.18
CA TYR A 192 7.45 -5.67 15.56
C TYR A 192 6.16 -6.06 16.28
N ILE A 193 6.29 -6.80 17.37
CA ILE A 193 5.16 -7.35 18.11
C ILE A 193 5.09 -6.67 19.47
N ARG A 194 3.99 -5.96 19.71
CA ARG A 194 3.66 -5.49 21.04
C ARG A 194 3.03 -6.64 21.82
N PHE A 195 3.70 -7.08 22.87
CA PHE A 195 3.29 -8.24 23.66
C PHE A 195 3.91 -8.14 25.04
N SER A 196 3.22 -8.74 26.03
CA SER A 196 3.70 -8.78 27.40
C SER A 196 3.39 -10.15 28.03
N PRO A 197 4.38 -10.81 28.62
CA PRO A 197 4.13 -12.07 29.31
C PRO A 197 3.69 -11.94 30.76
N ASP A 198 3.53 -10.72 31.26
CA ASP A 198 3.17 -10.48 32.65
C ASP A 198 1.67 -10.35 32.85
N PHE A 199 0.87 -10.44 31.79
CA PHE A 199 -0.57 -10.36 31.89
C PHE A 199 -1.19 -11.47 31.04
N THR A 200 -2.40 -11.87 31.42
CA THR A 200 -3.13 -12.89 30.68
C THR A 200 -4.61 -12.55 30.66
N PHE A 201 -5.33 -13.25 29.79
CA PHE A 201 -6.74 -13.01 29.55
C PHE A 201 -7.57 -14.18 30.05
N GLY A 202 -8.73 -13.88 30.60
CA GLY A 202 -9.71 -14.86 31.02
C GLY A 202 -10.88 -14.84 30.06
N PHE A 203 -11.34 -16.03 29.69
CA PHE A 203 -12.42 -16.24 28.73
CA PHE A 203 -12.44 -16.18 28.75
C PHE A 203 -13.55 -16.99 29.40
N GLU A 204 -14.74 -16.90 28.81
CA GLU A 204 -15.95 -17.56 29.29
C GLU A 204 -16.47 -18.44 28.18
N GLU A 205 -16.20 -19.75 28.26
CA GLU A 205 -16.65 -20.73 27.30
C GLU A 205 -17.59 -21.71 27.99
N SER A 206 -18.75 -21.95 27.36
CA SER A 206 -19.78 -22.78 27.97
C SER A 206 -19.32 -24.23 28.10
N LEU A 207 -19.68 -24.84 29.22
CA LEU A 207 -19.43 -26.25 29.45
C LEU A 207 -20.51 -27.09 28.80
N GLU A 208 -20.10 -28.17 28.14
CA GLU A 208 -21.05 -29.03 27.43
C GLU A 208 -21.15 -30.40 28.10
N ALA A 217 -17.21 -22.78 36.03
CA ALA A 217 -18.15 -22.18 35.07
C ALA A 217 -17.44 -21.20 34.15
N GLY A 218 -16.50 -21.70 33.36
CA GLY A 218 -15.74 -20.84 32.46
C GLY A 218 -14.80 -19.89 33.16
N LYS A 219 -14.33 -20.25 34.36
CA LYS A 219 -13.40 -19.41 35.10
C LYS A 219 -11.95 -19.79 34.82
N PHE A 220 -11.59 -19.81 33.54
CA PHE A 220 -10.26 -20.22 33.10
C PHE A 220 -9.55 -19.07 32.40
N ALA A 221 -8.22 -19.11 32.44
CA ALA A 221 -7.37 -18.05 31.91
C ALA A 221 -6.56 -18.57 30.74
N THR A 222 -6.15 -17.64 29.86
CA THR A 222 -5.44 -18.00 28.65
C THR A 222 -3.97 -18.28 28.95
N ASP A 223 -3.45 -19.34 28.34
CA ASP A 223 -2.02 -19.59 28.37
C ASP A 223 -1.34 -18.53 27.53
N PRO A 224 -0.46 -17.70 28.10
CA PRO A 224 0.15 -16.62 27.31
C PRO A 224 0.99 -17.12 26.14
N ALA A 225 1.47 -18.36 26.19
CA ALA A 225 2.13 -18.94 25.03
C ALA A 225 1.21 -18.97 23.82
N VAL A 226 -0.09 -19.18 24.04
CA VAL A 226 -1.03 -19.19 22.92
C VAL A 226 -1.14 -17.80 22.28
N THR A 227 -1.18 -16.76 23.11
CA THR A 227 -1.27 -15.39 22.57
C THR A 227 0.01 -15.00 21.85
N LEU A 228 1.17 -15.34 22.43
CA LEU A 228 2.43 -15.08 21.74
C LEU A 228 2.48 -15.83 20.41
N ALA A 229 2.00 -17.08 20.39
CA ALA A 229 1.97 -17.84 19.15
C ALA A 229 1.01 -17.23 18.14
N HIS A 230 -0.11 -16.66 18.61
CA HIS A 230 -1.02 -15.93 17.73
C HIS A 230 -0.29 -14.79 17.02
N GLU A 231 0.40 -13.96 17.80
CA GLU A 231 1.15 -12.87 17.19
C GLU A 231 2.28 -13.38 16.31
N LEU A 232 2.87 -14.53 16.67
CA LEU A 232 3.91 -15.11 15.82
C LEU A 232 3.35 -15.62 14.51
N ILE A 233 2.11 -16.11 14.49
CA ILE A 233 1.47 -16.49 13.24
C ILE A 233 1.20 -15.26 12.38
N HIS A 234 0.76 -14.17 13.00
CA HIS A 234 0.67 -12.91 12.28
C HIS A 234 2.02 -12.55 11.65
N ALA A 235 3.08 -12.61 12.46
CA ALA A 235 4.41 -12.25 11.97
C ALA A 235 4.88 -13.18 10.87
N GLY A 236 4.53 -14.47 10.95
CA GLY A 236 4.91 -15.40 9.90
C GLY A 236 4.17 -15.13 8.60
N HIS A 237 2.88 -14.81 8.70
CA HIS A 237 2.15 -14.36 7.51
C HIS A 237 2.80 -13.14 6.89
N ARG A 238 3.22 -12.19 7.72
CA ARG A 238 3.72 -10.92 7.20
C ARG A 238 5.17 -10.98 6.75
N LEU A 239 5.96 -11.92 7.28
CA LEU A 239 7.35 -12.04 6.85
C LEU A 239 7.45 -12.63 5.45
N TYR A 240 6.52 -13.49 5.07
CA TYR A 240 6.47 -14.06 3.74
C TYR A 240 5.61 -13.24 2.78
N GLY A 241 5.12 -12.09 3.23
CA GLY A 241 4.37 -11.20 2.36
C GLY A 241 3.05 -11.74 1.89
N ILE A 242 2.37 -12.55 2.69
CA ILE A 242 1.10 -13.15 2.32
C ILE A 242 -0.02 -12.76 3.28
N ALA A 243 0.20 -11.74 4.10
CA ALA A 243 -0.84 -11.30 5.02
C ALA A 243 -2.04 -10.76 4.25
N ILE A 244 -3.24 -11.07 4.75
CA ILE A 244 -4.45 -10.59 4.09
C ILE A 244 -4.61 -9.10 4.34
N ASN A 245 -5.04 -8.39 3.30
CA ASN A 245 -5.21 -6.94 3.40
C ASN A 245 -6.10 -6.60 4.59
N PRO A 246 -5.67 -5.71 5.48
CA PRO A 246 -6.54 -5.31 6.61
C PRO A 246 -7.77 -4.52 6.19
N ASN A 247 -7.99 -4.31 4.89
CA ASN A 247 -9.25 -3.74 4.43
C ASN A 247 -10.33 -4.79 4.23
N ARG A 248 -9.94 -6.03 3.95
CA ARG A 248 -10.91 -7.13 3.84
C ARG A 248 -11.34 -7.53 5.24
N VAL A 249 -12.57 -7.15 5.61
CA VAL A 249 -13.03 -7.23 6.98
C VAL A 249 -14.51 -7.63 6.98
N PHE A 250 -14.88 -8.51 7.92
CA PHE A 250 -16.27 -8.77 8.23
C PHE A 250 -16.79 -7.74 9.21
N LYS A 251 -18.02 -7.29 9.00
CA LYS A 251 -18.72 -6.47 9.98
C LYS A 251 -19.63 -7.37 10.80
N VAL A 252 -19.60 -7.21 12.11
CA VAL A 252 -20.41 -8.01 13.02
C VAL A 252 -21.56 -7.16 13.53
N ASN A 253 -22.73 -7.77 13.63
CA ASN A 253 -23.91 -7.10 14.16
C ASN A 253 -24.78 -8.13 14.88
N THR A 254 -25.79 -7.64 15.58
CA THR A 254 -26.68 -8.52 16.32
C THR A 254 -28.10 -7.96 16.39
N LEU A 263 -17.86 -2.22 15.24
CA LEU A 263 -17.07 -3.40 15.60
C LEU A 263 -16.94 -4.36 14.43
N GLU A 264 -15.72 -4.82 14.17
CA GLU A 264 -15.43 -5.57 12.95
C GLU A 264 -14.30 -6.57 13.23
N VAL A 265 -14.13 -7.51 12.32
CA VAL A 265 -13.11 -8.56 12.43
C VAL A 265 -12.43 -8.73 11.08
N SER A 266 -11.11 -8.61 11.05
CA SER A 266 -10.38 -8.71 9.78
C SER A 266 -10.31 -10.16 9.30
N PHE A 267 -10.11 -10.32 7.98
CA PHE A 267 -9.84 -11.63 7.42
C PHE A 267 -8.59 -12.24 8.03
N GLU A 268 -7.57 -11.41 8.26
CA GLU A 268 -6.31 -11.89 8.80
C GLU A 268 -6.50 -12.55 10.15
N GLU A 269 -7.28 -11.94 11.05
CA GLU A 269 -7.48 -12.50 12.37
C GLU A 269 -8.22 -13.84 12.31
N LEU A 270 -9.23 -13.93 11.45
CA LEU A 270 -9.99 -15.18 11.35
C LEU A 270 -9.13 -16.30 10.78
N ARG A 271 -8.36 -16.01 9.72
CA ARG A 271 -7.42 -16.99 9.21
C ARG A 271 -6.41 -17.41 10.28
N THR A 272 -5.91 -16.43 11.05
CA THR A 272 -4.87 -16.72 12.03
C THR A 272 -5.39 -17.61 13.16
N PHE A 273 -6.64 -17.38 13.59
CA PHE A 273 -7.21 -18.25 14.60
C PHE A 273 -7.39 -19.67 14.08
N GLY A 274 -7.79 -19.80 12.80
CA GLY A 274 -7.96 -21.12 12.22
C GLY A 274 -9.22 -21.80 12.73
N GLY A 275 -9.17 -23.13 12.77
CA GLY A 275 -10.32 -23.90 13.24
C GLY A 275 -11.54 -23.63 12.39
N HIS A 276 -12.67 -23.39 13.05
CA HIS A 276 -13.91 -23.08 12.35
C HIS A 276 -13.96 -21.64 11.86
N ASP A 277 -13.25 -20.73 12.54
CA ASP A 277 -13.27 -19.32 12.15
C ASP A 277 -12.67 -19.13 10.76
N ALA A 278 -11.64 -19.92 10.42
CA ALA A 278 -11.03 -19.82 9.11
C ALA A 278 -12.02 -20.09 7.99
N LYS A 279 -13.10 -20.81 8.26
CA LYS A 279 -14.09 -21.10 7.24
C LYS A 279 -15.06 -19.95 7.04
N PHE A 280 -14.88 -18.82 7.70
CA PHE A 280 -15.61 -17.61 7.32
C PHE A 280 -15.17 -17.12 5.95
N ILE A 281 -13.92 -17.41 5.57
CA ILE A 281 -13.41 -17.04 4.25
C ILE A 281 -13.87 -18.08 3.24
N ASP A 282 -14.55 -17.63 2.19
CA ASP A 282 -15.02 -18.53 1.15
C ASP A 282 -13.85 -19.27 0.50
N SER A 283 -14.12 -20.50 0.07
CA SER A 283 -13.11 -21.29 -0.63
C SER A 283 -12.58 -20.55 -1.86
N LEU A 284 -13.44 -19.77 -2.52
CA LEU A 284 -13.01 -19.06 -3.71
C LEU A 284 -12.01 -17.98 -3.38
N GLN A 285 -12.19 -17.28 -2.26
CA GLN A 285 -11.22 -16.27 -1.85
C GLN A 285 -9.89 -16.92 -1.46
N GLU A 286 -9.94 -18.07 -0.80
CA GLU A 286 -8.73 -18.79 -0.46
C GLU A 286 -7.97 -19.21 -1.72
N ASN A 287 -8.70 -19.71 -2.73
CA ASN A 287 -8.02 -20.11 -3.96
C ASN A 287 -7.50 -18.90 -4.73
N GLU A 288 -8.17 -17.76 -4.63
CA GLU A 288 -7.65 -16.54 -5.24
C GLU A 288 -6.36 -16.09 -4.57
N PHE A 289 -6.33 -16.13 -3.23
CA PHE A 289 -5.09 -15.88 -2.49
C PHE A 289 -3.98 -16.80 -2.97
N ARG A 290 -4.27 -18.11 -3.06
CA ARG A 290 -3.26 -19.06 -3.50
C ARG A 290 -2.75 -18.74 -4.89
N LEU A 291 -3.65 -18.39 -5.82
CA LEU A 291 -3.23 -18.07 -7.18
C LEU A 291 -2.35 -16.83 -7.21
N TYR A 292 -2.78 -15.76 -6.53
CA TYR A 292 -2.02 -14.52 -6.56
C TYR A 292 -0.64 -14.72 -5.96
N TYR A 293 -0.54 -15.46 -4.85
CA TYR A 293 0.77 -15.61 -4.22
C TYR A 293 1.64 -16.63 -4.94
N TYR A 294 1.04 -17.59 -5.64
CA TYR A 294 1.82 -18.41 -6.56
C TYR A 294 2.46 -17.55 -7.64
N ASN A 295 1.67 -16.65 -8.24
CA ASN A 295 2.21 -15.78 -9.27
C ASN A 295 3.27 -14.83 -8.70
N LYS A 296 3.07 -14.34 -7.48
CA LYS A 296 4.06 -13.44 -6.89
C LYS A 296 5.35 -14.18 -6.55
N PHE A 297 5.26 -15.43 -6.12
CA PHE A 297 6.48 -16.20 -5.88
C PHE A 297 7.20 -16.50 -7.19
N LYS A 298 6.44 -16.77 -8.27
CA LYS A 298 7.07 -16.91 -9.57
C LYS A 298 7.80 -15.63 -9.97
N ASP A 299 7.18 -14.47 -9.70
CA ASP A 299 7.80 -13.19 -10.05
C ASP A 299 9.05 -12.93 -9.20
N ILE A 300 9.03 -13.33 -7.93
CA ILE A 300 10.22 -13.18 -7.09
C ILE A 300 11.34 -14.08 -7.59
N ALA A 301 11.00 -15.32 -7.96
CA ALA A 301 12.00 -16.22 -8.52
C ALA A 301 12.57 -15.65 -9.82
N SER A 302 11.74 -15.00 -10.63
CA SER A 302 12.23 -14.43 -11.88
C SER A 302 13.10 -13.21 -11.63
N THR A 303 12.76 -12.39 -10.63
CA THR A 303 13.63 -11.28 -10.25
C THR A 303 14.97 -11.78 -9.76
N LEU A 304 14.98 -12.92 -9.04
CA LEU A 304 16.24 -13.52 -8.64
C LEU A 304 17.01 -14.03 -9.85
N ASN A 305 16.30 -14.55 -10.85
CA ASN A 305 16.97 -15.06 -12.05
C ASN A 305 17.59 -13.93 -12.85
N LYS A 306 16.93 -12.77 -12.92
CA LYS A 306 17.41 -11.65 -13.71
C LYS A 306 18.34 -10.73 -12.92
N ALA A 307 18.64 -11.06 -11.67
CA ALA A 307 19.53 -10.23 -10.87
C ALA A 307 20.98 -10.45 -11.30
N LYS A 308 21.73 -9.34 -11.41
CA LYS A 308 23.10 -9.42 -11.89
C LYS A 308 24.09 -8.75 -10.94
N SER A 309 23.63 -7.76 -10.18
CA SER A 309 24.49 -7.05 -9.25
C SER A 309 23.88 -7.09 -7.85
N ILE A 310 24.72 -6.80 -6.86
CA ILE A 310 24.32 -6.74 -5.45
C ILE A 310 25.12 -5.65 -4.77
N VAL A 311 24.45 -4.90 -3.89
CA VAL A 311 25.02 -3.70 -3.29
C VAL A 311 24.82 -3.74 -1.78
N GLY A 312 25.87 -3.36 -1.04
CA GLY A 312 25.77 -3.16 0.38
C GLY A 312 25.98 -4.36 1.26
N THR A 313 26.76 -5.34 0.82
CA THR A 313 26.97 -6.55 1.60
C THR A 313 28.30 -7.20 1.23
N THR A 314 28.93 -7.80 2.24
CA THR A 314 30.09 -8.65 2.01
C THR A 314 29.75 -9.83 1.11
N ALA A 315 28.54 -10.37 1.27
CA ALA A 315 28.17 -11.62 0.62
C ALA A 315 28.08 -11.45 -0.89
N SER A 316 28.13 -12.58 -1.58
CA SER A 316 28.02 -12.61 -3.03
C SER A 316 26.56 -12.63 -3.46
N LEU A 317 26.34 -12.36 -4.74
CA LEU A 317 24.97 -12.37 -5.28
C LEU A 317 24.35 -13.77 -5.16
N GLN A 318 25.12 -14.81 -5.44
CA GLN A 318 24.60 -16.16 -5.34
C GLN A 318 24.26 -16.52 -3.90
N TYR A 319 24.95 -15.92 -2.93
CA TYR A 319 24.63 -16.20 -1.54
C TYR A 319 23.24 -15.69 -1.18
N MET A 320 22.92 -14.45 -1.54
CA MET A 320 21.58 -13.94 -1.30
C MET A 320 20.54 -14.70 -2.11
N LYS A 321 20.90 -15.07 -3.35
CA LYS A 321 20.02 -15.91 -4.15
C LYS A 321 19.66 -17.19 -3.40
N ASN A 322 20.67 -17.88 -2.87
CA ASN A 322 20.42 -19.14 -2.17
C ASN A 322 19.66 -18.91 -0.87
N VAL A 323 19.90 -17.79 -0.18
CA VAL A 323 19.16 -17.49 1.04
C VAL A 323 17.68 -17.34 0.75
N PHE A 324 17.34 -16.57 -0.29
CA PHE A 324 15.93 -16.40 -0.61
C PHE A 324 15.34 -17.65 -1.26
N LYS A 325 16.17 -18.47 -1.91
CA LYS A 325 15.72 -19.77 -2.37
C LYS A 325 15.30 -20.64 -1.19
N GLU A 326 16.11 -20.67 -0.14
CA GLU A 326 15.76 -21.44 1.05
C GLU A 326 14.54 -20.85 1.76
N LYS A 327 14.36 -19.53 1.69
CA LYS A 327 13.17 -18.92 2.28
C LYS A 327 11.91 -19.35 1.53
N TYR A 328 11.88 -19.14 0.22
CA TYR A 328 10.68 -19.42 -0.57
C TYR A 328 10.66 -20.84 -1.13
N LEU A 329 11.67 -21.66 -0.83
CA LEU A 329 11.71 -23.06 -1.25
C LEU A 329 11.61 -23.18 -2.77
N LEU A 330 12.37 -22.34 -3.46
CA LEU A 330 12.40 -22.37 -4.91
C LEU A 330 13.23 -23.54 -5.40
N SER A 331 12.83 -24.10 -6.53
CA SER A 331 13.61 -25.14 -7.18
C SER A 331 14.72 -24.52 -8.01
N GLU A 332 15.88 -25.16 -8.01
CA GLU A 332 17.04 -24.68 -8.75
C GLU A 332 17.42 -25.75 -9.78
N ASP A 333 17.45 -25.35 -11.05
CA ASP A 333 17.87 -26.27 -12.10
C ASP A 333 19.39 -26.31 -12.17
N THR A 334 19.91 -27.12 -13.09
CA THR A 334 21.35 -27.30 -13.20
C THR A 334 22.05 -26.10 -13.82
N SER A 335 21.31 -25.07 -14.23
CA SER A 335 21.90 -23.85 -14.75
C SER A 335 21.86 -22.71 -13.75
N GLY A 336 21.38 -22.97 -12.53
CA GLY A 336 21.33 -21.97 -11.48
C GLY A 336 20.06 -21.14 -11.43
N LYS A 337 19.20 -21.25 -12.44
CA LYS A 337 18.02 -20.41 -12.50
C LYS A 337 16.91 -20.97 -11.61
N PHE A 338 16.12 -20.07 -11.03
CA PHE A 338 15.15 -20.43 -10.02
C PHE A 338 13.75 -20.56 -10.61
N SER A 339 12.99 -21.48 -10.04
CA SER A 339 11.58 -21.67 -10.36
C SER A 339 10.91 -22.20 -9.12
N VAL A 340 9.59 -22.08 -9.06
CA VAL A 340 8.83 -22.49 -7.88
C VAL A 340 8.16 -23.83 -8.16
N ASP A 341 8.54 -24.84 -7.40
CA ASP A 341 7.83 -26.11 -7.45
C ASP A 341 6.41 -25.90 -6.96
N LYS A 342 5.43 -26.20 -7.81
CA LYS A 342 4.05 -25.87 -7.49
C LYS A 342 3.57 -26.59 -6.24
N LEU A 343 3.88 -27.89 -6.13
CA LEU A 343 3.45 -28.63 -4.95
C LEU A 343 4.16 -28.16 -3.70
N LYS A 344 5.45 -27.80 -3.81
CA LYS A 344 6.14 -27.24 -2.64
C LYS A 344 5.58 -25.88 -2.26
N PHE A 345 5.16 -25.08 -3.25
CA PHE A 345 4.50 -23.83 -2.91
C PHE A 345 3.18 -24.08 -2.19
N ASP A 346 2.39 -25.03 -2.69
CA ASP A 346 1.13 -25.35 -2.04
C ASP A 346 1.36 -25.80 -0.60
N LYS A 347 2.37 -26.63 -0.37
CA LYS A 347 2.66 -27.09 0.99
C LYS A 347 3.13 -25.95 1.88
N LEU A 348 4.00 -25.08 1.35
CA LEU A 348 4.46 -23.94 2.14
C LEU A 348 3.31 -23.02 2.51
N TYR A 349 2.45 -22.72 1.54
CA TYR A 349 1.32 -21.82 1.80
C TYR A 349 0.34 -22.45 2.78
N LYS A 350 0.08 -23.75 2.63
CA LYS A 350 -0.84 -24.42 3.55
C LYS A 350 -0.25 -24.51 4.95
N MET A 351 1.08 -24.59 5.05
CA MET A 351 1.71 -24.56 6.37
C MET A 351 1.58 -23.17 6.99
N LEU A 352 1.83 -22.12 6.21
CA LEU A 352 1.79 -20.77 6.74
C LEU A 352 0.38 -20.31 7.09
N THR A 353 -0.64 -20.80 6.38
CA THR A 353 -2.00 -20.28 6.54
C THR A 353 -2.96 -21.26 7.23
N GLU A 354 -2.82 -22.56 6.99
CA GLU A 354 -3.72 -23.54 7.58
C GLU A 354 -3.13 -24.29 8.76
N ILE A 355 -1.81 -24.52 8.76
CA ILE A 355 -1.18 -25.24 9.86
C ILE A 355 -0.84 -24.30 11.00
N TYR A 356 -0.27 -23.14 10.69
CA TYR A 356 0.04 -22.12 11.71
C TYR A 356 -1.26 -21.42 12.08
N THR A 357 -1.96 -21.97 13.07
CA THR A 357 -3.21 -21.40 13.53
C THR A 357 -3.26 -21.47 15.05
N GLU A 358 -4.07 -20.58 15.63
CA GLU A 358 -4.25 -20.58 17.07
C GLU A 358 -4.91 -21.88 17.55
N ASP A 359 -5.86 -22.39 16.76
CA ASP A 359 -6.53 -23.63 17.15
C ASP A 359 -5.56 -24.81 17.19
N ASN A 360 -4.66 -24.88 16.21
CA ASN A 360 -3.67 -25.96 16.23
C ASN A 360 -2.70 -25.81 17.40
N PHE A 361 -2.36 -24.57 17.75
CA PHE A 361 -1.51 -24.38 18.93
C PHE A 361 -2.23 -24.78 20.20
N VAL A 362 -3.55 -24.56 20.27
CA VAL A 362 -4.31 -25.04 21.42
C VAL A 362 -4.31 -26.56 21.46
N LYS A 363 -4.42 -27.20 20.30
CA LYS A 363 -4.37 -28.66 20.25
C LYS A 363 -3.02 -29.20 20.71
N PHE A 364 -1.93 -28.55 20.31
CA PHE A 364 -0.60 -29.02 20.66
C PHE A 364 -0.28 -28.74 22.12
N PHE A 365 -0.60 -27.54 22.61
CA PHE A 365 -0.34 -27.19 24.01
C PHE A 365 -1.21 -27.96 24.98
N LYS A 366 -2.31 -28.57 24.50
CA LYS A 366 -3.24 -29.31 25.35
C LYS A 366 -3.80 -28.43 26.47
N VAL A 367 -4.03 -27.16 26.16
CA VAL A 367 -4.53 -26.20 27.12
C VAL A 367 -5.96 -25.81 26.74
N LEU A 368 -6.64 -25.15 27.66
CA LEU A 368 -7.95 -24.60 27.41
C LEU A 368 -7.80 -23.16 26.92
N ASN A 369 -8.63 -22.77 25.97
CA ASN A 369 -8.48 -21.48 25.30
C ASN A 369 -9.82 -21.12 24.66
N ARG A 370 -9.94 -19.86 24.27
CA ARG A 370 -11.15 -19.41 23.57
C ARG A 370 -11.39 -20.27 22.34
N LYS A 371 -12.65 -20.64 22.12
CA LYS A 371 -13.01 -21.51 21.02
C LYS A 371 -13.19 -20.76 19.71
N THR A 372 -13.36 -19.44 19.77
CA THR A 372 -13.46 -18.62 18.57
C THR A 372 -12.85 -17.26 18.83
N TYR A 373 -12.31 -16.65 17.77
CA TYR A 373 -11.79 -15.30 17.87
C TYR A 373 -12.91 -14.30 18.16
N LEU A 374 -14.16 -14.69 17.95
CA LEU A 374 -15.30 -13.83 18.18
C LEU A 374 -15.70 -13.75 19.65
N ASN A 375 -15.03 -14.49 20.54
CA ASN A 375 -15.26 -14.38 21.98
C ASN A 375 -14.53 -13.13 22.46
N PHE A 376 -15.19 -11.99 22.31
CA PHE A 376 -14.54 -10.71 22.51
C PHE A 376 -14.32 -10.39 23.98
N ASP A 377 -15.16 -10.92 24.87
CA ASP A 377 -15.08 -10.57 26.28
C ASP A 377 -13.85 -11.21 26.90
N LYS A 378 -13.05 -10.39 27.59
CA LYS A 378 -11.83 -10.86 28.26
C LYS A 378 -11.78 -10.25 29.65
N ALA A 379 -11.16 -10.97 30.58
CA ALA A 379 -10.80 -10.44 31.88
C ALA A 379 -9.29 -10.32 31.96
N VAL A 380 -8.81 -9.29 32.64
CA VAL A 380 -7.38 -8.99 32.68
C VAL A 380 -6.82 -9.46 34.01
N PHE A 381 -5.86 -10.39 33.95
CA PHE A 381 -5.21 -10.97 35.11
C PHE A 381 -3.70 -10.71 35.06
N LYS A 382 -3.10 -10.53 36.23
CA LYS A 382 -1.66 -10.44 36.37
C LYS A 382 -1.07 -11.82 36.65
N ILE A 383 0.07 -12.12 36.01
CA ILE A 383 0.73 -13.40 36.14
C ILE A 383 2.23 -13.20 36.29
N ASN A 384 2.91 -14.27 36.72
CA ASN A 384 4.37 -14.32 36.80
C ASN A 384 4.80 -15.72 36.37
N ILE A 385 5.11 -15.87 35.09
CA ILE A 385 5.39 -17.18 34.50
C ILE A 385 6.84 -17.60 34.64
N VAL A 386 7.69 -16.78 35.24
CA VAL A 386 9.13 -17.06 35.29
C VAL A 386 9.45 -18.15 36.32
N PRO A 387 8.90 -18.14 37.53
CA PRO A 387 9.19 -19.24 38.46
C PRO A 387 8.68 -20.57 37.94
N LYS A 388 9.55 -21.58 37.99
CA LYS A 388 9.18 -22.89 37.45
C LYS A 388 8.12 -23.59 38.29
N VAL A 389 7.88 -23.14 39.53
CA VAL A 389 6.77 -23.66 40.32
C VAL A 389 5.44 -23.05 39.90
N ASN A 390 5.47 -22.00 39.10
CA ASN A 390 4.28 -21.32 38.60
C ASN A 390 3.92 -21.73 37.18
N TYR A 391 4.92 -21.92 36.32
CA TYR A 391 4.69 -22.10 34.88
C TYR A 391 5.95 -22.73 34.30
N THR A 392 5.79 -23.87 33.63
CA THR A 392 6.92 -24.58 33.05
C THR A 392 6.78 -24.63 31.54
N ILE A 393 7.88 -24.97 30.87
CA ILE A 393 7.93 -24.96 29.42
C ILE A 393 7.05 -26.06 28.83
N TYR A 394 7.00 -27.21 29.49
CA TYR A 394 6.31 -28.38 28.94
C TYR A 394 4.84 -28.44 29.30
N ASP A 395 4.43 -27.88 30.44
CA ASP A 395 3.06 -27.99 30.90
C ASP A 395 2.33 -26.67 31.03
N GLY A 396 3.04 -25.54 30.97
CA GLY A 396 2.36 -24.27 31.18
C GLY A 396 1.92 -24.15 32.63
N PHE A 397 0.64 -23.81 32.82
CA PHE A 397 0.09 -23.71 34.17
C PHE A 397 -0.32 -25.06 34.73
N ASN A 398 -0.54 -26.06 33.88
CA ASN A 398 -1.04 -27.37 34.31
C ASN A 398 0.13 -28.30 34.61
N LEU A 399 0.78 -28.03 35.74
CA LEU A 399 2.03 -28.70 36.08
C LEU A 399 1.85 -30.21 36.23
N ARG A 400 2.89 -30.96 35.86
CA ARG A 400 2.89 -32.41 36.01
C ARG A 400 2.69 -32.81 37.47
N ASN A 401 1.92 -33.89 37.67
CA ASN A 401 1.82 -34.58 38.96
C ASN A 401 1.39 -33.66 40.09
N THR A 402 0.61 -32.64 39.77
CA THR A 402 0.09 -31.71 40.76
C THR A 402 -1.44 -31.72 40.72
N ASN A 403 -2.04 -30.92 41.61
CA ASN A 403 -3.47 -30.69 41.54
C ASN A 403 -3.85 -29.99 40.23
N LEU A 404 -2.90 -29.32 39.59
CA LEU A 404 -3.16 -28.53 38.39
C LEU A 404 -3.09 -29.36 37.11
N ALA A 405 -2.68 -30.63 37.20
CA ALA A 405 -2.49 -31.44 35.99
C ALA A 405 -3.80 -31.91 35.39
N ALA A 406 -4.86 -32.03 36.18
CA ALA A 406 -6.13 -32.57 35.72
C ALA A 406 -7.11 -31.44 35.43
N ASN A 407 -8.02 -31.71 34.48
CA ASN A 407 -9.13 -30.81 34.14
C ASN A 407 -8.67 -29.37 33.94
N PHE A 408 -7.43 -29.20 33.45
CA PHE A 408 -6.84 -27.88 33.23
C PHE A 408 -6.93 -26.99 34.47
N ASN A 409 -6.75 -27.61 35.64
CA ASN A 409 -6.87 -26.84 36.88
C ASN A 409 -5.82 -25.75 37.01
N GLY A 410 -4.68 -25.89 36.31
CA GLY A 410 -3.69 -24.83 36.34
C GLY A 410 -4.19 -23.54 35.74
N GLN A 411 -5.15 -23.62 34.82
CA GLN A 411 -5.75 -22.45 34.21
C GLN A 411 -6.97 -21.96 34.96
N ASN A 412 -7.36 -22.63 36.04
CA ASN A 412 -8.47 -22.20 36.87
C ASN A 412 -8.03 -21.04 37.75
N THR A 413 -8.59 -19.85 37.52
CA THR A 413 -8.19 -18.67 38.26
C THR A 413 -8.62 -18.71 39.71
N GLU A 414 -9.44 -19.68 40.11
CA GLU A 414 -9.87 -19.82 41.49
C GLU A 414 -9.22 -20.98 42.22
N ILE A 415 -8.93 -22.07 41.51
CA ILE A 415 -8.15 -23.16 42.11
C ILE A 415 -6.68 -22.78 42.19
N ASN A 416 -6.11 -22.36 41.07
CA ASN A 416 -4.74 -21.86 41.03
C ASN A 416 -4.69 -20.35 41.26
N ASN A 417 -5.35 -19.91 42.34
CA ASN A 417 -5.49 -18.48 42.59
C ASN A 417 -4.15 -17.81 42.89
N MET A 418 -3.16 -18.56 43.37
N MET A 418 -3.16 -18.56 43.37
CA MET A 418 -1.85 -18.01 43.64
CA MET A 418 -1.85 -17.98 43.64
C MET A 418 -1.12 -17.56 42.38
C MET A 418 -1.13 -17.54 42.37
N ASN A 419 -1.62 -17.93 41.20
CA ASN A 419 -0.97 -17.61 39.94
C ASN A 419 -1.69 -16.54 39.13
N PHE A 420 -2.88 -16.11 39.55
CA PHE A 420 -3.65 -15.12 38.82
C PHE A 420 -4.19 -14.09 39.80
N THR A 421 -4.05 -12.81 39.44
CA THR A 421 -4.57 -11.72 40.25
C THR A 421 -5.42 -10.83 39.36
N LYS A 422 -6.71 -10.77 39.66
CA LYS A 422 -7.66 -10.06 38.79
C LYS A 422 -7.37 -8.57 38.81
N LEU A 423 -7.15 -8.01 37.62
CA LEU A 423 -6.98 -6.57 37.45
C LEU A 423 -8.19 -5.91 36.82
N LYS A 424 -8.83 -6.56 35.85
CA LYS A 424 -10.04 -6.01 35.24
C LYS A 424 -11.07 -7.10 35.03
N ASN A 425 -12.32 -6.81 35.41
CA ASN A 425 -13.42 -7.75 35.32
C ASN A 425 -13.94 -7.81 33.89
N PHE A 426 -14.78 -8.80 33.63
CA PHE A 426 -15.41 -8.94 32.32
C PHE A 426 -16.29 -7.74 32.04
N THR A 427 -16.25 -7.26 30.79
CA THR A 427 -17.07 -6.11 30.41
C THR A 427 -18.55 -6.46 30.40
N GLY A 428 -18.89 -7.68 30.00
CA GLY A 428 -20.29 -8.06 29.87
C GLY A 428 -20.99 -7.43 28.69
N LEU A 429 -20.22 -6.87 27.74
CA LEU A 429 -20.78 -6.14 26.61
C LEU A 429 -20.72 -6.92 25.30
N PHE A 430 -20.32 -8.19 25.34
CA PHE A 430 -20.19 -9.01 24.15
C PHE A 430 -20.92 -10.33 24.31
N GLU A 431 -22.10 -10.28 24.93
CA GLU A 431 -22.89 -11.49 25.17
C GLU A 431 -24.05 -11.49 24.18
N PHE A 432 -23.74 -11.86 22.94
CA PHE A 432 -24.72 -11.93 21.87
C PHE A 432 -24.10 -12.69 20.71
N TYR A 433 -24.97 -13.20 19.83
CA TYR A 433 -24.49 -13.94 18.68
C TYR A 433 -23.78 -13.00 17.71
N LYS A 434 -22.68 -13.48 17.14
CA LYS A 434 -21.84 -12.69 16.24
C LYS A 434 -22.22 -13.06 14.81
N LEU A 435 -22.97 -12.18 14.14
CA LEU A 435 -23.34 -12.37 12.74
C LEU A 435 -22.37 -11.55 11.88
N LEU A 436 -21.52 -12.24 11.12
CA LEU A 436 -20.51 -11.60 10.30
C LEU A 436 -21.04 -11.36 8.89
N CYS A 437 -20.89 -10.12 8.41
CA CYS A 437 -21.23 -9.75 7.04
C CYS A 437 -20.04 -9.05 6.41
N VAL A 438 -19.59 -9.55 5.25
CA VAL A 438 -18.44 -8.97 4.57
C VAL A 438 -18.72 -7.52 4.21
N ARG A 439 -17.78 -6.64 4.54
CA ARG A 439 -17.85 -5.25 4.12
C ARG A 439 -17.31 -5.11 2.70
N GLY A 440 -17.94 -4.26 1.91
CA GLY A 440 -17.54 -4.08 0.53
C GLY A 440 -16.32 -3.19 0.39
N ILE A 441 -15.82 -3.11 -0.85
CA ILE A 441 -14.67 -2.26 -1.12
C ILE A 441 -15.03 -0.81 -0.86
N ILE A 442 -14.13 -0.08 -0.22
CA ILE A 442 -14.31 1.32 0.12
C ILE A 442 -13.19 2.12 -0.52
N THR A 443 -13.49 3.36 -0.90
CA THR A 443 -12.46 4.26 -1.38
C THR A 443 -11.54 4.66 -0.22
N SER A 444 -10.27 4.86 -0.55
CA SER A 444 -9.25 5.17 0.45
C SER A 444 -8.26 6.17 -0.11
N LYS A 445 -7.45 6.73 0.78
CA LYS A 445 -6.40 7.67 0.38
C LYS A 445 -5.04 6.98 0.37
N GLN B 6 13.83 -33.09 19.96
CA GLN B 6 12.48 -32.65 20.30
C GLN B 6 11.68 -33.80 20.90
N LEU B 7 10.76 -34.35 20.13
CA LEU B 7 9.95 -35.48 20.56
C LEU B 7 10.70 -36.78 20.33
N GLN B 8 10.42 -37.76 21.19
CA GLN B 8 11.07 -39.06 21.13
C GLN B 8 10.30 -39.98 20.19
N LEU B 9 11.02 -40.54 19.21
CA LEU B 9 10.46 -41.51 18.28
C LEU B 9 10.95 -42.89 18.67
N VAL B 10 10.02 -43.79 18.99
CA VAL B 10 10.33 -45.15 19.41
C VAL B 10 9.68 -46.12 18.43
N GLU B 11 10.46 -47.06 17.91
CA GLU B 11 9.98 -48.04 16.96
C GLU B 11 9.66 -49.35 17.68
N THR B 12 8.57 -49.99 17.26
CA THR B 12 8.10 -51.22 17.85
C THR B 12 7.94 -52.28 16.77
N GLY B 13 7.98 -53.54 17.20
CA GLY B 13 7.75 -54.67 16.32
C GLY B 13 9.00 -55.41 15.89
N GLY B 14 10.17 -55.02 16.37
CA GLY B 14 11.39 -55.71 16.01
C GLY B 14 11.62 -56.97 16.82
N GLY B 15 12.63 -57.73 16.42
CA GLY B 15 12.97 -58.96 17.11
C GLY B 15 13.71 -59.91 16.17
N LEU B 16 13.72 -61.17 16.55
CA LEU B 16 14.31 -62.22 15.74
C LEU B 16 13.22 -63.10 15.14
N VAL B 17 13.41 -63.52 13.89
CA VAL B 17 12.48 -64.41 13.21
C VAL B 17 13.28 -65.42 12.38
N GLN B 18 12.61 -66.52 12.03
CA GLN B 18 13.23 -67.50 11.17
C GLN B 18 13.35 -66.94 9.75
N PRO B 19 14.37 -67.33 9.00
CA PRO B 19 14.53 -66.81 7.63
C PRO B 19 13.34 -67.19 6.76
N GLY B 20 12.77 -66.20 6.11
CA GLY B 20 11.60 -66.39 5.28
C GLY B 20 10.27 -66.04 5.91
N GLY B 21 10.29 -65.44 7.10
CA GLY B 21 9.08 -65.10 7.81
C GLY B 21 8.58 -63.70 7.51
N SER B 22 7.95 -63.09 8.50
CA SER B 22 7.38 -61.75 8.33
C SER B 22 7.47 -60.99 9.64
N LEU B 23 7.36 -59.67 9.53
CA LEU B 23 7.46 -58.78 10.68
C LEU B 23 6.66 -57.51 10.41
N ARG B 24 6.17 -56.90 11.48
CA ARG B 24 5.51 -55.60 11.43
C ARG B 24 6.34 -54.63 12.25
N LEU B 25 6.77 -53.54 11.63
CA LEU B 25 7.44 -52.45 12.31
C LEU B 25 6.49 -51.26 12.37
N ALA B 26 6.63 -50.44 13.41
CA ALA B 26 5.74 -49.30 13.55
C ALA B 26 6.40 -48.19 14.36
N CYS B 27 6.33 -46.96 13.84
CA CYS B 27 6.68 -45.78 14.61
C CYS B 27 5.47 -44.87 14.74
N VAL B 28 5.31 -44.27 15.91
CA VAL B 28 4.23 -43.33 16.19
C VAL B 28 4.84 -41.96 16.41
N ALA B 29 4.32 -40.96 15.71
CA ALA B 29 4.75 -39.58 15.82
C ALA B 29 3.57 -38.74 16.29
N SER B 30 3.11 -39.01 17.52
CA SER B 30 1.86 -38.43 18.02
C SER B 30 1.92 -36.91 18.05
N GLU B 31 3.00 -36.35 18.58
CA GLU B 31 3.08 -34.91 18.77
C GLU B 31 3.74 -34.16 17.62
N SER B 32 4.27 -34.87 16.62
CA SER B 32 4.72 -34.16 15.43
C SER B 32 3.54 -33.79 14.54
N VAL B 33 3.73 -32.75 13.74
CA VAL B 33 2.78 -32.41 12.69
C VAL B 33 2.99 -33.44 11.58
N PHE B 34 2.19 -34.52 11.58
CA PHE B 34 2.45 -35.63 10.68
C PHE B 34 2.49 -35.19 9.23
N GLU B 35 1.50 -34.42 8.79
CA GLU B 35 1.58 -33.83 7.47
C GLU B 35 2.73 -32.84 7.44
N MET B 36 3.31 -32.65 6.26
CA MET B 36 4.51 -31.86 5.97
C MET B 36 5.76 -32.73 6.17
N TYR B 37 5.59 -34.01 6.51
CA TYR B 37 6.70 -34.94 6.64
C TYR B 37 6.53 -36.10 5.68
N THR B 38 7.65 -36.57 5.16
CA THR B 38 7.76 -37.84 4.45
C THR B 38 8.37 -38.83 5.42
N VAL B 39 7.56 -39.75 5.92
CA VAL B 39 8.05 -40.76 6.84
C VAL B 39 8.74 -41.85 6.03
N ALA B 40 9.83 -42.39 6.58
CA ALA B 40 10.64 -43.36 5.87
C ALA B 40 11.28 -44.32 6.87
N TRP B 41 11.76 -45.44 6.35
CA TRP B 41 12.49 -46.42 7.14
C TRP B 41 13.90 -46.56 6.57
N TYR B 42 14.89 -46.56 7.46
CA TYR B 42 16.28 -46.77 7.10
C TYR B 42 16.82 -47.99 7.83
N ARG B 43 17.89 -48.54 7.29
CA ARG B 43 18.45 -49.82 7.74
C ARG B 43 19.93 -49.63 8.03
N GLN B 44 20.37 -50.03 9.22
CA GLN B 44 21.76 -49.87 9.64
C GLN B 44 22.29 -51.22 10.09
N ALA B 45 23.22 -51.78 9.30
CA ALA B 45 23.95 -52.96 9.70
C ALA B 45 25.15 -52.56 10.54
N PRO B 46 25.57 -53.42 11.50
CA PRO B 46 26.62 -53.06 12.46
C PRO B 46 27.80 -52.29 11.87
N GLY B 47 28.38 -52.78 10.78
CA GLY B 47 29.52 -52.12 10.17
C GLY B 47 29.23 -51.39 8.88
N LYS B 48 28.02 -51.59 8.35
CA LYS B 48 27.66 -51.03 7.05
C LYS B 48 27.09 -49.62 7.24
N GLN B 49 26.35 -49.13 6.25
CA GLN B 49 25.80 -47.78 6.27
C GLN B 49 24.32 -47.82 6.63
N ARG B 50 23.76 -46.63 6.84
CA ARG B 50 22.33 -46.47 7.05
C ARG B 50 21.69 -46.16 5.70
N GLU B 51 21.07 -47.18 5.11
CA GLU B 51 20.55 -47.14 3.75
C GLU B 51 19.03 -46.98 3.76
N LEU B 52 18.51 -46.26 2.77
CA LEU B 52 17.08 -46.06 2.67
C LEU B 52 16.38 -47.36 2.33
N VAL B 53 15.20 -47.57 2.95
CA VAL B 53 14.44 -48.80 2.76
C VAL B 53 13.10 -48.49 2.10
N ALA B 54 12.29 -47.65 2.75
CA ALA B 54 10.95 -47.37 2.24
C ALA B 54 10.45 -46.06 2.83
N GLY B 55 9.98 -45.17 1.97
CA GLY B 55 9.43 -43.90 2.41
C GLY B 55 8.13 -43.60 1.69
N ILE B 56 7.17 -43.06 2.44
CA ILE B 56 5.84 -42.76 1.93
C ILE B 56 5.52 -41.29 2.16
N THR B 57 5.02 -40.62 1.14
CA THR B 57 4.66 -39.21 1.24
C THR B 57 3.32 -39.03 1.92
N ASP B 58 3.03 -37.78 2.33
CA ASP B 58 1.75 -37.46 2.95
C ASP B 58 0.58 -37.87 2.04
N GLU B 59 0.74 -37.73 0.73
CA GLU B 59 -0.31 -38.12 -0.20
C GLU B 59 -0.49 -39.63 -0.22
N GLY B 60 0.61 -40.37 -0.28
CA GLY B 60 0.55 -41.82 -0.27
C GLY B 60 1.54 -42.47 -1.20
N ARG B 61 2.20 -41.66 -2.04
CA ARG B 61 3.17 -42.19 -2.99
C ARG B 61 4.30 -42.90 -2.27
N THR B 62 4.44 -44.19 -2.53
CA THR B 62 5.42 -45.02 -1.85
C THR B 62 6.73 -45.07 -2.63
N ASN B 63 7.83 -45.30 -1.90
CA ASN B 63 9.15 -45.36 -2.49
C ASN B 63 9.92 -46.49 -1.81
N TYR B 64 10.35 -47.48 -2.59
CA TYR B 64 11.08 -48.62 -2.07
C TYR B 64 12.46 -48.70 -2.72
N ALA B 65 13.39 -49.32 -2.01
CA ALA B 65 14.75 -49.49 -2.50
C ALA B 65 14.83 -50.70 -3.41
N ASP B 66 16.02 -50.94 -3.97
CA ASP B 66 16.19 -52.04 -4.90
C ASP B 66 16.29 -53.39 -4.18
N PHE B 67 16.95 -53.43 -3.02
CA PHE B 67 17.03 -54.66 -2.25
C PHE B 67 15.68 -55.07 -1.66
N VAL B 68 14.68 -54.20 -1.73
CA VAL B 68 13.31 -54.54 -1.38
C VAL B 68 12.59 -54.88 -2.68
N LYS B 69 12.31 -56.15 -2.89
CA LYS B 69 11.68 -56.61 -4.13
C LYS B 69 10.19 -56.86 -3.92
N GLY B 70 9.48 -55.79 -3.59
CA GLY B 70 8.05 -55.87 -3.35
C GLY B 70 7.63 -56.66 -2.14
N ARG B 71 8.58 -57.16 -1.36
CA ARG B 71 8.27 -57.92 -0.16
C ARG B 71 8.02 -57.03 1.05
N PHE B 72 8.35 -55.74 0.98
CA PHE B 72 8.07 -54.79 2.05
C PHE B 72 6.97 -53.86 1.59
N THR B 73 6.03 -53.57 2.50
CA THR B 73 4.92 -52.66 2.21
C THR B 73 4.85 -51.63 3.33
N ILE B 74 4.93 -50.35 2.96
CA ILE B 74 4.92 -49.25 3.92
C ILE B 74 3.52 -48.66 3.96
N SER B 75 2.97 -48.52 5.17
CA SER B 75 1.65 -47.97 5.40
C SER B 75 1.76 -46.74 6.28
N ARG B 76 0.85 -45.79 6.06
CA ARG B 76 0.87 -44.52 6.79
C ARG B 76 -0.55 -44.12 7.14
N ASP B 77 -0.84 -44.02 8.44
CA ASP B 77 -2.14 -43.59 8.93
C ASP B 77 -1.96 -42.18 9.50
N ASN B 78 -2.57 -41.20 8.84
CA ASN B 78 -2.51 -39.82 9.30
C ASN B 78 -3.49 -39.54 10.42
N SER B 79 -4.54 -40.35 10.55
CA SER B 79 -5.49 -40.19 11.64
C SER B 79 -4.80 -40.35 12.99
N LYS B 80 -4.03 -41.42 13.15
CA LYS B 80 -3.30 -41.68 14.37
C LYS B 80 -1.83 -41.33 14.27
N LYS B 81 -1.40 -40.79 13.13
CA LYS B 81 -0.01 -40.34 12.92
C LYS B 81 0.97 -41.48 13.17
N THR B 82 0.69 -42.64 12.57
CA THR B 82 1.55 -43.81 12.71
C THR B 82 2.00 -44.29 11.35
N VAL B 83 3.14 -44.97 11.33
CA VAL B 83 3.69 -45.54 10.10
C VAL B 83 4.11 -46.97 10.39
N HIS B 84 3.67 -47.89 9.54
CA HIS B 84 3.97 -49.30 9.67
C HIS B 84 4.75 -49.78 8.46
N LEU B 85 5.48 -50.86 8.65
CA LEU B 85 6.25 -51.51 7.60
C LEU B 85 6.06 -53.01 7.74
N GLN B 86 5.38 -53.61 6.78
CA GLN B 86 5.19 -55.06 6.73
C GLN B 86 6.32 -55.64 5.89
N MET B 87 7.25 -56.35 6.55
CA MET B 87 8.37 -56.99 5.88
C MET B 87 8.06 -58.47 5.75
N ASP B 88 8.05 -58.97 4.50
CA ASP B 88 7.81 -60.37 4.23
C ASP B 88 9.04 -61.01 3.61
N ASN B 89 9.18 -62.32 3.79
CA ASN B 89 10.29 -63.10 3.24
C ASN B 89 11.63 -62.50 3.66
N LEU B 90 11.82 -62.42 4.97
CA LEU B 90 13.06 -61.86 5.50
C LEU B 90 14.24 -62.76 5.18
N ASN B 91 15.36 -62.15 4.80
CA ASN B 91 16.59 -62.84 4.49
C ASN B 91 17.69 -62.36 5.43
N PRO B 92 18.77 -63.14 5.60
CA PRO B 92 19.86 -62.70 6.48
C PRO B 92 20.54 -61.41 6.05
N GLU B 93 20.24 -60.90 4.85
CA GLU B 93 20.76 -59.60 4.45
C GLU B 93 19.98 -58.46 5.09
N ASP B 94 18.79 -58.73 5.63
CA ASP B 94 17.97 -57.71 6.28
C ASP B 94 18.30 -57.53 7.75
N THR B 95 19.17 -58.37 8.32
CA THR B 95 19.55 -58.27 9.71
C THR B 95 20.24 -56.94 9.99
N ALA B 96 19.55 -56.05 10.69
CA ALA B 96 20.04 -54.70 10.94
C ALA B 96 19.08 -54.01 11.89
N VAL B 97 19.46 -52.84 12.35
CA VAL B 97 18.56 -52.00 13.14
C VAL B 97 17.83 -51.04 12.20
N TYR B 98 16.52 -51.00 12.31
CA TYR B 98 15.68 -50.18 11.46
C TYR B 98 15.29 -48.90 12.21
N TYR B 99 15.47 -47.76 11.56
CA TYR B 99 15.15 -46.46 12.11
C TYR B 99 14.03 -45.83 11.32
N CYS B 100 13.13 -45.15 12.02
CA CYS B 100 12.04 -44.41 11.40
C CYS B 100 12.40 -42.94 11.37
N LYS B 101 12.31 -42.34 10.18
CA LYS B 101 12.72 -40.96 9.96
C LYS B 101 11.54 -40.14 9.47
N LEU B 102 11.43 -38.92 9.99
CA LEU B 102 10.47 -37.93 9.50
C LEU B 102 11.28 -36.87 8.76
N GLU B 103 11.11 -36.80 7.44
CA GLU B 103 11.84 -35.88 6.59
C GLU B 103 10.90 -34.72 6.25
N HIS B 104 11.23 -33.51 6.72
CA HIS B 104 10.36 -32.38 6.46
C HIS B 104 10.28 -32.11 4.96
N ASP B 105 9.06 -32.03 4.44
CA ASP B 105 8.85 -31.84 3.01
C ASP B 105 9.39 -30.51 2.51
N LEU B 106 9.64 -29.55 3.41
CA LEU B 106 10.29 -28.30 3.06
C LEU B 106 11.75 -28.28 3.49
N GLY B 107 12.27 -29.38 4.02
CA GLY B 107 13.66 -29.45 4.41
C GLY B 107 14.04 -28.61 5.62
N TYR B 108 13.06 -28.29 6.49
CA TYR B 108 13.37 -27.49 7.67
C TYR B 108 14.28 -28.24 8.62
N TYR B 109 13.89 -29.45 9.00
CA TYR B 109 14.64 -30.28 9.93
C TYR B 109 14.08 -31.71 9.84
N ASP B 110 14.87 -32.66 10.33
CA ASP B 110 14.52 -34.08 10.26
C ASP B 110 14.48 -34.68 11.65
N TYR B 111 13.58 -35.64 11.84
CA TYR B 111 13.46 -36.39 13.08
C TYR B 111 13.91 -37.82 12.87
N TRP B 112 14.68 -38.36 13.81
CA TRP B 112 15.16 -39.74 13.75
C TRP B 112 14.80 -40.46 15.03
N GLY B 113 14.38 -41.72 14.88
CA GLY B 113 14.06 -42.55 16.03
C GLY B 113 15.27 -43.30 16.57
N GLN B 114 15.05 -43.96 17.71
CA GLN B 114 16.12 -44.73 18.33
C GLN B 114 16.33 -46.09 17.65
N GLY B 115 15.36 -46.55 16.88
CA GLY B 115 15.53 -47.76 16.09
C GLY B 115 15.12 -49.02 16.84
N THR B 116 14.87 -50.07 16.06
CA THR B 116 14.54 -51.38 16.60
C THR B 116 15.31 -52.43 15.82
N GLN B 117 15.82 -53.43 16.53
CA GLN B 117 16.71 -54.42 15.91
C GLN B 117 15.88 -55.52 15.27
N VAL B 118 16.28 -55.93 14.06
CA VAL B 118 15.67 -57.03 13.34
C VAL B 118 16.77 -58.02 13.00
N THR B 119 16.61 -59.26 13.45
CA THR B 119 17.57 -60.32 13.18
C THR B 119 16.82 -61.56 12.71
N VAL B 120 17.40 -62.26 11.74
CA VAL B 120 16.80 -63.48 11.21
C VAL B 120 17.85 -64.58 11.23
N SER B 121 17.46 -65.76 11.71
CA SER B 121 18.31 -66.95 11.69
C SER B 121 17.52 -68.18 12.14
N PRO C 9 -15.75 25.48 -25.12
CA PRO C 9 -16.75 24.83 -24.27
C PRO C 9 -16.32 23.44 -23.85
N PHE C 10 -16.00 23.27 -22.57
CA PHE C 10 -15.56 21.97 -22.07
C PHE C 10 -16.67 20.92 -22.18
N VAL C 11 -17.83 21.20 -21.61
CA VAL C 11 -18.96 20.28 -21.69
C VAL C 11 -19.67 20.51 -23.02
N ASN C 12 -19.82 19.44 -23.81
CA ASN C 12 -20.35 19.60 -25.16
C ASN C 12 -21.87 19.67 -25.20
N LYS C 13 -22.56 19.17 -24.17
CA LYS C 13 -24.01 19.22 -24.09
C LYS C 13 -24.45 19.99 -22.84
N GLN C 14 -25.67 20.52 -22.91
CA GLN C 14 -26.29 21.18 -21.78
C GLN C 14 -27.26 20.19 -21.15
N PHE C 15 -26.93 19.73 -19.95
CA PHE C 15 -27.66 18.67 -19.28
C PHE C 15 -28.60 19.24 -18.23
N ASN C 16 -29.81 18.68 -18.17
CA ASN C 16 -30.72 18.90 -17.07
C ASN C 16 -30.96 17.59 -16.36
N TYR C 17 -31.12 17.65 -15.03
CA TYR C 17 -31.22 16.41 -14.26
C TYR C 17 -32.42 15.58 -14.68
N LYS C 18 -33.49 16.22 -15.16
CA LYS C 18 -34.70 15.50 -15.55
C LYS C 18 -34.67 15.05 -17.00
N ASP C 19 -33.55 15.23 -17.70
CA ASP C 19 -33.44 14.71 -19.06
C ASP C 19 -33.50 13.18 -19.04
N PRO C 20 -34.07 12.57 -20.08
CA PRO C 20 -34.18 11.11 -20.11
C PRO C 20 -32.82 10.46 -20.32
N VAL C 21 -32.66 9.28 -19.73
CA VAL C 21 -31.42 8.54 -19.86
C VAL C 21 -31.33 7.91 -21.24
N ASN C 22 -30.09 7.66 -21.68
CA ASN C 22 -29.85 7.04 -22.97
C ASN C 22 -28.79 5.94 -22.93
N GLY C 23 -28.18 5.68 -21.79
CA GLY C 23 -27.14 4.68 -21.69
C GLY C 23 -25.79 5.11 -22.23
N VAL C 24 -25.61 6.38 -22.58
CA VAL C 24 -24.36 6.86 -23.14
C VAL C 24 -23.78 7.95 -22.25
N ASP C 25 -24.44 9.11 -22.19
CA ASP C 25 -23.98 10.22 -21.38
C ASP C 25 -24.94 10.62 -20.27
N ILE C 26 -26.18 10.14 -20.29
CA ILE C 26 -27.12 10.28 -19.19
C ILE C 26 -27.59 8.88 -18.88
N ALA C 27 -27.25 8.36 -17.71
CA ALA C 27 -27.60 6.97 -17.46
C ALA C 27 -27.54 6.66 -15.97
N TYR C 28 -28.22 5.58 -15.60
CA TYR C 28 -28.03 5.03 -14.26
C TYR C 28 -26.79 4.15 -14.27
N ILE C 29 -25.99 4.28 -13.22
CA ILE C 29 -24.70 3.60 -13.14
C ILE C 29 -24.55 2.96 -11.76
N LYS C 30 -23.53 2.12 -11.66
CA LYS C 30 -23.12 1.45 -10.43
C LYS C 30 -21.60 1.51 -10.34
N ILE C 31 -21.10 1.80 -9.13
CA ILE C 31 -19.67 1.87 -8.87
C ILE C 31 -19.24 0.50 -8.35
N PRO C 32 -17.93 0.14 -8.42
CA PRO C 32 -17.47 -1.21 -8.06
C PRO C 32 -18.13 -1.87 -6.84
N ASN C 33 -18.38 -1.12 -5.76
CA ASN C 33 -19.07 -1.69 -4.61
C ASN C 33 -20.59 -1.45 -4.69
N MET C 37 -25.96 -1.79 -3.59
CA MET C 37 -26.66 -0.55 -3.92
C MET C 37 -27.61 -0.75 -5.10
N GLN C 38 -28.38 0.29 -5.41
CA GLN C 38 -29.12 0.34 -6.65
C GLN C 38 -28.65 1.55 -7.45
N PRO C 39 -28.72 1.47 -8.78
CA PRO C 39 -28.01 2.43 -9.63
C PRO C 39 -28.43 3.87 -9.36
N VAL C 40 -27.49 4.79 -9.60
CA VAL C 40 -27.74 6.21 -9.42
C VAL C 40 -27.65 6.90 -10.78
N LYS C 41 -28.48 7.93 -10.95
CA LYS C 41 -28.50 8.67 -12.21
C LYS C 41 -27.28 9.60 -12.27
N ALA C 42 -26.46 9.42 -13.30
CA ALA C 42 -25.25 10.19 -13.47
C ALA C 42 -25.17 10.71 -14.91
N PHE C 43 -24.28 11.69 -15.08
CA PHE C 43 -24.15 12.43 -16.33
C PHE C 43 -22.68 12.46 -16.73
N LYS C 44 -22.41 12.15 -18.00
CA LYS C 44 -21.05 12.12 -18.53
C LYS C 44 -20.79 13.47 -19.21
N ILE C 45 -20.31 14.42 -18.42
CA ILE C 45 -20.10 15.78 -18.92
C ILE C 45 -18.94 15.85 -19.90
N HIS C 46 -18.03 14.88 -19.86
CA HIS C 46 -16.91 14.84 -20.78
C HIS C 46 -16.39 13.41 -20.81
N ASN C 47 -15.62 13.09 -21.85
CA ASN C 47 -14.95 11.80 -21.92
C ASN C 47 -14.15 11.54 -20.66
N LYS C 48 -14.36 10.36 -20.07
CA LYS C 48 -13.67 9.85 -18.89
C LYS C 48 -14.06 10.57 -17.60
N ILE C 49 -15.03 11.48 -17.63
CA ILE C 49 -15.44 12.23 -16.45
C ILE C 49 -16.95 12.16 -16.30
N TRP C 50 -17.41 11.74 -15.12
CA TRP C 50 -18.83 11.62 -14.82
C TRP C 50 -19.16 12.44 -13.58
N VAL C 51 -20.44 12.81 -13.45
CA VAL C 51 -20.95 13.55 -12.31
C VAL C 51 -22.19 12.85 -11.77
N ILE C 52 -22.20 12.60 -10.46
CA ILE C 52 -23.34 11.99 -9.78
C ILE C 52 -23.93 13.02 -8.84
N PRO C 53 -25.01 13.71 -9.21
CA PRO C 53 -25.60 14.72 -8.32
C PRO C 53 -26.28 14.10 -7.11
N GLU C 54 -25.53 13.37 -6.29
CA GLU C 54 -26.08 12.70 -5.12
C GLU C 54 -25.14 12.87 -3.95
N ARG C 55 -25.70 12.84 -2.75
CA ARG C 55 -24.87 12.77 -1.55
C ARG C 55 -24.16 11.43 -1.50
N ASP C 56 -22.84 11.47 -1.30
CA ASP C 56 -22.02 10.27 -1.39
C ASP C 56 -22.29 9.31 -0.23
N THR C 57 -23.22 8.38 -0.42
CA THR C 57 -23.45 7.29 0.51
C THR C 57 -23.04 5.95 -0.06
N PHE C 58 -22.27 5.96 -1.15
CA PHE C 58 -21.96 4.75 -1.91
C PHE C 58 -20.48 4.36 -1.86
N THR C 59 -19.56 5.32 -2.00
CA THR C 59 -18.15 4.99 -1.95
C THR C 59 -17.75 4.38 -0.61
N ASN C 60 -18.41 4.80 0.46
CA ASN C 60 -18.15 4.27 1.80
C ASN C 60 -19.50 3.95 2.44
N PRO C 61 -19.91 2.67 2.46
CA PRO C 61 -21.21 2.33 3.05
C PRO C 61 -21.31 2.63 4.54
N GLU C 62 -20.19 2.63 5.27
CA GLU C 62 -20.21 3.02 6.67
C GLU C 62 -20.51 4.50 6.85
N GLU C 63 -20.36 5.31 5.80
CA GLU C 63 -20.69 6.72 5.84
C GLU C 63 -21.96 7.02 5.05
N GLY C 64 -22.92 6.10 5.06
CA GLY C 64 -24.19 6.27 4.39
C GLY C 64 -25.27 6.95 5.21
N ASP C 65 -24.90 7.58 6.31
CA ASP C 65 -25.84 8.31 7.16
C ASP C 65 -25.52 9.79 7.07
N LEU C 66 -26.51 10.60 6.71
CA LEU C 66 -26.33 12.03 6.57
C LEU C 66 -26.71 12.81 7.82
N ASN C 67 -27.18 12.13 8.87
CA ASN C 67 -27.48 12.80 10.12
C ASN C 67 -26.20 13.08 10.90
N PRO C 68 -26.11 14.22 11.57
CA PRO C 68 -24.86 14.60 12.24
C PRO C 68 -24.56 13.68 13.42
N PRO C 69 -23.30 13.31 13.61
CA PRO C 69 -22.91 12.57 14.81
C PRO C 69 -23.05 13.43 16.05
N PRO C 70 -22.87 12.86 17.24
CA PRO C 70 -22.92 13.69 18.45
C PRO C 70 -21.92 14.83 18.41
N GLU C 71 -22.29 15.94 19.06
CA GLU C 71 -21.49 17.16 19.06
C GLU C 71 -20.10 16.95 19.64
N LYS C 73 -18.02 14.59 18.87
CA LYS C 73 -17.39 13.77 17.84
C LYS C 73 -17.25 14.53 16.53
N GLN C 74 -17.90 15.70 16.46
CA GLN C 74 -17.87 16.50 15.25
C GLN C 74 -16.55 17.26 15.12
N VAL C 75 -15.99 17.24 13.91
CA VAL C 75 -14.80 18.05 13.63
C VAL C 75 -15.16 19.53 13.78
N PRO C 76 -14.28 20.37 14.34
CA PRO C 76 -14.63 21.80 14.49
C PRO C 76 -15.09 22.48 13.20
N VAL C 77 -14.49 22.16 12.07
CA VAL C 77 -14.88 22.74 10.78
C VAL C 77 -15.74 21.69 10.08
N SER C 78 -17.03 21.69 10.38
CA SER C 78 -17.96 20.76 9.76
C SER C 78 -19.36 21.37 9.74
N TYR C 79 -20.17 20.90 8.81
CA TYR C 79 -21.56 21.35 8.67
C TYR C 79 -22.39 20.20 8.13
N TYR C 80 -23.52 19.94 8.78
CA TYR C 80 -24.38 18.82 8.44
C TYR C 80 -25.77 19.30 8.06
N ASP C 81 -26.37 18.64 7.07
CA ASP C 81 -27.73 18.95 6.63
C ASP C 81 -28.21 17.75 5.82
N SER C 82 -28.96 16.86 6.47
CA SER C 82 -29.42 15.64 5.82
C SER C 82 -30.36 15.90 4.66
N THR C 83 -30.88 17.12 4.53
CA THR C 83 -31.82 17.46 3.46
C THR C 83 -31.15 18.01 2.22
N TYR C 84 -29.86 18.34 2.29
CA TYR C 84 -29.17 18.92 1.14
C TYR C 84 -29.04 17.89 0.03
N LEU C 85 -29.20 18.36 -1.21
CA LEU C 85 -29.02 17.54 -2.41
C LEU C 85 -29.99 16.36 -2.43
N SER C 86 -31.24 16.62 -2.05
CA SER C 86 -32.29 15.62 -2.07
C SER C 86 -33.39 15.90 -3.08
N THR C 87 -33.53 17.15 -3.51
CA THR C 87 -34.55 17.52 -4.47
C THR C 87 -33.99 17.50 -5.88
N ASP C 88 -34.89 17.25 -6.86
CA ASP C 88 -34.47 17.26 -8.25
C ASP C 88 -33.96 18.63 -8.67
N ASN C 89 -34.54 19.69 -8.13
CA ASN C 89 -34.04 21.03 -8.40
C ASN C 89 -32.64 21.21 -7.83
N GLU C 90 -32.42 20.70 -6.62
CA GLU C 90 -31.08 20.76 -6.03
C GLU C 90 -30.08 20.00 -6.87
N LYS C 91 -30.45 18.82 -7.37
CA LYS C 91 -29.52 18.03 -8.16
C LYS C 91 -29.23 18.69 -9.50
N ASP C 92 -30.25 19.28 -10.12
CA ASP C 92 -30.05 20.02 -11.37
C ASP C 92 -29.10 21.20 -11.14
N ASN C 93 -29.33 21.96 -10.07
CA ASN C 93 -28.47 23.09 -9.77
C ASN C 93 -27.05 22.64 -9.46
N TYR C 94 -26.92 21.50 -8.78
CA TYR C 94 -25.59 20.95 -8.50
C TYR C 94 -24.87 20.60 -9.78
N LEU C 95 -25.56 19.91 -10.69
CA LEU C 95 -24.95 19.55 -11.97
C LEU C 95 -24.53 20.79 -12.74
N LYS C 96 -25.40 21.80 -12.79
CA LYS C 96 -25.08 23.01 -13.52
C LYS C 96 -23.91 23.77 -12.88
N GLY C 97 -23.85 23.79 -11.55
CA GLY C 97 -22.74 24.47 -10.88
C GLY C 97 -21.42 23.74 -11.05
N VAL C 98 -21.45 22.41 -11.00
CA VAL C 98 -20.23 21.64 -11.23
C VAL C 98 -19.74 21.85 -12.65
N THR C 99 -20.65 21.83 -13.63
CA THR C 99 -20.25 22.07 -15.01
C THR C 99 -19.74 23.49 -15.19
N LYS C 100 -20.34 24.45 -14.50
CA LYS C 100 -19.88 25.84 -14.61
C LYS C 100 -18.49 26.00 -14.03
N LEU C 101 -18.21 25.34 -12.90
CA LEU C 101 -16.86 25.41 -12.34
C LEU C 101 -15.85 24.71 -13.23
N PHE C 102 -16.26 23.58 -13.84
CA PHE C 102 -15.40 22.93 -14.82
C PHE C 102 -15.09 23.86 -15.99
N GLU C 103 -16.09 24.60 -16.46
CA GLU C 103 -15.88 25.54 -17.56
C GLU C 103 -14.97 26.69 -17.13
N ARG C 104 -15.15 27.19 -15.91
CA ARG C 104 -14.28 28.25 -15.40
C ARG C 104 -12.84 27.79 -15.29
N ILE C 105 -12.63 26.56 -14.80
CA ILE C 105 -11.28 26.00 -14.76
C ILE C 105 -10.72 25.85 -16.17
N TYR C 106 -11.55 25.37 -17.10
CA TYR C 106 -11.12 25.20 -18.48
C TYR C 106 -10.89 26.54 -19.17
N SER C 107 -11.47 27.62 -18.65
CA SER C 107 -11.30 28.94 -19.25
C SER C 107 -9.88 29.47 -19.09
N THR C 108 -9.11 28.94 -18.14
CA THR C 108 -7.74 29.34 -17.93
C THR C 108 -6.81 28.30 -18.56
N ASP C 109 -5.67 28.78 -19.08
CA ASP C 109 -4.73 27.88 -19.73
C ASP C 109 -4.18 26.86 -18.76
N LEU C 110 -3.94 27.27 -17.50
CA LEU C 110 -3.50 26.31 -16.49
C LEU C 110 -4.55 25.24 -16.25
N GLY C 111 -5.81 25.65 -16.06
CA GLY C 111 -6.88 24.69 -15.88
C GLY C 111 -7.12 23.84 -17.11
N ARG C 112 -6.97 24.43 -18.29
CA ARG C 112 -7.11 23.65 -19.52
C ARG C 112 -6.04 22.57 -19.60
N MET C 113 -4.79 22.93 -19.25
CA MET C 113 -3.71 21.95 -19.25
C MET C 113 -3.97 20.85 -18.22
N LEU C 114 -4.42 21.23 -17.03
CA LEU C 114 -4.76 20.24 -16.00
C LEU C 114 -5.85 19.30 -16.48
N LEU C 115 -6.91 19.84 -17.09
CA LEU C 115 -8.00 19.00 -17.56
C LEU C 115 -7.55 18.08 -18.69
N THR C 116 -6.66 18.57 -19.56
CA THR C 116 -6.13 17.68 -20.59
C THR C 116 -5.31 16.54 -19.97
N SER C 117 -4.48 16.86 -18.98
CA SER C 117 -3.73 15.81 -18.29
C SER C 117 -4.67 14.80 -17.64
N ILE C 118 -5.77 15.28 -17.04
CA ILE C 118 -6.72 14.38 -16.41
C ILE C 118 -7.41 13.49 -17.45
N VAL C 119 -7.84 14.09 -18.56
CA VAL C 119 -8.55 13.34 -19.60
C VAL C 119 -7.66 12.26 -20.19
N ARG C 120 -6.38 12.58 -20.43
CA ARG C 120 -5.49 11.57 -21.01
C ARG C 120 -4.81 10.71 -19.96
N GLY C 121 -5.07 10.94 -18.68
CA GLY C 121 -4.46 10.13 -17.63
C GLY C 121 -5.24 8.87 -17.31
N ILE C 122 -5.43 8.02 -18.29
CA ILE C 122 -6.22 6.78 -18.11
C ILE C 122 -5.47 5.84 -17.18
N PRO C 123 -6.12 5.27 -16.16
CA PRO C 123 -5.45 4.28 -15.31
C PRO C 123 -4.90 3.12 -16.12
N PHE C 124 -3.72 2.66 -15.73
CA PHE C 124 -2.97 1.69 -16.51
C PHE C 124 -3.66 0.32 -16.52
N TRP C 125 -3.41 -0.43 -17.59
CA TRP C 125 -3.91 -1.81 -17.73
C TRP C 125 -2.89 -2.78 -17.16
N GLY C 126 -2.75 -2.72 -15.84
CA GLY C 126 -1.80 -3.60 -15.18
C GLY C 126 -2.48 -4.59 -14.25
N GLY C 127 -3.66 -5.08 -14.63
CA GLY C 127 -4.43 -5.97 -13.81
C GLY C 127 -4.29 -7.44 -14.11
N SER C 128 -3.39 -7.82 -15.00
CA SER C 128 -3.21 -9.22 -15.36
C SER C 128 -2.14 -9.86 -14.49
N THR C 129 -2.35 -11.14 -14.17
CA THR C 129 -1.34 -11.92 -13.48
C THR C 129 -0.25 -12.42 -14.41
N ILE C 130 -0.44 -12.28 -15.73
CA ILE C 130 0.54 -12.69 -16.72
C ILE C 130 1.37 -11.47 -17.09
N ASP C 131 2.70 -11.65 -17.18
CA ASP C 131 3.59 -10.52 -17.40
C ASP C 131 3.35 -9.86 -18.74
N THR C 132 3.03 -10.64 -19.77
CA THR C 132 2.93 -10.15 -21.14
C THR C 132 1.51 -9.81 -21.58
N GLU C 133 0.56 -9.78 -20.66
CA GLU C 133 -0.85 -9.55 -20.98
C GLU C 133 -1.31 -8.23 -20.38
N LEU C 134 -1.91 -7.39 -21.21
CA LEU C 134 -2.51 -6.14 -20.75
C LEU C 134 -3.99 -6.37 -20.45
N LYS C 135 -4.39 -6.10 -19.22
CA LYS C 135 -5.78 -6.23 -18.81
C LYS C 135 -6.14 -5.09 -17.87
N VAL C 136 -7.35 -4.57 -18.03
CA VAL C 136 -7.81 -3.44 -17.24
C VAL C 136 -8.14 -3.90 -15.82
N ILE C 137 -7.99 -3.00 -14.87
CA ILE C 137 -8.39 -3.25 -13.48
C ILE C 137 -9.82 -2.78 -13.31
N ASP C 138 -10.71 -3.68 -12.87
CA ASP C 138 -12.14 -3.41 -12.85
C ASP C 138 -12.52 -2.30 -11.87
N THR C 139 -11.67 -2.01 -10.88
CA THR C 139 -11.97 -0.90 -9.98
C THR C 139 -11.91 0.44 -10.69
N ASN C 140 -11.27 0.50 -11.85
CA ASN C 140 -11.21 1.72 -12.65
C ASN C 140 -12.33 1.81 -13.68
N CYS C 141 -13.47 1.17 -13.42
CA CYS C 141 -14.60 1.19 -14.33
C CYS C 141 -15.88 1.44 -13.55
N ILE C 142 -16.94 1.72 -14.29
CA ILE C 142 -18.29 1.78 -13.74
C ILE C 142 -19.19 0.95 -14.64
N ASN C 143 -20.29 0.44 -14.06
CA ASN C 143 -21.29 -0.29 -14.81
C ASN C 143 -22.40 0.67 -15.22
N VAL C 144 -22.58 0.86 -16.51
CA VAL C 144 -23.60 1.75 -17.05
C VAL C 144 -24.77 0.88 -17.52
N ILE C 145 -25.96 1.14 -16.97
CA ILE C 145 -27.15 0.40 -17.40
C ILE C 145 -27.55 0.88 -18.78
N GLN C 146 -27.80 -0.05 -19.67
CA GLN C 146 -28.24 0.31 -21.01
C GLN C 146 -29.75 0.31 -21.10
N PRO C 147 -30.32 1.03 -22.07
CA PRO C 147 -31.74 0.88 -22.36
C PRO C 147 -32.14 -0.57 -22.60
N ASP C 148 -31.22 -1.37 -23.13
CA ASP C 148 -31.42 -2.82 -23.21
C ASP C 148 -31.72 -3.43 -21.84
N GLY C 149 -31.20 -2.82 -20.77
CA GLY C 149 -31.30 -3.38 -19.44
C GLY C 149 -30.03 -4.04 -18.95
N SER C 150 -29.09 -4.32 -19.85
CA SER C 150 -27.83 -4.95 -19.49
C SER C 150 -26.85 -3.91 -18.96
N TYR C 151 -25.68 -4.38 -18.55
CA TYR C 151 -24.64 -3.52 -18.00
C TYR C 151 -23.48 -3.44 -18.99
N ARG C 152 -22.93 -2.25 -19.15
CA ARG C 152 -21.71 -2.05 -19.93
C ARG C 152 -20.63 -1.58 -18.98
N SER C 153 -19.51 -2.29 -18.94
CA SER C 153 -18.39 -1.89 -18.10
C SER C 153 -17.56 -0.87 -18.85
N GLU C 154 -17.63 0.40 -18.43
CA GLU C 154 -16.93 1.49 -19.08
C GLU C 154 -15.88 2.04 -18.14
N GLU C 155 -14.63 2.09 -18.60
CA GLU C 155 -13.55 2.65 -17.80
C GLU C 155 -13.59 4.18 -17.90
N LEU C 156 -13.11 4.83 -16.85
CA LEU C 156 -13.19 6.28 -16.74
C LEU C 156 -12.04 6.77 -15.86
N ASN C 157 -11.93 8.08 -15.73
CA ASN C 157 -10.86 8.72 -14.97
C ASN C 157 -11.34 9.47 -13.75
N LEU C 158 -12.54 10.05 -13.77
CA LEU C 158 -12.95 10.98 -12.73
C LEU C 158 -14.45 10.87 -12.50
N VAL C 159 -14.83 10.86 -11.22
CA VAL C 159 -16.22 10.95 -10.80
C VAL C 159 -16.33 12.11 -9.83
N ILE C 160 -17.33 12.97 -10.04
CA ILE C 160 -17.62 14.08 -9.15
C ILE C 160 -18.93 13.76 -8.45
N ILE C 161 -18.87 13.49 -7.15
CA ILE C 161 -20.06 13.15 -6.39
C ILE C 161 -20.20 14.15 -5.24
N GLY C 162 -21.45 14.41 -4.85
CA GLY C 162 -21.73 15.31 -3.76
C GLY C 162 -21.19 14.81 -2.44
N PRO C 163 -21.12 15.70 -1.46
CA PRO C 163 -20.51 15.34 -0.17
C PRO C 163 -21.35 14.32 0.60
N SER C 164 -20.71 13.68 1.57
CA SER C 164 -21.38 12.71 2.41
C SER C 164 -22.08 13.42 3.58
N ALA C 165 -21.94 12.87 4.79
CA ALA C 165 -22.56 13.50 5.96
C ALA C 165 -22.06 14.92 6.14
N ASP C 166 -20.76 15.07 6.39
CA ASP C 166 -20.12 16.37 6.45
C ASP C 166 -20.15 16.99 5.05
N ILE C 167 -20.91 18.08 4.90
CA ILE C 167 -21.10 18.65 3.57
C ILE C 167 -19.83 19.33 3.08
N ILE C 168 -19.03 19.91 3.98
CA ILE C 168 -17.85 20.65 3.57
C ILE C 168 -16.62 19.75 3.57
N GLN C 169 -16.82 18.45 3.78
CA GLN C 169 -15.71 17.49 3.71
C GLN C 169 -15.49 17.11 2.25
N PHE C 170 -14.72 17.93 1.56
CA PHE C 170 -14.34 17.65 0.18
C PHE C 170 -13.06 16.82 0.17
N GLU C 171 -13.02 15.80 -0.66
CA GLU C 171 -11.87 14.91 -0.68
C GLU C 171 -11.78 14.24 -2.04
N CYS C 172 -10.67 13.55 -2.27
CA CYS C 172 -10.47 12.81 -3.51
C CYS C 172 -9.85 11.45 -3.18
N LYS C 173 -10.63 10.38 -3.33
CA LYS C 173 -10.20 9.03 -3.00
C LYS C 173 -10.49 8.09 -4.16
N SER C 174 -9.84 6.92 -4.16
CA SER C 174 -9.97 5.98 -5.25
C SER C 174 -10.06 4.56 -4.73
N PHE C 175 -10.77 3.71 -5.47
CA PHE C 175 -10.78 2.30 -5.13
C PHE C 175 -9.43 1.68 -5.42
N GLY C 176 -8.98 0.80 -4.52
CA GLY C 176 -7.62 0.33 -4.58
C GLY C 176 -7.46 -1.11 -4.99
N HIS C 177 -6.25 -1.45 -5.43
CA HIS C 177 -5.87 -2.83 -5.68
C HIS C 177 -5.52 -3.49 -4.35
N GLU C 178 -5.70 -4.81 -4.28
CA GLU C 178 -5.54 -5.50 -3.01
C GLU C 178 -4.10 -5.48 -2.53
N VAL C 179 -3.13 -5.46 -3.45
CA VAL C 179 -1.72 -5.50 -3.09
C VAL C 179 -1.01 -4.27 -3.66
N LEU C 180 -1.47 -3.79 -4.81
CA LEU C 180 -0.85 -2.67 -5.48
C LEU C 180 -1.44 -1.36 -4.97
N ASN C 181 -0.59 -0.33 -4.90
CA ASN C 181 -1.01 1.02 -4.56
C ASN C 181 -1.06 1.80 -5.88
N LEU C 182 -2.24 1.82 -6.50
CA LEU C 182 -2.35 2.35 -7.85
C LEU C 182 -2.07 3.84 -7.92
N THR C 183 -2.33 4.57 -6.84
CA THR C 183 -2.09 6.00 -6.81
C THR C 183 -0.63 6.37 -6.60
N ARG C 184 0.26 5.39 -6.46
CA ARG C 184 1.65 5.66 -6.16
C ARG C 184 2.64 4.87 -6.99
N ASN C 185 2.21 3.85 -7.75
CA ASN C 185 3.13 3.06 -8.54
C ASN C 185 3.12 3.46 -10.02
N GLY C 186 2.65 4.67 -10.34
CA GLY C 186 2.60 5.13 -11.70
C GLY C 186 1.45 4.61 -12.54
N TYR C 187 0.70 3.63 -12.03
CA TYR C 187 -0.42 3.07 -12.78
C TYR C 187 -1.59 4.05 -12.83
N GLY C 188 -2.08 4.46 -11.67
CA GLY C 188 -3.24 5.34 -11.59
C GLY C 188 -4.54 4.57 -11.40
N SER C 189 -5.52 5.26 -10.84
CA SER C 189 -6.82 4.67 -10.59
C SER C 189 -7.89 5.74 -10.71
N THR C 190 -9.12 5.29 -10.96
CA THR C 190 -10.25 6.22 -11.09
C THR C 190 -10.48 6.96 -9.78
N GLN C 191 -10.52 8.29 -9.86
CA GLN C 191 -10.64 9.15 -8.69
C GLN C 191 -12.09 9.59 -8.51
N TYR C 192 -12.58 9.49 -7.28
CA TYR C 192 -13.91 9.96 -6.89
C TYR C 192 -13.71 11.15 -5.97
N ILE C 193 -14.32 12.28 -6.32
CA ILE C 193 -14.15 13.54 -5.60
C ILE C 193 -15.46 13.89 -4.92
N ARG C 194 -15.45 13.94 -3.60
CA ARG C 194 -16.55 14.54 -2.84
C ARG C 194 -16.38 16.05 -2.86
N PHE C 195 -17.34 16.74 -3.48
CA PHE C 195 -17.30 18.17 -3.68
C PHE C 195 -18.72 18.70 -3.85
N SER C 196 -18.92 19.97 -3.47
CA SER C 196 -20.20 20.64 -3.62
C SER C 196 -19.97 22.09 -4.05
N PRO C 197 -20.63 22.55 -5.11
CA PRO C 197 -20.51 23.96 -5.53
C PRO C 197 -21.51 24.89 -4.86
N ASP C 198 -22.35 24.38 -3.97
CA ASP C 198 -23.41 25.18 -3.34
C ASP C 198 -22.96 25.78 -2.02
N PHE C 199 -21.74 25.53 -1.59
CA PHE C 199 -21.20 26.09 -0.36
C PHE C 199 -19.80 26.60 -0.63
N THR C 200 -19.36 27.55 0.19
CA THR C 200 -18.01 28.09 0.08
C THR C 200 -17.46 28.38 1.46
N PHE C 201 -16.16 28.64 1.49
CA PHE C 201 -15.41 28.84 2.72
C PHE C 201 -14.97 30.29 2.83
N GLY C 202 -15.02 30.81 4.06
CA GLY C 202 -14.51 32.12 4.39
C GLY C 202 -13.25 32.00 5.22
N PHE C 203 -12.18 32.64 4.75
CA PHE C 203 -10.87 32.59 5.37
CA PHE C 203 -10.90 32.58 5.42
C PHE C 203 -10.56 33.92 6.05
N GLU C 204 -9.65 33.89 7.00
CA GLU C 204 -9.17 35.08 7.72
C GLU C 204 -7.67 35.21 7.44
N GLU C 205 -7.33 36.06 6.48
CA GLU C 205 -5.93 36.37 6.19
C GLU C 205 -5.70 37.84 6.45
N SER C 206 -4.68 38.15 7.24
CA SER C 206 -4.41 39.53 7.61
C SER C 206 -3.98 40.33 6.39
N LEU C 207 -4.45 41.57 6.31
CA LEU C 207 -3.99 42.46 5.26
C LEU C 207 -2.66 43.07 5.67
N GLU C 208 -1.71 43.08 4.75
CA GLU C 208 -0.36 43.59 5.00
C GLU C 208 -0.12 44.81 4.14
N VAL C 209 -0.58 45.97 4.62
CA VAL C 209 -0.30 47.25 3.98
C VAL C 209 0.44 48.12 5.00
N ASP C 210 1.66 48.53 4.64
CA ASP C 210 2.50 49.25 5.60
C ASP C 210 1.92 50.62 5.94
N THR C 211 1.17 51.23 5.03
CA THR C 211 0.64 52.56 5.28
C THR C 211 -0.42 52.54 6.38
N ASN C 212 -1.45 51.69 6.22
CA ASN C 212 -2.53 51.60 7.20
C ASN C 212 -2.29 50.39 8.10
N PRO C 213 -1.88 50.57 9.34
CA PRO C 213 -1.66 49.42 10.23
C PRO C 213 -2.94 48.94 10.90
N LEU C 214 -2.78 48.10 11.91
CA LEU C 214 -3.91 47.56 12.72
C LEU C 214 -4.84 46.81 11.78
N LEU C 215 -6.16 46.89 11.98
CA LEU C 215 -7.09 46.19 11.11
C LEU C 215 -7.18 46.84 9.74
N GLY C 216 -7.20 48.17 9.69
CA GLY C 216 -7.29 48.90 8.44
C GLY C 216 -6.08 48.75 7.54
N PHE C 220 -13.58 37.52 3.79
CA PHE C 220 -13.63 37.25 2.37
C PHE C 220 -13.89 35.75 2.14
N ALA C 221 -14.49 35.40 1.00
CA ALA C 221 -14.91 34.03 0.74
C ALA C 221 -14.13 33.42 -0.43
N THR C 222 -14.02 32.09 -0.38
CA THR C 222 -13.24 31.34 -1.36
C THR C 222 -14.03 31.16 -2.65
N ASP C 223 -13.35 31.35 -3.77
CA ASP C 223 -13.92 31.00 -5.06
C ASP C 223 -14.02 29.48 -5.14
N PRO C 224 -15.22 28.91 -5.26
CA PRO C 224 -15.34 27.44 -5.27
C PRO C 224 -14.63 26.78 -6.44
N ALA C 225 -14.38 27.52 -7.53
CA ALA C 225 -13.56 27.00 -8.61
C ALA C 225 -12.16 26.65 -8.12
N VAL C 226 -11.63 27.41 -7.16
CA VAL C 226 -10.31 27.09 -6.61
C VAL C 226 -10.36 25.78 -5.83
N THR C 227 -11.44 25.55 -5.08
CA THR C 227 -11.55 24.30 -4.31
C THR C 227 -11.68 23.11 -5.25
N LEU C 228 -12.51 23.24 -6.29
CA LEU C 228 -12.61 22.17 -7.28
C LEU C 228 -11.26 21.93 -7.95
N ALA C 229 -10.53 22.99 -8.25
CA ALA C 229 -9.22 22.83 -8.87
C ALA C 229 -8.24 22.16 -7.92
N HIS C 230 -8.33 22.44 -6.62
CA HIS C 230 -7.53 21.75 -5.62
C HIS C 230 -7.78 20.24 -5.66
N GLU C 231 -9.05 19.85 -5.61
CA GLU C 231 -9.36 18.43 -5.69
C GLU C 231 -8.95 17.84 -7.04
N LEU C 232 -9.00 18.63 -8.11
CA LEU C 232 -8.54 18.17 -9.40
C LEU C 232 -7.03 17.98 -9.44
N ILE C 233 -6.28 18.79 -8.69
CA ILE C 233 -4.84 18.59 -8.60
C ILE C 233 -4.55 17.28 -7.88
N HIS C 234 -5.28 17.01 -6.80
CA HIS C 234 -5.17 15.72 -6.12
C HIS C 234 -5.47 14.58 -7.09
N ALA C 235 -6.56 14.70 -7.85
CA ALA C 235 -6.94 13.64 -8.78
C ALA C 235 -5.92 13.46 -9.88
N GLY C 236 -5.30 14.56 -10.34
CA GLY C 236 -4.27 14.44 -11.36
C GLY C 236 -3.01 13.77 -10.83
N HIS C 237 -2.62 14.10 -9.60
CA HIS C 237 -1.53 13.36 -8.96
C HIS C 237 -1.83 11.88 -8.89
N ARG C 238 -3.07 11.52 -8.57
CA ARG C 238 -3.39 10.11 -8.35
C ARG C 238 -3.66 9.35 -9.64
N LEU C 239 -4.06 10.04 -10.72
CA LEU C 239 -4.30 9.35 -11.99
C LEU C 239 -2.99 8.93 -12.64
N TYR C 240 -1.92 9.69 -12.46
CA TYR C 240 -0.62 9.33 -12.97
C TYR C 240 0.19 8.51 -11.98
N GLY C 241 -0.41 8.13 -10.86
CA GLY C 241 0.26 7.27 -9.89
C GLY C 241 1.46 7.90 -9.23
N ILE C 242 1.45 9.21 -9.01
CA ILE C 242 2.55 9.92 -8.40
C ILE C 242 2.15 10.64 -7.13
N ALA C 243 0.98 10.31 -6.57
CA ALA C 243 0.54 10.94 -5.33
C ALA C 243 1.47 10.56 -4.18
N ILE C 244 1.75 11.53 -3.33
CA ILE C 244 2.63 11.28 -2.18
C ILE C 244 1.86 10.47 -1.13
N ASN C 245 2.55 9.51 -0.53
CA ASN C 245 1.96 8.64 0.48
C ASN C 245 1.33 9.48 1.60
N PRO C 246 0.07 9.22 1.97
CA PRO C 246 -0.54 9.95 3.09
C PRO C 246 0.08 9.64 4.44
N ASN C 247 1.12 8.80 4.51
CA ASN C 247 1.88 8.65 5.75
C ASN C 247 2.95 9.72 5.87
N ARG C 248 3.40 10.27 4.74
CA ARG C 248 4.39 11.35 4.70
C ARG C 248 3.68 12.62 5.18
N VAL C 249 3.91 13.01 6.43
CA VAL C 249 3.09 14.03 7.08
C VAL C 249 3.97 14.90 7.98
N PHE C 250 3.72 16.21 7.94
CA PHE C 250 4.24 17.14 8.93
C PHE C 250 3.30 17.21 10.13
N LYS C 251 3.88 17.27 11.33
CA LYS C 251 3.13 17.52 12.54
C LYS C 251 3.22 18.99 12.92
N VAL C 252 2.09 19.56 13.33
CA VAL C 252 2.00 20.97 13.70
C VAL C 252 1.97 21.11 15.22
N ASN C 253 2.69 22.08 15.74
CA ASN C 253 2.66 22.37 17.17
C ASN C 253 2.94 23.84 17.44
N LEU C 263 -3.35 17.26 15.28
CA LEU C 263 -3.55 17.93 14.00
C LEU C 263 -2.26 17.93 13.17
N GLU C 264 -2.40 17.57 11.90
CA GLU C 264 -1.26 17.28 11.04
C GLU C 264 -1.58 17.70 9.61
N VAL C 265 -0.55 17.76 8.77
CA VAL C 265 -0.71 18.17 7.37
C VAL C 265 0.11 17.24 6.49
N SER C 266 -0.54 16.62 5.50
CA SER C 266 0.14 15.66 4.64
C SER C 266 1.11 16.37 3.69
N PHE C 267 2.11 15.62 3.23
CA PHE C 267 2.99 16.12 2.18
C PHE C 267 2.18 16.41 0.91
N GLU C 268 1.22 15.53 0.60
CA GLU C 268 0.42 15.69 -0.61
C GLU C 268 -0.32 17.01 -0.60
N GLU C 269 -0.92 17.38 0.53
CA GLU C 269 -1.68 18.63 0.59
C GLU C 269 -0.76 19.85 0.41
N LEU C 270 0.43 19.81 0.99
CA LEU C 270 1.34 20.93 0.86
C LEU C 270 1.85 21.06 -0.57
N ARG C 271 2.23 19.95 -1.20
CA ARG C 271 2.60 19.99 -2.61
C ARG C 271 1.46 20.53 -3.45
N THR C 272 0.24 20.08 -3.17
CA THR C 272 -0.93 20.47 -3.96
C THR C 272 -1.22 21.95 -3.83
N PHE C 273 -1.08 22.50 -2.62
CA PHE C 273 -1.27 23.93 -2.45
C PHE C 273 -0.20 24.72 -3.21
N GLY C 274 1.02 24.21 -3.22
CA GLY C 274 2.08 24.85 -3.97
C GLY C 274 2.57 26.13 -3.32
N GLY C 275 3.02 27.06 -4.15
CA GLY C 275 3.51 28.33 -3.66
C GLY C 275 4.67 28.12 -2.72
N HIS C 276 4.61 28.81 -1.57
CA HIS C 276 5.65 28.67 -0.56
C HIS C 276 5.46 27.41 0.27
N ASP C 277 4.24 26.91 0.40
CA ASP C 277 4.01 25.70 1.18
C ASP C 277 4.70 24.49 0.57
N ALA C 278 4.77 24.43 -0.76
CA ALA C 278 5.44 23.33 -1.43
C ALA C 278 6.91 23.23 -1.05
N LYS C 279 7.51 24.34 -0.60
CA LYS C 279 8.91 24.32 -0.19
C LYS C 279 9.10 23.77 1.22
N PHE C 280 8.04 23.32 1.88
CA PHE C 280 8.22 22.54 3.10
C PHE C 280 8.86 21.19 2.81
N ILE C 281 8.67 20.66 1.61
CA ILE C 281 9.28 19.41 1.20
C ILE C 281 10.73 19.66 0.82
N ASP C 282 11.64 18.92 1.44
CA ASP C 282 13.06 19.09 1.16
C ASP C 282 13.35 18.86 -0.33
N SER C 283 14.36 19.58 -0.82
CA SER C 283 14.76 19.40 -2.21
C SER C 283 15.19 17.95 -2.47
N LEU C 284 15.81 17.32 -1.48
CA LEU C 284 16.27 15.95 -1.65
C LEU C 284 15.10 14.97 -1.72
N GLN C 285 14.04 15.22 -0.94
CA GLN C 285 12.85 14.37 -1.03
C GLN C 285 12.16 14.56 -2.38
N GLU C 286 12.13 15.79 -2.89
CA GLU C 286 11.57 16.02 -4.22
C GLU C 286 12.37 15.28 -5.29
N ASN C 287 13.69 15.32 -5.19
CA ASN C 287 14.52 14.61 -6.17
C ASN C 287 14.40 13.10 -6.02
N GLU C 288 14.18 12.61 -4.80
CA GLU C 288 13.95 11.18 -4.60
C GLU C 288 12.65 10.75 -5.27
N PHE C 289 11.58 11.54 -5.07
CA PHE C 289 10.33 11.30 -5.79
C PHE C 289 10.57 11.27 -7.29
N ARG C 290 11.30 12.28 -7.79
CA ARG C 290 11.53 12.42 -9.22
C ARG C 290 12.27 11.20 -9.78
N LEU C 291 13.30 10.74 -9.07
CA LEU C 291 14.07 9.58 -9.50
C LEU C 291 13.22 8.32 -9.49
N TYR C 292 12.48 8.10 -8.38
CA TYR C 292 11.66 6.90 -8.29
C TYR C 292 10.63 6.86 -9.40
N TYR C 293 10.01 7.99 -9.72
CA TYR C 293 8.99 7.96 -10.76
C TYR C 293 9.57 7.94 -12.17
N TYR C 294 10.81 8.44 -12.36
CA TYR C 294 11.51 8.18 -13.61
C TYR C 294 11.71 6.69 -13.82
N ASN C 295 12.19 5.99 -12.77
CA ASN C 295 12.39 4.55 -12.89
C ASN C 295 11.05 3.82 -13.10
N LYS C 296 10.00 4.28 -12.42
CA LYS C 296 8.70 3.63 -12.59
C LYS C 296 8.13 3.87 -13.98
N PHE C 297 8.36 5.05 -14.56
CA PHE C 297 7.92 5.28 -15.94
C PHE C 297 8.72 4.43 -16.91
N LYS C 298 10.03 4.24 -16.67
CA LYS C 298 10.78 3.29 -17.49
C LYS C 298 10.22 1.88 -17.35
N ASP C 299 9.81 1.50 -16.14
CA ASP C 299 9.26 0.17 -15.91
C ASP C 299 7.92 0.00 -16.63
N ILE C 300 7.10 1.06 -16.65
CA ILE C 300 5.85 0.99 -17.39
C ILE C 300 6.10 0.91 -18.89
N ALA C 301 7.08 1.67 -19.38
CA ALA C 301 7.44 1.58 -20.80
C ALA C 301 7.93 0.19 -21.16
N SER C 302 8.68 -0.45 -20.26
CA SER C 302 9.16 -1.81 -20.54
C SER C 302 8.03 -2.82 -20.48
N THR C 303 7.08 -2.63 -19.55
CA THR C 303 5.89 -3.48 -19.51
C THR C 303 5.10 -3.35 -20.82
N LEU C 304 5.04 -2.14 -21.36
CA LEU C 304 4.40 -1.95 -22.66
C LEU C 304 5.19 -2.60 -23.78
N ASN C 305 6.53 -2.55 -23.69
CA ASN C 305 7.37 -3.12 -24.75
C ASN C 305 7.26 -4.65 -24.79
N LYS C 306 7.20 -5.29 -23.63
CA LYS C 306 7.17 -6.75 -23.57
C LYS C 306 5.76 -7.33 -23.64
N ALA C 307 4.74 -6.50 -23.81
CA ALA C 307 3.38 -6.99 -23.93
C ALA C 307 3.15 -7.59 -25.32
N LYS C 308 2.46 -8.73 -25.35
CA LYS C 308 2.23 -9.44 -26.60
C LYS C 308 0.75 -9.74 -26.82
N SER C 309 -0.02 -9.83 -25.73
CA SER C 309 -1.44 -10.10 -25.81
C SER C 309 -2.21 -9.02 -25.07
N ILE C 310 -3.51 -8.95 -25.38
CA ILE C 310 -4.42 -8.02 -24.72
C ILE C 310 -5.78 -8.71 -24.59
N VAL C 311 -6.44 -8.48 -23.46
CA VAL C 311 -7.64 -9.22 -23.09
C VAL C 311 -8.74 -8.24 -22.70
N GLY C 312 -9.96 -8.50 -23.17
CA GLY C 312 -11.12 -7.78 -22.73
C GLY C 312 -11.44 -6.53 -23.51
N THR C 313 -11.05 -6.45 -24.77
CA THR C 313 -11.32 -5.25 -25.56
C THR C 313 -11.34 -5.60 -27.04
N THR C 314 -12.21 -4.91 -27.78
CA THR C 314 -12.20 -4.97 -29.23
C THR C 314 -10.87 -4.47 -29.78
N ALA C 315 -10.29 -3.46 -29.14
CA ALA C 315 -9.16 -2.74 -29.69
C ALA C 315 -7.91 -3.63 -29.75
N SER C 316 -6.96 -3.21 -30.56
CA SER C 316 -5.71 -3.93 -30.73
C SER C 316 -4.71 -3.57 -29.63
N LEU C 317 -3.66 -4.39 -29.52
CA LEU C 317 -2.62 -4.14 -28.53
C LEU C 317 -1.91 -2.83 -28.81
N GLN C 318 -1.64 -2.53 -30.08
CA GLN C 318 -0.96 -1.29 -30.42
C GLN C 318 -1.81 -0.07 -30.08
N TYR C 319 -3.14 -0.20 -30.10
CA TYR C 319 -4.01 0.92 -29.74
C TYR C 319 -3.84 1.28 -28.26
N MET C 320 -3.90 0.28 -27.38
CA MET C 320 -3.70 0.55 -25.96
C MET C 320 -2.27 1.03 -25.69
N LYS C 321 -1.30 0.46 -26.42
CA LYS C 321 0.08 0.94 -26.35
C LYS C 321 0.16 2.43 -26.64
N ASN C 322 -0.46 2.87 -27.73
CA ASN C 322 -0.41 4.28 -28.09
C ASN C 322 -1.17 5.14 -27.09
N VAL C 323 -2.27 4.62 -26.53
CA VAL C 323 -3.03 5.37 -25.53
C VAL C 323 -2.15 5.67 -24.32
N PHE C 324 -1.50 4.64 -23.78
CA PHE C 324 -0.67 4.88 -22.60
C PHE C 324 0.63 5.60 -22.94
N LYS C 325 1.12 5.47 -24.19
CA LYS C 325 2.25 6.30 -24.62
C LYS C 325 1.87 7.77 -24.60
N GLU C 326 0.66 8.10 -25.08
CA GLU C 326 0.20 9.48 -25.03
C GLU C 326 -0.03 9.95 -23.60
N LYS C 327 -0.43 9.03 -22.71
CA LYS C 327 -0.58 9.41 -21.30
C LYS C 327 0.78 9.76 -20.67
N TYR C 328 1.74 8.85 -20.78
CA TYR C 328 3.04 9.04 -20.13
C TYR C 328 4.07 9.74 -21.02
N LEU C 329 3.68 10.12 -22.24
CA LEU C 329 4.54 10.89 -23.15
C LEU C 329 5.85 10.15 -23.44
N LEU C 330 5.72 8.85 -23.72
CA LEU C 330 6.87 8.03 -24.03
C LEU C 330 7.33 8.29 -25.47
N SER C 331 8.64 8.19 -25.67
CA SER C 331 9.21 8.28 -27.01
C SER C 331 9.13 6.93 -27.72
N GLU C 332 8.84 6.97 -29.01
CA GLU C 332 8.71 5.76 -29.84
C GLU C 332 9.75 5.80 -30.94
N ASP C 333 10.58 4.76 -31.00
CA ASP C 333 11.59 4.64 -32.05
C ASP C 333 10.95 4.08 -33.32
N THR C 334 11.76 3.93 -34.37
CA THR C 334 11.23 3.47 -35.65
C THR C 334 10.91 1.99 -35.66
N SER C 335 11.17 1.27 -34.58
CA SER C 335 10.79 -0.14 -34.48
C SER C 335 9.57 -0.37 -33.60
N GLY C 336 8.94 0.70 -33.10
CA GLY C 336 7.74 0.59 -32.30
C GLY C 336 7.96 0.47 -30.81
N LYS C 337 9.21 0.32 -30.36
CA LYS C 337 9.47 0.13 -28.94
C LYS C 337 9.47 1.47 -28.21
N PHE C 338 9.04 1.43 -26.95
CA PHE C 338 8.84 2.65 -26.17
C PHE C 338 10.00 2.93 -25.24
N SER C 339 10.26 4.22 -25.03
CA SER C 339 11.24 4.70 -24.09
C SER C 339 10.76 6.05 -23.59
N VAL C 340 11.29 6.47 -22.44
CA VAL C 340 10.85 7.71 -21.81
C VAL C 340 11.89 8.78 -22.10
N ASP C 341 11.47 9.82 -22.81
CA ASP C 341 12.33 10.99 -23.01
C ASP C 341 12.59 11.66 -21.67
N LYS C 342 13.86 11.79 -21.31
CA LYS C 342 14.24 12.28 -20.00
C LYS C 342 13.74 13.70 -19.77
N LEU C 343 13.95 14.59 -20.75
CA LEU C 343 13.54 15.97 -20.59
C LEU C 343 12.02 16.08 -20.56
N LYS C 344 11.32 15.32 -21.41
CA LYS C 344 9.87 15.35 -21.36
C LYS C 344 9.33 14.73 -20.08
N PHE C 345 10.01 13.72 -19.52
CA PHE C 345 9.57 13.22 -18.22
C PHE C 345 9.71 14.29 -17.14
N ASP C 346 10.86 14.96 -17.12
CA ASP C 346 11.05 16.01 -16.12
C ASP C 346 9.98 17.09 -16.26
N LYS C 347 9.68 17.48 -17.50
CA LYS C 347 8.67 18.52 -17.71
C LYS C 347 7.28 18.04 -17.31
N LEU C 348 6.92 16.80 -17.64
CA LEU C 348 5.63 16.26 -17.24
C LEU C 348 5.49 16.21 -15.72
N TYR C 349 6.52 15.72 -15.03
CA TYR C 349 6.43 15.60 -13.58
C TYR C 349 6.38 16.98 -12.91
N LYS C 350 7.19 17.93 -13.39
CA LYS C 350 7.16 19.25 -12.79
C LYS C 350 5.86 19.98 -13.11
N MET C 351 5.24 19.69 -14.25
CA MET C 351 3.92 20.24 -14.54
C MET C 351 2.87 19.66 -13.61
N LEU C 352 2.89 18.34 -13.41
CA LEU C 352 1.89 17.71 -12.56
C LEU C 352 2.05 18.09 -11.09
N THR C 353 3.28 18.35 -10.64
CA THR C 353 3.54 18.57 -9.22
C THR C 353 3.84 20.02 -8.84
N GLU C 354 4.50 20.79 -9.70
CA GLU C 354 4.83 22.17 -9.36
C GLU C 354 3.94 23.19 -10.06
N ILE C 355 3.48 22.90 -11.27
CA ILE C 355 2.65 23.86 -11.98
C ILE C 355 1.18 23.72 -11.58
N TYR C 356 0.70 22.48 -11.48
CA TYR C 356 -0.66 22.21 -11.03
C TYR C 356 -0.70 22.38 -9.52
N THR C 357 -0.94 23.62 -9.08
CA THR C 357 -1.02 23.93 -7.66
C THR C 357 -2.16 24.90 -7.40
N GLU C 358 -2.63 24.91 -6.16
CA GLU C 358 -3.70 25.83 -5.76
C GLU C 358 -3.25 27.29 -5.90
N ASP C 359 -1.99 27.57 -5.55
CA ASP C 359 -1.49 28.93 -5.64
C ASP C 359 -1.50 29.44 -7.08
N ASN C 360 -1.12 28.58 -8.03
CA ASN C 360 -1.14 28.99 -9.43
C ASN C 360 -2.57 29.20 -9.92
N PHE C 361 -3.52 28.40 -9.43
CA PHE C 361 -4.90 28.65 -9.80
C PHE C 361 -5.42 29.95 -9.22
N VAL C 362 -4.97 30.31 -8.02
CA VAL C 362 -5.34 31.61 -7.46
C VAL C 362 -4.74 32.73 -8.29
N LYS C 363 -3.50 32.56 -8.77
CA LYS C 363 -2.89 33.57 -9.62
C LYS C 363 -3.64 33.73 -10.94
N PHE C 364 -4.05 32.60 -11.54
CA PHE C 364 -4.71 32.66 -12.84
C PHE C 364 -6.13 33.20 -12.73
N PHE C 365 -6.89 32.73 -11.73
CA PHE C 365 -8.26 33.21 -11.53
C PHE C 365 -8.30 34.67 -11.10
N LYS C 366 -7.18 35.22 -10.66
CA LYS C 366 -7.11 36.60 -10.20
C LYS C 366 -8.11 36.85 -9.07
N VAL C 367 -8.27 35.86 -8.20
CA VAL C 367 -9.21 35.92 -7.09
C VAL C 367 -8.42 36.01 -5.79
N LEU C 368 -9.14 36.35 -4.71
CA LEU C 368 -8.58 36.34 -3.38
C LEU C 368 -8.82 34.99 -2.72
N ASN C 369 -7.83 34.51 -1.99
CA ASN C 369 -7.87 33.16 -1.46
C ASN C 369 -6.88 33.08 -0.30
N ARG C 370 -7.00 32.00 0.49
CA ARG C 370 -6.08 31.77 1.59
C ARG C 370 -4.64 31.78 1.09
N LYS C 371 -3.76 32.41 1.87
CA LYS C 371 -2.36 32.55 1.48
C LYS C 371 -1.54 31.31 1.79
N THR C 372 -2.02 30.45 2.70
CA THR C 372 -1.35 29.21 3.02
C THR C 372 -2.39 28.15 3.38
N TYR C 373 -2.04 26.89 3.09
CA TYR C 373 -2.89 25.77 3.48
C TYR C 373 -2.99 25.64 4.99
N LEU C 374 -2.11 26.29 5.74
CA LEU C 374 -2.13 26.20 7.20
C LEU C 374 -3.18 27.09 7.85
N ASN C 375 -3.90 27.90 7.07
CA ASN C 375 -5.00 28.70 7.61
C ASN C 375 -6.22 27.79 7.77
N PHE C 376 -6.25 27.08 8.89
CA PHE C 376 -7.24 26.02 9.08
C PHE C 376 -8.63 26.56 9.37
N ASP C 377 -8.73 27.76 9.95
CA ASP C 377 -10.03 28.27 10.35
C ASP C 377 -10.86 28.65 9.14
N LYS C 378 -12.09 28.16 9.08
CA LYS C 378 -12.98 28.42 7.96
C LYS C 378 -14.37 28.74 8.46
N ALA C 379 -15.08 29.56 7.71
CA ALA C 379 -16.50 29.80 7.91
C ALA C 379 -17.27 29.21 6.73
N VAL C 380 -18.47 28.71 7.01
CA VAL C 380 -19.27 28.02 6.00
C VAL C 380 -20.37 28.97 5.54
N PHE C 381 -20.38 29.27 4.23
CA PHE C 381 -21.35 30.14 3.59
C PHE C 381 -22.12 29.38 2.51
N LYS C 382 -23.39 29.73 2.35
CA LYS C 382 -24.19 29.21 1.26
C LYS C 382 -24.11 30.14 0.06
N ILE C 383 -23.99 29.57 -1.14
CA ILE C 383 -23.86 30.33 -2.37
C ILE C 383 -24.74 29.70 -3.45
N ASN C 384 -24.94 30.46 -4.54
CA ASN C 384 -25.62 29.96 -5.73
C ASN C 384 -24.90 30.55 -6.93
N ILE C 385 -23.94 29.78 -7.48
CA ILE C 385 -23.07 30.27 -8.54
C ILE C 385 -23.66 30.07 -9.93
N VAL C 386 -24.83 29.47 -10.04
CA VAL C 386 -25.40 29.13 -11.35
C VAL C 386 -25.97 30.36 -12.06
N PRO C 387 -26.70 31.25 -11.40
CA PRO C 387 -27.20 32.44 -12.10
C PRO C 387 -26.06 33.33 -12.58
N LYS C 388 -26.15 33.76 -13.84
CA LYS C 388 -25.07 34.55 -14.44
C LYS C 388 -24.97 35.94 -13.82
N VAL C 389 -25.99 36.40 -13.10
CA VAL C 389 -25.89 37.65 -12.36
C VAL C 389 -25.19 37.46 -11.02
N ASN C 390 -24.98 36.23 -10.59
CA ASN C 390 -24.30 35.92 -9.33
C ASN C 390 -22.84 35.55 -9.50
N TYR C 391 -22.51 34.82 -10.56
CA TYR C 391 -21.19 34.22 -10.71
C TYR C 391 -21.01 33.85 -12.17
N THR C 392 -19.96 34.35 -12.81
CA THR C 392 -19.74 34.09 -14.22
C THR C 392 -18.46 33.27 -14.40
N ILE C 393 -18.33 32.69 -15.60
CA ILE C 393 -17.22 31.79 -15.87
C ILE C 393 -15.89 32.56 -15.91
N TYR C 394 -15.92 33.79 -16.41
CA TYR C 394 -14.68 34.53 -16.63
C TYR C 394 -14.23 35.33 -15.41
N ASP C 395 -15.16 35.76 -14.56
CA ASP C 395 -14.82 36.62 -13.44
C ASP C 395 -15.11 36.02 -12.07
N GLY C 396 -15.87 34.94 -12.00
CA GLY C 396 -16.25 34.42 -10.69
C GLY C 396 -17.23 35.36 -10.01
N PHE C 397 -16.93 35.72 -8.76
CA PHE C 397 -17.76 36.66 -8.03
C PHE C 397 -17.47 38.11 -8.36
N ASN C 398 -16.29 38.40 -8.92
CA ASN C 398 -15.86 39.76 -9.20
C ASN C 398 -16.29 40.17 -10.61
N LEU C 399 -17.60 40.39 -10.74
CA LEU C 399 -18.20 40.60 -12.06
C LEU C 399 -17.63 41.83 -12.75
N ARG C 400 -17.52 41.75 -14.07
CA ARG C 400 -17.06 42.87 -14.88
C ARG C 400 -17.98 44.06 -14.71
N ASN C 401 -17.38 45.26 -14.69
CA ASN C 401 -18.10 46.52 -14.80
C ASN C 401 -19.15 46.70 -13.71
N THR C 402 -18.93 46.11 -12.55
CA THR C 402 -19.83 46.26 -11.40
C THR C 402 -19.06 46.82 -10.22
N ASN C 403 -19.78 47.03 -9.12
CA ASN C 403 -19.14 47.38 -7.85
C ASN C 403 -18.20 46.29 -7.36
N LEU C 404 -18.39 45.05 -7.83
CA LEU C 404 -17.61 43.90 -7.36
C LEU C 404 -16.32 43.70 -8.12
N ALA C 405 -16.07 44.49 -9.17
CA ALA C 405 -14.90 44.27 -10.03
C ALA C 405 -13.59 44.71 -9.38
N ALA C 406 -13.63 45.65 -8.44
CA ALA C 406 -12.43 46.21 -7.84
C ALA C 406 -12.15 45.58 -6.48
N ASN C 407 -10.86 45.51 -6.13
CA ASN C 407 -10.40 45.06 -4.81
C ASN C 407 -11.06 43.74 -4.39
N PHE C 408 -11.38 42.89 -5.36
CA PHE C 408 -12.02 41.60 -5.11
C PHE C 408 -13.27 41.76 -4.24
N ASN C 409 -14.03 42.83 -4.49
CA ASN C 409 -15.22 43.08 -3.70
C ASN C 409 -16.27 41.99 -3.88
N GLY C 410 -16.24 41.26 -5.00
CA GLY C 410 -17.18 40.18 -5.20
C GLY C 410 -17.04 39.06 -4.17
N GLN C 411 -15.85 38.89 -3.63
CA GLN C 411 -15.61 37.87 -2.61
C GLN C 411 -15.84 38.38 -1.19
N ASN C 412 -16.19 39.66 -1.04
CA ASN C 412 -16.55 40.22 0.26
C ASN C 412 -17.98 39.78 0.59
N THR C 413 -18.13 38.97 1.63
CA THR C 413 -19.45 38.44 1.98
C THR C 413 -20.40 39.50 2.50
N GLU C 414 -19.92 40.71 2.76
CA GLU C 414 -20.76 41.79 3.25
C GLU C 414 -21.03 42.87 2.20
N ILE C 415 -20.10 43.11 1.27
CA ILE C 415 -20.38 43.99 0.15
C ILE C 415 -21.26 43.28 -0.87
N ASN C 416 -20.88 42.06 -1.24
CA ASN C 416 -21.69 41.20 -2.10
C ASN C 416 -22.63 40.34 -1.26
N ASN C 417 -23.39 41.00 -0.39
CA ASN C 417 -24.22 40.29 0.59
C ASN C 417 -25.33 39.48 -0.05
N MET C 418 -25.69 39.75 -1.30
CA MET C 418 -26.75 38.99 -1.95
C MET C 418 -26.28 37.62 -2.42
N ASN C 419 -25.02 37.27 -2.21
CA ASN C 419 -24.47 36.01 -2.71
C ASN C 419 -23.96 35.06 -1.64
N PHE C 420 -23.91 35.49 -0.38
CA PHE C 420 -23.37 34.67 0.68
C PHE C 420 -24.30 34.73 1.89
N THR C 421 -24.58 33.56 2.46
CA THR C 421 -25.37 33.47 3.69
C THR C 421 -24.58 32.63 4.68
N LYS C 422 -24.14 33.24 5.77
CA LYS C 422 -23.28 32.55 6.72
C LYS C 422 -24.07 31.44 7.40
N LEU C 423 -23.56 30.21 7.30
CA LEU C 423 -24.17 29.05 7.94
C LEU C 423 -23.40 28.56 9.15
N LYS C 424 -22.07 28.62 9.12
CA LYS C 424 -21.29 28.20 10.28
C LYS C 424 -20.19 29.23 10.52
N ASN C 425 -20.05 29.64 11.78
CA ASN C 425 -19.10 30.68 12.14
C ASN C 425 -17.69 30.12 12.31
N PHE C 426 -16.72 31.03 12.39
CA PHE C 426 -15.33 30.65 12.62
C PHE C 426 -15.18 29.94 13.96
N THR C 427 -14.35 28.89 13.97
CA THR C 427 -14.09 28.17 15.21
C THR C 427 -13.25 29.00 16.16
N GLY C 428 -12.29 29.76 15.63
CA GLY C 428 -11.37 30.49 16.48
C GLY C 428 -10.35 29.63 17.18
N LEU C 429 -10.16 28.39 16.72
CA LEU C 429 -9.30 27.42 17.40
C LEU C 429 -7.96 27.20 16.70
N PHE C 430 -7.64 27.98 15.67
CA PHE C 430 -6.41 27.80 14.92
C PHE C 430 -5.65 29.11 14.80
N GLU C 431 -5.62 29.90 15.86
CA GLU C 431 -4.98 31.21 15.85
C GLU C 431 -3.67 31.10 16.62
N PHE C 432 -2.66 30.55 15.95
CA PHE C 432 -1.32 30.39 16.49
C PHE C 432 -0.40 30.01 15.34
N TYR C 433 0.90 30.22 15.55
CA TYR C 433 1.87 29.89 14.52
C TYR C 433 1.99 28.38 14.35
N LYS C 434 2.04 27.95 13.10
CA LYS C 434 2.15 26.53 12.75
C LYS C 434 3.61 26.21 12.44
N LEU C 435 4.26 25.53 13.37
CA LEU C 435 5.63 25.05 13.21
C LEU C 435 5.58 23.61 12.76
N LEU C 436 6.01 23.33 11.54
CA LEU C 436 5.93 22.00 10.96
C LEU C 436 7.17 21.20 11.32
N CYS C 437 6.96 19.99 11.85
CA CYS C 437 8.02 19.06 12.15
C CYS C 437 7.67 17.73 11.49
N VAL C 438 8.59 17.19 10.68
CA VAL C 438 8.33 15.94 9.97
C VAL C 438 8.07 14.84 10.98
N ARG C 439 7.00 14.09 10.76
CA ARG C 439 6.72 12.94 11.59
C ARG C 439 7.54 11.75 11.09
N GLY C 440 8.03 10.95 12.02
CA GLY C 440 8.87 9.84 11.64
C GLY C 440 8.06 8.67 11.12
N ILE C 441 8.79 7.68 10.59
CA ILE C 441 8.14 6.48 10.08
C ILE C 441 7.43 5.77 11.22
N ILE C 442 6.22 5.31 10.95
CA ILE C 442 5.41 4.63 11.95
C ILE C 442 5.09 3.22 11.43
N THR C 443 4.99 2.27 12.35
CA THR C 443 4.55 0.94 11.99
C THR C 443 3.07 0.97 11.62
N SER C 444 2.69 0.12 10.67
CA SER C 444 1.34 0.10 10.15
C SER C 444 0.94 -1.33 9.84
N LYS C 445 -0.36 -1.55 9.64
CA LYS C 445 -0.88 -2.86 9.30
C LYS C 445 -1.19 -2.98 7.82
N GLN D 6 -26.03 19.82 -32.09
CA GLN D 6 -24.84 20.64 -31.91
C GLN D 6 -23.98 20.64 -33.17
N VAL D 7 -23.72 19.46 -33.71
CA VAL D 7 -22.94 19.31 -34.94
C VAL D 7 -23.64 18.29 -35.81
N GLN D 8 -23.96 18.67 -37.05
CA GLN D 8 -24.67 17.80 -37.98
C GLN D 8 -23.71 17.15 -38.98
N LEU D 9 -24.00 15.90 -39.34
CA LEU D 9 -23.17 15.11 -40.22
C LEU D 9 -24.01 14.52 -41.34
N VAL D 10 -23.58 14.73 -42.58
CA VAL D 10 -24.25 14.17 -43.76
C VAL D 10 -23.25 13.30 -44.52
N GLU D 11 -23.71 12.20 -45.07
CA GLU D 11 -22.85 11.24 -45.77
C GLU D 11 -23.29 11.10 -47.21
N THR D 12 -22.33 11.20 -48.12
CA THR D 12 -22.57 11.09 -49.54
C THR D 12 -21.52 10.18 -50.16
N GLY D 13 -21.89 9.54 -51.27
CA GLY D 13 -20.93 8.81 -52.08
C GLY D 13 -21.24 7.34 -52.28
N GLY D 14 -22.16 6.77 -51.51
CA GLY D 14 -22.46 5.37 -51.65
C GLY D 14 -23.01 5.04 -53.02
N GLY D 15 -22.81 3.80 -53.44
CA GLY D 15 -23.30 3.38 -54.73
C GLY D 15 -22.93 1.94 -55.01
N LEU D 16 -22.99 1.58 -56.29
CA LEU D 16 -22.66 0.23 -56.75
C LEU D 16 -21.32 0.26 -57.46
N VAL D 17 -20.40 -0.61 -57.03
CA VAL D 17 -19.08 -0.72 -57.60
C VAL D 17 -18.74 -2.19 -57.77
N GLN D 18 -17.58 -2.47 -58.36
CA GLN D 18 -17.14 -3.82 -58.66
C GLN D 18 -15.96 -4.18 -57.78
N ALA D 19 -15.80 -5.48 -57.51
CA ALA D 19 -14.77 -5.93 -56.59
C ALA D 19 -13.39 -5.56 -57.11
N GLY D 20 -12.60 -4.89 -56.26
CA GLY D 20 -11.24 -4.53 -56.56
C GLY D 20 -11.02 -3.04 -56.81
N ASP D 21 -12.04 -2.35 -57.31
CA ASP D 21 -11.88 -0.93 -57.64
C ASP D 21 -11.89 -0.11 -56.35
N SER D 22 -11.90 1.20 -56.50
CA SER D 22 -11.84 2.12 -55.37
C SER D 22 -13.13 2.91 -55.26
N LEU D 23 -13.29 3.59 -54.13
CA LEU D 23 -14.46 4.41 -53.87
C LEU D 23 -14.10 5.40 -52.77
N THR D 24 -14.81 6.51 -52.72
CA THR D 24 -14.56 7.51 -51.69
C THR D 24 -15.89 8.01 -51.13
N LEU D 25 -16.03 7.96 -49.81
CA LEU D 25 -17.21 8.45 -49.13
C LEU D 25 -16.91 9.78 -48.46
N SER D 26 -17.87 10.70 -48.53
CA SER D 26 -17.72 12.04 -47.97
C SER D 26 -18.65 12.22 -46.79
N CYS D 27 -18.13 12.83 -45.74
CA CYS D 27 -18.87 13.18 -44.54
C CYS D 27 -18.73 14.69 -44.36
N ALA D 28 -19.81 15.41 -44.67
CA ALA D 28 -19.87 16.84 -44.48
C ALA D 28 -20.37 17.16 -43.08
N ALA D 29 -19.80 18.21 -42.49
CA ALA D 29 -20.08 18.59 -41.10
C ALA D 29 -20.51 20.04 -41.05
N THR D 30 -21.59 20.31 -40.32
CA THR D 30 -22.05 21.68 -40.11
C THR D 30 -22.16 21.99 -38.61
N THR D 33 -18.02 23.14 -36.97
CA THR D 33 -16.89 23.49 -36.11
C THR D 33 -15.76 22.48 -36.29
N LEU D 34 -15.95 21.29 -35.71
CA LEU D 34 -15.08 20.12 -35.80
C LEU D 34 -13.79 20.20 -34.98
N ASP D 35 -13.51 21.30 -34.29
CA ASP D 35 -12.31 21.36 -33.48
C ASP D 35 -12.44 20.50 -32.22
N TYR D 36 -11.37 19.78 -31.90
CA TYR D 36 -11.33 18.88 -30.75
C TYR D 36 -12.40 17.80 -30.83
N TYR D 37 -12.75 17.41 -32.06
CA TYR D 37 -13.68 16.34 -32.34
C TYR D 37 -12.94 15.19 -33.02
N ALA D 38 -13.50 14.00 -32.90
CA ALA D 38 -12.98 12.81 -33.57
C ALA D 38 -14.10 12.25 -34.44
N LEU D 39 -13.78 12.02 -35.71
CA LEU D 39 -14.72 11.51 -36.68
C LEU D 39 -14.39 10.07 -37.00
N GLY D 40 -15.40 9.20 -36.86
CA GLY D 40 -15.21 7.79 -37.09
C GLY D 40 -16.24 7.26 -38.09
N TRP D 41 -15.89 6.12 -38.67
CA TRP D 41 -16.70 5.44 -39.68
C TRP D 41 -16.98 4.03 -39.20
N PHE D 42 -18.23 3.60 -39.39
CA PHE D 42 -18.73 2.30 -38.96
C PHE D 42 -19.48 1.62 -40.11
N ARG D 43 -19.38 0.29 -40.16
CA ARG D 43 -20.16 -0.51 -41.10
C ARG D 43 -21.36 -1.14 -40.40
N GLN D 44 -22.37 -1.49 -41.19
CA GLN D 44 -23.49 -2.27 -40.68
C GLN D 44 -24.11 -3.06 -41.83
N VAL D 45 -24.00 -4.38 -41.77
CA VAL D 45 -24.73 -5.26 -42.66
C VAL D 45 -26.09 -5.56 -42.01
N PRO D 46 -27.21 -5.48 -42.75
CA PRO D 46 -28.51 -5.78 -42.13
C PRO D 46 -28.57 -7.17 -41.56
N GLY D 47 -28.42 -7.27 -40.24
CA GLY D 47 -28.34 -8.56 -39.57
C GLY D 47 -27.40 -8.53 -38.39
N ASN D 48 -26.10 -8.47 -38.66
CA ASN D 48 -25.11 -8.47 -37.59
C ASN D 48 -25.00 -7.09 -36.95
N LYS D 49 -24.19 -7.03 -35.89
CA LYS D 49 -23.97 -5.78 -35.18
C LYS D 49 -23.16 -4.81 -36.03
N ARG D 50 -23.37 -3.52 -35.77
CA ARG D 50 -22.61 -2.47 -36.45
C ARG D 50 -21.15 -2.52 -35.98
N GLU D 51 -20.23 -2.68 -36.92
CA GLU D 51 -18.81 -2.79 -36.60
C GLU D 51 -18.09 -1.48 -36.92
N PHE D 52 -16.85 -1.40 -36.46
CA PHE D 52 -16.05 -0.19 -36.56
C PHE D 52 -15.14 -0.26 -37.78
N VAL D 53 -15.14 0.81 -38.57
CA VAL D 53 -14.21 0.91 -39.70
C VAL D 53 -12.95 1.60 -39.22
N ALA D 54 -13.04 2.92 -39.04
CA ALA D 54 -11.80 3.68 -38.83
C ALA D 54 -12.12 5.11 -38.45
N ALA D 55 -11.20 5.74 -37.72
CA ALA D 55 -11.43 7.05 -37.15
C ALA D 55 -10.16 7.89 -37.19
N ILE D 56 -10.35 9.22 -37.15
CA ILE D 56 -9.29 10.22 -36.98
C ILE D 56 -9.79 11.27 -36.00
N ASN D 57 -8.89 12.15 -35.56
CA ASN D 57 -9.23 13.20 -34.59
C ASN D 57 -9.31 14.58 -35.22
N TRP D 58 -9.15 14.69 -36.54
CA TRP D 58 -9.32 15.96 -37.24
C TRP D 58 -8.22 16.96 -36.93
N LEU D 59 -8.10 17.34 -35.66
CA LEU D 59 -7.05 18.33 -35.28
C LEU D 59 -5.68 17.66 -35.33
N GLY D 60 -5.52 16.55 -34.58
CA GLY D 60 -4.26 15.79 -34.54
C GLY D 60 -3.86 15.13 -35.84
N GLY D 61 -4.81 14.55 -36.58
CA GLY D 61 -4.51 13.80 -37.82
C GLY D 61 -4.13 12.35 -37.50
N SER D 62 -4.38 11.96 -36.25
CA SER D 62 -4.11 10.67 -35.57
C SER D 62 -5.08 9.59 -36.06
N THR D 63 -4.66 8.55 -36.81
CA THR D 63 -5.64 7.66 -37.39
C THR D 63 -5.64 6.33 -36.65
N TYR D 64 -6.74 5.60 -36.81
CA TYR D 64 -6.83 4.24 -36.29
C TYR D 64 -7.82 3.50 -37.16
N TYR D 65 -7.39 2.34 -37.67
CA TYR D 65 -8.17 1.53 -38.59
C TYR D 65 -8.40 0.16 -37.98
N ALA D 66 -9.58 -0.40 -38.25
CA ALA D 66 -9.85 -1.77 -37.83
C ALA D 66 -9.12 -2.74 -38.74
N ASP D 67 -8.74 -3.88 -38.17
CA ASP D 67 -7.93 -4.85 -38.89
C ASP D 67 -8.65 -5.42 -40.11
N SER D 68 -9.96 -5.19 -40.25
CA SER D 68 -10.65 -5.58 -41.46
C SER D 68 -10.33 -4.68 -42.64
N VAL D 69 -9.89 -3.44 -42.39
CA VAL D 69 -9.65 -2.47 -43.45
C VAL D 69 -8.26 -1.85 -43.39
N ARG D 70 -7.40 -2.27 -42.45
CA ARG D 70 -6.07 -1.71 -42.37
C ARG D 70 -5.29 -1.99 -43.64
N GLY D 71 -4.63 -0.96 -44.17
CA GLY D 71 -3.90 -1.06 -45.42
C GLY D 71 -4.74 -0.93 -46.66
N ARG D 72 -6.06 -1.08 -46.56
CA ARG D 72 -6.96 -0.92 -47.69
C ARG D 72 -7.73 0.40 -47.65
N PHE D 73 -8.32 0.73 -46.51
CA PHE D 73 -9.05 1.99 -46.35
C PHE D 73 -8.11 3.04 -45.77
N THR D 74 -8.25 4.27 -46.27
CA THR D 74 -7.43 5.39 -45.79
C THR D 74 -8.34 6.58 -45.48
N LEU D 75 -8.08 7.23 -44.35
CA LEU D 75 -8.81 8.43 -43.99
C LEU D 75 -8.08 9.66 -44.51
N SER D 76 -8.86 10.69 -44.87
CA SER D 76 -8.29 11.95 -45.31
C SER D 76 -9.26 13.06 -44.94
N ARG D 77 -8.72 14.25 -44.70
CA ARG D 77 -9.53 15.39 -44.31
C ARG D 77 -9.36 16.52 -45.33
N ASP D 78 -10.31 17.45 -45.31
CA ASP D 78 -10.24 18.64 -46.14
C ASP D 78 -10.82 19.80 -45.35
N ASN D 79 -9.95 20.75 -44.98
CA ASN D 79 -10.39 21.91 -44.21
C ASN D 79 -10.85 23.06 -45.07
N SER D 80 -10.67 22.97 -46.39
CA SER D 80 -11.25 23.96 -47.29
C SER D 80 -12.78 23.95 -47.22
N LYS D 81 -13.36 22.76 -47.09
CA LYS D 81 -14.81 22.59 -47.04
C LYS D 81 -15.29 21.90 -45.77
N SER D 82 -14.39 21.67 -44.81
CA SER D 82 -14.74 21.04 -43.53
C SER D 82 -15.38 19.67 -43.75
N THR D 83 -14.73 18.85 -44.56
CA THR D 83 -15.26 17.56 -44.98
C THR D 83 -14.26 16.45 -44.66
N LEU D 84 -14.79 15.24 -44.50
CA LEU D 84 -14.00 14.05 -44.23
C LEU D 84 -14.20 13.08 -45.39
N TYR D 85 -13.14 12.35 -45.75
CA TYR D 85 -13.19 11.40 -46.84
C TYR D 85 -12.63 10.06 -46.38
N LEU D 86 -13.40 9.01 -46.62
CA LEU D 86 -12.96 7.64 -46.40
C LEU D 86 -12.71 7.02 -47.78
N ASN D 87 -11.44 6.74 -48.09
CA ASN D 87 -11.04 6.19 -49.37
C ASN D 87 -10.92 4.68 -49.21
N MET D 88 -11.92 3.96 -49.70
CA MET D 88 -11.97 2.52 -49.66
C MET D 88 -11.31 1.98 -50.93
N ASN D 89 -10.17 1.33 -50.78
CA ASN D 89 -9.42 0.76 -51.89
C ASN D 89 -9.44 -0.76 -51.82
N ASN D 90 -9.40 -1.38 -53.00
CA ASN D 90 -9.40 -2.84 -53.12
C ASN D 90 -10.63 -3.44 -52.42
N LEU D 91 -11.79 -2.96 -52.84
CA LEU D 91 -13.04 -3.40 -52.23
C LEU D 91 -13.28 -4.88 -52.47
N ILE D 92 -13.88 -5.53 -51.49
CA ILE D 92 -14.22 -6.96 -51.56
C ILE D 92 -15.69 -7.10 -51.23
N PRO D 93 -16.31 -8.23 -51.62
CA PRO D 93 -17.74 -8.40 -51.35
C PRO D 93 -18.14 -8.28 -49.89
N ASP D 94 -17.20 -8.49 -48.95
CA ASP D 94 -17.52 -8.35 -47.53
C ASP D 94 -17.61 -6.90 -47.08
N ASP D 95 -17.27 -5.95 -47.94
CA ASP D 95 -17.41 -4.54 -47.59
C ASP D 95 -18.79 -3.99 -47.85
N THR D 96 -19.67 -4.76 -48.50
CA THR D 96 -21.04 -4.34 -48.77
C THR D 96 -21.78 -4.12 -47.45
N ALA D 97 -22.13 -2.87 -47.15
CA ALA D 97 -22.80 -2.53 -45.90
C ALA D 97 -23.24 -1.07 -45.95
N VAL D 98 -23.96 -0.65 -44.92
CA VAL D 98 -24.30 0.76 -44.73
C VAL D 98 -23.19 1.38 -43.89
N TYR D 99 -22.56 2.42 -44.43
CA TYR D 99 -21.47 3.12 -43.77
C TYR D 99 -22.01 4.38 -43.11
N TYR D 100 -21.73 4.50 -41.82
CA TYR D 100 -22.12 5.66 -41.02
C TYR D 100 -20.87 6.43 -40.58
N CYS D 101 -21.06 7.73 -40.39
CA CYS D 101 -20.02 8.64 -39.94
C CYS D 101 -20.50 9.34 -38.68
N ALA D 102 -19.68 9.30 -37.63
CA ALA D 102 -20.07 9.77 -36.31
C ALA D 102 -18.96 10.64 -35.72
N ALA D 103 -19.31 11.39 -34.68
CA ALA D 103 -18.39 12.31 -34.04
C ALA D 103 -18.44 12.17 -32.52
N ASP D 104 -17.28 12.36 -31.90
CA ASP D 104 -17.17 12.39 -30.44
C ASP D 104 -16.29 13.56 -30.03
N PHE D 105 -16.65 14.23 -28.94
CA PHE D 105 -15.90 15.39 -28.47
C PHE D 105 -15.05 15.02 -27.24
N SER D 106 -13.78 15.40 -27.29
CA SER D 106 -12.88 15.29 -26.14
C SER D 106 -11.76 16.29 -26.30
N ILE D 107 -11.38 16.94 -25.20
CA ILE D 107 -10.35 17.97 -25.25
C ILE D 107 -8.96 17.39 -25.44
N ALA D 108 -8.82 16.06 -25.42
CA ALA D 108 -7.53 15.42 -25.56
C ALA D 108 -7.27 14.97 -27.00
N TYR D 109 -8.17 15.26 -27.92
CA TYR D 109 -8.00 14.77 -29.28
C TYR D 109 -6.89 15.50 -30.02
N SER D 110 -6.55 16.71 -29.59
CA SER D 110 -5.44 17.46 -30.18
C SER D 110 -4.15 16.64 -30.17
N GLY D 111 -3.41 16.71 -31.27
CA GLY D 111 -2.09 16.13 -31.32
C GLY D 111 -2.04 14.69 -31.82
N THR D 112 -1.17 13.90 -31.22
CA THR D 112 -0.98 12.50 -31.60
C THR D 112 -1.92 11.54 -30.85
N TYR D 113 -2.88 12.07 -30.10
CA TYR D 113 -3.76 11.22 -29.29
C TYR D 113 -4.72 10.42 -30.19
N PRO D 114 -4.87 9.12 -29.95
CA PRO D 114 -5.73 8.30 -30.82
C PRO D 114 -7.20 8.57 -30.57
N PRO D 115 -8.01 8.55 -31.62
CA PRO D 115 -9.46 8.73 -31.46
C PRO D 115 -10.10 7.51 -30.80
N ALA D 116 -11.39 7.66 -30.49
CA ALA D 116 -12.14 6.57 -29.89
C ALA D 116 -12.52 5.54 -30.96
N TYR D 117 -12.67 4.29 -30.51
CA TYR D 117 -12.96 3.17 -31.41
C TYR D 117 -14.29 2.50 -31.10
N ALA D 118 -15.02 2.95 -30.10
CA ALA D 118 -16.24 2.28 -29.64
C ALA D 118 -17.47 3.07 -30.06
N GLU D 119 -18.53 2.34 -30.40
CA GLU D 119 -19.76 2.97 -30.87
C GLU D 119 -20.33 3.91 -29.82
N TYR D 120 -20.28 3.52 -28.54
CA TYR D 120 -20.89 4.32 -27.49
C TYR D 120 -20.16 5.65 -27.29
N ASP D 121 -18.85 5.69 -27.56
CA ASP D 121 -18.11 6.94 -27.39
C ASP D 121 -18.61 8.03 -28.34
N TYR D 122 -18.97 7.66 -29.57
CA TYR D 122 -19.47 8.63 -30.53
C TYR D 122 -20.93 8.96 -30.24
N ASP D 123 -21.23 10.25 -30.18
CA ASP D 123 -22.55 10.73 -29.75
C ASP D 123 -23.38 11.30 -30.88
N TYR D 124 -22.77 11.93 -31.88
CA TYR D 124 -23.49 12.48 -33.01
C TYR D 124 -23.32 11.56 -34.22
N TRP D 125 -24.41 11.35 -34.96
CA TRP D 125 -24.43 10.38 -36.04
C TRP D 125 -25.05 10.99 -37.29
N GLY D 126 -24.80 10.31 -38.42
CA GLY D 126 -25.44 10.62 -39.68
C GLY D 126 -26.36 9.49 -40.12
N GLN D 127 -26.94 9.68 -41.31
CA GLN D 127 -27.88 8.71 -41.84
C GLN D 127 -27.22 7.56 -42.57
N GLY D 128 -25.99 7.75 -43.05
CA GLY D 128 -25.24 6.67 -43.67
C GLY D 128 -25.56 6.52 -45.16
N THR D 129 -24.67 5.80 -45.85
CA THR D 129 -24.87 5.50 -47.26
C THR D 129 -24.52 4.05 -47.51
N GLN D 130 -25.23 3.43 -48.46
CA GLN D 130 -25.04 2.03 -48.75
C GLN D 130 -23.93 1.84 -49.76
N VAL D 131 -23.09 0.84 -49.53
CA VAL D 131 -22.03 0.44 -50.45
C VAL D 131 -22.25 -1.02 -50.80
N THR D 132 -22.36 -1.29 -52.09
CA THR D 132 -22.60 -2.65 -52.59
C THR D 132 -21.56 -2.98 -53.63
N VAL D 133 -20.88 -4.12 -53.46
CA VAL D 133 -19.78 -4.53 -54.30
C VAL D 133 -20.18 -5.78 -55.08
N SER D 134 -20.07 -5.72 -56.40
CA SER D 134 -20.42 -6.83 -57.28
C SER D 134 -19.20 -7.67 -57.61
N SER D 135 -19.47 -8.89 -58.09
CA SER D 135 -18.44 -9.88 -58.40
C SER D 135 -17.55 -10.16 -57.19
N GLN E 6 -16.24 -31.53 6.63
CA GLN E 6 -17.15 -30.45 6.28
C GLN E 6 -18.38 -30.45 7.19
N VAL E 7 -18.59 -29.35 7.91
CA VAL E 7 -19.72 -29.21 8.83
C VAL E 7 -20.97 -28.92 8.02
N GLN E 8 -22.12 -29.31 8.58
CA GLN E 8 -23.40 -29.08 7.90
C GLN E 8 -24.52 -28.91 8.92
N LEU E 9 -25.41 -27.96 8.62
CA LEU E 9 -26.60 -27.70 9.42
C LEU E 9 -27.82 -28.12 8.61
N VAL E 10 -28.67 -28.94 9.20
CA VAL E 10 -29.93 -29.33 8.57
C VAL E 10 -31.09 -28.92 9.47
N GLU E 11 -32.05 -28.19 8.89
CA GLU E 11 -33.23 -27.77 9.60
C GLU E 11 -34.47 -28.48 9.04
N THR E 12 -35.43 -28.73 9.94
CA THR E 12 -36.65 -29.44 9.61
C THR E 12 -37.81 -28.85 10.41
N GLY E 13 -39.02 -29.23 10.03
CA GLY E 13 -40.23 -28.75 10.66
C GLY E 13 -40.99 -27.70 9.88
N GLY E 14 -40.56 -27.38 8.67
CA GLY E 14 -41.23 -26.39 7.86
C GLY E 14 -42.35 -27.00 7.05
N ALA E 15 -43.54 -26.43 7.20
CA ALA E 15 -44.71 -26.91 6.47
C ALA E 15 -45.76 -25.80 6.49
N LEU E 16 -47.02 -26.17 6.25
CA LEU E 16 -48.11 -25.23 6.35
C LEU E 16 -48.47 -25.04 7.81
N VAL E 17 -48.90 -23.82 8.16
CA VAL E 17 -49.31 -23.50 9.52
C VAL E 17 -50.56 -22.64 9.46
N GLN E 18 -51.55 -22.98 10.29
CA GLN E 18 -52.69 -22.12 10.46
C GLN E 18 -52.38 -21.06 11.52
N PRO E 19 -52.97 -19.86 11.40
CA PRO E 19 -52.65 -18.79 12.35
C PRO E 19 -52.81 -19.16 13.81
N GLY E 20 -53.78 -20.02 14.14
CA GLY E 20 -53.91 -20.48 15.52
C GLY E 20 -52.80 -21.41 15.95
N GLN E 21 -52.30 -22.23 15.03
CA GLN E 21 -51.33 -23.27 15.36
C GLN E 21 -50.00 -22.66 15.81
N SER E 22 -49.19 -23.51 16.44
CA SER E 22 -47.87 -23.13 16.93
C SER E 22 -46.84 -24.05 16.31
N LEU E 23 -45.70 -23.50 15.94
CA LEU E 23 -44.71 -24.20 15.13
C LEU E 23 -43.43 -24.43 15.92
N THR E 24 -42.69 -25.45 15.51
CA THR E 24 -41.39 -25.77 16.09
C THR E 24 -40.43 -26.14 14.97
N LEU E 25 -39.38 -25.35 14.79
CA LEU E 25 -38.35 -25.61 13.79
C LEU E 25 -37.11 -26.15 14.49
N SER E 26 -36.52 -27.20 13.94
CA SER E 26 -35.35 -27.84 14.52
C SER E 26 -34.16 -27.67 13.59
N CYS E 27 -32.97 -27.53 14.19
CA CYS E 27 -31.73 -27.43 13.44
C CYS E 27 -30.68 -28.28 14.13
N THR E 28 -30.06 -29.18 13.37
CA THR E 28 -29.02 -30.05 13.91
C THR E 28 -27.72 -29.89 13.12
N THR E 29 -26.62 -30.21 13.78
CA THR E 29 -25.28 -30.11 13.22
C THR E 29 -24.52 -31.41 13.52
N SER E 30 -23.33 -31.51 12.93
CA SER E 30 -22.54 -32.73 13.02
C SER E 30 -21.36 -32.65 13.99
N GLU E 31 -20.76 -31.47 14.17
CA GLU E 31 -19.58 -31.33 15.01
C GLU E 31 -19.84 -30.51 16.27
N ASN E 32 -21.08 -30.12 16.52
CA ASN E 32 -21.46 -29.29 17.67
C ASN E 32 -20.65 -27.98 17.67
N VAL E 33 -20.95 -27.17 16.66
CA VAL E 33 -20.41 -25.81 16.62
C VAL E 33 -21.29 -24.83 17.39
N PHE E 34 -22.46 -25.27 17.86
CA PHE E 34 -23.33 -24.40 18.65
C PHE E 34 -22.66 -23.99 19.96
N GLY E 35 -21.82 -24.86 20.53
CA GLY E 35 -21.13 -24.53 21.75
C GLY E 35 -19.91 -23.64 21.57
N ILE E 36 -19.52 -23.38 20.33
CA ILE E 36 -18.41 -22.48 20.03
C ILE E 36 -18.91 -21.07 19.72
N TYR E 37 -19.83 -20.93 18.76
CA TYR E 37 -20.38 -19.64 18.39
C TYR E 37 -21.73 -19.39 19.05
N GLY E 38 -22.68 -20.29 18.82
CA GLY E 38 -24.05 -20.12 19.24
C GLY E 38 -24.93 -20.60 18.11
N MET E 39 -26.04 -19.92 17.86
CA MET E 39 -26.87 -20.24 16.72
C MET E 39 -27.78 -19.05 16.44
N ALA E 40 -28.23 -18.98 15.19
CA ALA E 40 -29.13 -17.93 14.75
C ALA E 40 -30.15 -18.51 13.78
N TRP E 41 -31.39 -18.08 13.93
CA TRP E 41 -32.44 -18.32 12.95
C TRP E 41 -32.66 -17.03 12.18
N LEU E 42 -32.58 -17.11 10.85
CA LEU E 42 -32.86 -15.98 9.98
C LEU E 42 -33.91 -16.37 8.96
N ARG E 43 -34.93 -15.54 8.81
CA ARG E 43 -36.02 -15.83 7.89
C ARG E 43 -36.02 -14.81 6.76
N GLN E 44 -36.26 -15.28 5.53
CA GLN E 44 -36.34 -14.41 4.37
C GLN E 44 -37.68 -14.63 3.68
N ALA E 45 -38.46 -13.56 3.58
CA ALA E 45 -39.69 -13.46 2.81
C ALA E 45 -39.35 -13.05 1.38
N PRO E 46 -40.05 -13.60 0.38
CA PRO E 46 -39.71 -13.27 -1.02
C PRO E 46 -39.76 -11.77 -1.32
N GLY E 47 -40.65 -11.02 -0.69
CA GLY E 47 -40.74 -9.59 -0.92
C GLY E 47 -39.76 -8.77 -0.10
N ARG E 48 -39.47 -9.20 1.12
CA ARG E 48 -38.61 -8.45 2.02
C ARG E 48 -37.17 -8.94 1.92
N GLN E 49 -36.30 -8.37 2.73
CA GLN E 49 -34.89 -8.73 2.81
C GLN E 49 -34.65 -9.70 3.95
N ARG E 50 -33.42 -10.21 4.03
CA ARG E 50 -33.05 -11.14 5.08
C ARG E 50 -33.29 -10.53 6.45
N GLU E 51 -34.02 -11.26 7.30
CA GLU E 51 -34.37 -10.81 8.64
C GLU E 51 -33.77 -11.77 9.67
N LEU E 52 -33.10 -11.22 10.67
CA LEU E 52 -32.60 -12.00 11.80
C LEU E 52 -33.74 -12.14 12.79
N VAL E 53 -34.35 -13.32 12.84
CA VAL E 53 -35.49 -13.52 13.72
C VAL E 53 -35.05 -13.92 15.14
N ALA E 54 -34.07 -14.82 15.28
CA ALA E 54 -33.65 -15.24 16.61
C ALA E 54 -32.14 -15.41 16.65
N SER E 55 -31.55 -15.09 17.80
CA SER E 55 -30.13 -15.35 18.02
C SER E 55 -29.91 -15.81 19.44
N ILE E 56 -28.94 -16.69 19.63
CA ILE E 56 -28.57 -17.14 20.98
C ILE E 56 -27.10 -17.51 20.96
N THR E 57 -26.42 -17.21 22.07
CA THR E 57 -25.00 -17.51 22.19
C THR E 57 -24.80 -18.92 22.74
N SER E 58 -23.54 -19.34 22.82
CA SER E 58 -23.23 -20.64 23.38
C SER E 58 -23.51 -20.71 24.87
N ARG E 59 -23.58 -19.56 25.54
CA ARG E 59 -23.88 -19.54 26.97
C ARG E 59 -25.37 -19.59 27.26
N GLY E 60 -26.21 -19.18 26.31
CA GLY E 60 -27.65 -19.25 26.47
C GLY E 60 -28.38 -17.93 26.34
N THR E 61 -27.69 -16.78 26.37
CA THR E 61 -28.36 -15.50 26.23
C THR E 61 -29.02 -15.38 24.85
N ALA E 62 -30.28 -15.00 24.84
CA ALA E 62 -31.08 -14.96 23.62
C ALA E 62 -31.48 -13.52 23.31
N HIS E 63 -31.55 -13.21 22.02
CA HIS E 63 -32.00 -11.93 21.53
C HIS E 63 -32.96 -12.14 20.36
N TYR E 64 -34.00 -11.32 20.32
CA TYR E 64 -35.07 -11.46 19.35
C TYR E 64 -35.27 -10.16 18.58
N HIS E 65 -35.84 -10.30 17.39
CA HIS E 65 -36.25 -9.13 16.61
C HIS E 65 -37.56 -8.58 17.17
N ASP E 66 -37.79 -7.28 16.94
CA ASP E 66 -38.95 -6.63 17.50
C ASP E 66 -40.26 -7.12 16.88
N SER E 67 -40.20 -7.63 15.64
CA SER E 67 -41.40 -8.19 15.02
C SER E 67 -41.85 -9.45 15.74
N VAL E 68 -40.91 -10.28 16.18
CA VAL E 68 -41.21 -11.59 16.75
C VAL E 68 -41.06 -11.61 18.26
N LYS E 69 -40.80 -10.45 18.89
CA LYS E 69 -40.54 -10.41 20.33
C LYS E 69 -41.79 -10.82 21.10
N GLY E 70 -41.64 -11.87 21.93
CA GLY E 70 -42.76 -12.39 22.69
C GLY E 70 -43.28 -13.69 22.10
N ARG E 71 -43.79 -13.61 20.87
CA ARG E 71 -44.39 -14.75 20.19
C ARG E 71 -43.37 -15.82 19.80
N PHE E 72 -42.08 -15.53 19.86
CA PHE E 72 -41.03 -16.48 19.48
C PHE E 72 -40.15 -16.80 20.68
N THR E 73 -39.57 -18.01 20.66
CA THR E 73 -38.62 -18.41 21.69
C THR E 73 -37.59 -19.35 21.10
N ILE E 74 -36.32 -19.08 21.36
CA ILE E 74 -35.21 -19.86 20.83
C ILE E 74 -34.56 -20.63 21.97
N SER E 75 -34.29 -21.91 21.76
CA SER E 75 -33.68 -22.77 22.76
C SER E 75 -32.52 -23.53 22.16
N ARG E 76 -31.48 -23.71 22.96
CA ARG E 76 -30.24 -24.41 22.62
C ARG E 76 -29.88 -25.50 23.60
N GLU E 77 -30.11 -25.28 24.90
CA GLU E 77 -30.00 -26.31 25.93
C GLU E 77 -28.60 -26.92 25.98
N SER E 78 -27.63 -26.07 26.34
CA SER E 78 -26.27 -26.48 26.69
C SER E 78 -25.66 -27.52 25.74
N GLY E 79 -25.24 -28.65 26.30
CA GLY E 79 -24.48 -29.66 25.57
C GLY E 79 -25.18 -30.26 24.37
N LYS E 80 -26.48 -30.02 24.21
CA LYS E 80 -27.22 -30.59 23.09
C LYS E 80 -26.70 -30.05 21.76
N THR E 81 -26.81 -30.86 20.72
CA THR E 81 -26.32 -30.51 19.39
C THR E 81 -27.46 -30.15 18.44
N THR E 82 -28.66 -29.89 18.97
CA THR E 82 -29.80 -29.47 18.16
C THR E 82 -30.47 -28.29 18.86
N ALA E 83 -30.86 -27.30 18.06
CA ALA E 83 -31.48 -26.07 18.56
C ALA E 83 -32.89 -25.95 17.98
N TYR E 84 -33.79 -25.40 18.79
CA TYR E 84 -35.20 -25.30 18.42
C TYR E 84 -35.64 -23.84 18.43
N LEU E 85 -36.58 -23.52 17.54
CA LEU E 85 -37.25 -22.23 17.51
C LEU E 85 -38.75 -22.49 17.55
N GLN E 86 -39.39 -22.11 18.65
CA GLN E 86 -40.81 -22.31 18.85
C GLN E 86 -41.56 -20.99 18.67
N THR E 87 -42.74 -21.09 18.06
CA THR E 87 -43.56 -19.91 17.76
C THR E 87 -44.99 -20.21 18.15
N THR E 88 -45.64 -19.23 18.77
CA THR E 88 -47.04 -19.33 19.15
C THR E 88 -47.82 -18.17 18.56
N SER E 89 -49.08 -18.45 18.20
CA SER E 89 -49.96 -17.46 17.57
C SER E 89 -49.30 -16.88 16.31
N VAL E 90 -48.95 -17.79 15.39
CA VAL E 90 -48.32 -17.39 14.14
C VAL E 90 -49.28 -16.51 13.33
N ASN E 91 -48.70 -15.58 12.55
CA ASN E 91 -49.45 -14.67 11.71
C ASN E 91 -48.79 -14.60 10.33
N PRO E 92 -49.44 -13.97 9.33
CA PRO E 92 -48.87 -13.97 7.96
C PRO E 92 -47.43 -13.53 7.85
N GLU E 93 -46.92 -12.70 8.77
CA GLU E 93 -45.56 -12.20 8.65
C GLU E 93 -44.50 -13.30 8.69
N ASP E 94 -44.85 -14.51 9.10
CA ASP E 94 -43.90 -15.60 9.25
C ASP E 94 -43.83 -16.50 8.02
N THR E 95 -44.44 -16.10 6.90
CA THR E 95 -44.32 -16.85 5.66
C THR E 95 -42.96 -16.52 5.05
N ALA E 96 -42.02 -17.44 5.17
CA ALA E 96 -40.64 -17.18 4.77
C ALA E 96 -39.88 -18.50 4.74
N ILE E 97 -38.69 -18.45 4.15
CA ILE E 97 -37.73 -19.54 4.24
C ILE E 97 -36.84 -19.29 5.45
N TYR E 98 -36.76 -20.26 6.35
CA TYR E 98 -36.00 -20.13 7.58
C TYR E 98 -34.68 -20.88 7.45
N TYR E 99 -33.58 -20.15 7.71
CA TYR E 99 -32.23 -20.67 7.60
C TYR E 99 -31.57 -20.69 8.98
N CYS E 100 -30.75 -21.70 9.18
CA CYS E 100 -30.00 -21.91 10.41
C CYS E 100 -28.56 -21.46 10.21
N ASN E 101 -28.00 -20.80 11.22
CA ASN E 101 -26.64 -20.29 11.14
C ASN E 101 -25.90 -20.59 12.43
N SER E 102 -24.63 -20.98 12.30
CA SER E 102 -23.74 -21.12 13.44
C SER E 102 -22.35 -20.76 12.96
N GLY E 103 -21.89 -19.55 13.32
CA GLY E 103 -20.64 -19.04 12.83
C GLY E 103 -20.67 -18.89 11.33
N PRO E 104 -19.78 -19.63 10.64
CA PRO E 104 -19.73 -19.56 9.18
C PRO E 104 -20.64 -20.54 8.45
N TYR E 105 -21.28 -21.45 9.18
CA TYR E 105 -22.06 -22.51 8.58
C TYR E 105 -23.53 -22.14 8.49
N TRP E 106 -24.17 -22.54 7.41
CA TRP E 106 -25.58 -22.23 7.16
C TRP E 106 -26.33 -23.49 6.79
N GLY E 107 -27.60 -23.53 7.16
CA GLY E 107 -28.51 -24.52 6.65
C GLY E 107 -29.04 -24.11 5.30
N GLN E 108 -29.93 -24.94 4.76
CA GLN E 108 -30.51 -24.67 3.44
C GLN E 108 -32.02 -24.52 3.51
N GLY E 109 -32.52 -24.10 4.68
CA GLY E 109 -33.87 -23.55 4.79
C GLY E 109 -35.02 -24.53 4.87
N THR E 110 -36.04 -24.15 5.63
CA THR E 110 -37.35 -24.78 5.59
C THR E 110 -38.39 -23.73 5.25
N GLN E 111 -39.30 -24.05 4.33
CA GLN E 111 -40.34 -23.11 3.95
C GLN E 111 -41.49 -23.16 4.95
N VAL E 112 -41.92 -21.99 5.41
CA VAL E 112 -43.06 -21.87 6.32
C VAL E 112 -44.07 -20.93 5.68
N THR E 113 -45.29 -21.40 5.53
CA THR E 113 -46.35 -20.66 4.85
C THR E 113 -47.61 -20.66 5.69
N VAL E 114 -48.32 -19.53 5.71
CA VAL E 114 -49.54 -19.37 6.47
C VAL E 114 -50.73 -19.50 5.53
N SER E 115 -51.87 -19.89 6.10
CA SER E 115 -53.12 -19.97 5.35
C SER E 115 -53.77 -18.60 5.24
N GLN F 8 -5.83 35.15 -26.13
CA GLN F 8 -5.62 35.89 -27.37
C GLN F 8 -4.17 36.36 -27.48
N LEU F 9 -3.53 36.02 -28.60
CA LEU F 9 -2.15 36.41 -28.88
C LEU F 9 -2.14 37.50 -29.94
N VAL F 10 -1.58 38.66 -29.60
CA VAL F 10 -1.49 39.79 -30.51
C VAL F 10 -0.01 40.15 -30.68
N GLU F 11 0.43 40.26 -31.92
CA GLU F 11 1.82 40.59 -32.24
C GLU F 11 1.94 42.07 -32.57
N THR F 12 3.01 42.69 -32.08
CA THR F 12 3.27 44.11 -32.29
C THR F 12 4.65 44.29 -32.89
N GLY F 13 4.84 45.43 -33.55
CA GLY F 13 6.13 45.81 -34.10
C GLY F 13 6.27 45.65 -35.60
N GLY F 14 5.23 45.23 -36.31
CA GLY F 14 5.31 45.09 -37.75
C GLY F 14 5.13 46.42 -38.46
N GLY F 15 5.35 46.37 -39.77
CA GLY F 15 5.20 47.56 -40.59
C GLY F 15 6.03 47.45 -41.86
N LEU F 16 6.28 48.62 -42.47
CA LEU F 16 7.09 48.72 -43.66
C LEU F 16 8.42 49.38 -43.33
N VAL F 17 9.49 48.89 -43.95
CA VAL F 17 10.82 49.45 -43.77
C VAL F 17 11.59 49.49 -45.10
N PRO F 19 14.50 48.42 -47.56
CA PRO F 19 15.35 47.22 -47.61
C PRO F 19 16.72 47.45 -46.96
N GLY F 20 17.09 46.57 -46.04
CA GLY F 20 18.35 46.69 -45.33
C GLY F 20 18.26 47.29 -43.94
N GLY F 21 17.06 47.51 -43.41
CA GLY F 21 16.88 48.09 -42.11
C GLY F 21 16.76 47.05 -41.01
N SER F 22 15.98 47.38 -39.99
CA SER F 22 15.80 46.49 -38.85
C SER F 22 14.39 46.65 -38.31
N LEU F 23 13.95 45.65 -37.55
CA LEU F 23 12.61 45.63 -36.99
C LEU F 23 12.59 44.81 -35.71
N ARG F 24 11.67 45.17 -34.82
CA ARG F 24 11.42 44.43 -33.59
C ARG F 24 10.00 43.89 -33.62
N LEU F 25 9.86 42.58 -33.49
CA LEU F 25 8.55 41.94 -33.35
C LEU F 25 8.41 41.46 -31.90
N ALA F 26 7.17 41.43 -31.41
CA ALA F 26 6.96 41.02 -30.03
C ALA F 26 5.56 40.45 -29.86
N CYS F 27 5.47 39.29 -29.22
CA CYS F 27 4.19 38.76 -28.75
C CYS F 27 4.22 38.59 -27.25
N VAL F 28 3.09 38.91 -26.61
CA VAL F 28 2.92 38.77 -25.17
C VAL F 28 1.89 37.68 -24.92
N ALA F 29 2.25 36.72 -24.05
CA ALA F 29 1.35 35.65 -23.67
C ALA F 29 1.09 35.73 -22.17
N SER F 30 0.45 36.81 -21.75
CA SER F 30 0.30 37.11 -20.33
C SER F 30 -0.44 36.00 -19.60
N GLU F 31 -1.55 35.53 -20.16
CA GLU F 31 -2.40 34.59 -19.45
C GLU F 31 -2.09 33.13 -19.75
N SER F 32 -1.21 32.83 -20.71
CA SER F 32 -0.78 31.46 -20.90
C SER F 32 0.30 31.11 -19.88
N VAL F 33 0.42 29.80 -19.61
CA VAL F 33 1.53 29.29 -18.79
C VAL F 33 2.76 29.32 -19.68
N PHE F 34 3.54 30.40 -19.61
CA PHE F 34 4.64 30.60 -20.56
C PHE F 34 5.61 29.43 -20.54
N GLU F 35 6.02 28.99 -19.36
CA GLU F 35 6.82 27.78 -19.28
C GLU F 35 5.98 26.59 -19.74
N MET F 36 6.68 25.57 -20.27
CA MET F 36 6.08 24.39 -20.90
C MET F 36 5.75 24.68 -22.36
N TYR F 37 6.14 25.85 -22.86
CA TYR F 37 5.97 26.16 -24.27
C TYR F 37 7.32 26.49 -24.90
N THR F 38 7.48 26.09 -26.14
CA THR F 38 8.57 26.55 -27.00
C THR F 38 7.95 27.58 -27.93
N VAL F 39 8.20 28.85 -27.66
CA VAL F 39 7.64 29.92 -28.47
C VAL F 39 8.44 30.05 -29.76
N ALA F 40 7.74 30.37 -30.85
CA ALA F 40 8.36 30.39 -32.17
C ALA F 40 7.67 31.44 -33.03
N TRP F 41 8.34 31.80 -34.13
CA TRP F 41 7.82 32.72 -35.12
C TRP F 41 7.73 32.00 -36.46
N TYR F 42 6.61 32.16 -37.14
CA TYR F 42 6.39 31.62 -38.48
C TYR F 42 6.11 32.75 -39.46
N ARG F 43 6.34 32.47 -40.73
CA ARG F 43 6.28 33.47 -41.80
C ARG F 43 5.34 32.98 -42.88
N GLN F 44 4.38 33.80 -43.26
CA GLN F 44 3.36 33.44 -44.26
C GLN F 44 3.37 34.49 -45.35
N ALA F 45 3.82 34.10 -46.56
CA ALA F 45 3.71 34.93 -47.74
C ALA F 45 2.34 34.72 -48.38
N PRO F 46 1.80 35.77 -49.02
CA PRO F 46 0.43 35.71 -49.57
C PRO F 46 0.07 34.40 -50.27
N GLY F 47 0.94 33.93 -51.17
CA GLY F 47 0.66 32.69 -51.89
C GLY F 47 1.48 31.50 -51.47
N LYS F 48 2.48 31.72 -50.60
CA LYS F 48 3.39 30.66 -50.21
C LYS F 48 2.83 29.93 -48.97
N GLN F 49 3.69 29.23 -48.25
CA GLN F 49 3.31 28.46 -47.07
C GLN F 49 3.69 29.18 -45.80
N ARG F 50 3.27 28.61 -44.67
CA ARG F 50 3.66 29.12 -43.34
C ARG F 50 4.92 28.37 -42.91
N GLU F 51 6.07 29.03 -43.02
CA GLU F 51 7.36 28.41 -42.79
C GLU F 51 7.92 28.83 -41.44
N LEU F 52 8.62 27.91 -40.77
CA LEU F 52 9.21 28.21 -39.48
C LEU F 52 10.38 29.19 -39.63
N VAL F 53 10.49 30.12 -38.68
CA VAL F 53 11.53 31.15 -38.73
C VAL F 53 12.48 31.01 -37.56
N ALA F 54 11.97 31.10 -36.34
CA ALA F 54 12.82 31.09 -35.17
C ALA F 54 12.01 30.68 -33.94
N GLY F 55 12.50 29.70 -33.22
CA GLY F 55 11.85 29.24 -31.99
C GLY F 55 12.86 29.05 -30.88
N ILE F 56 12.45 29.44 -29.66
CA ILE F 56 13.31 29.38 -28.48
C ILE F 56 12.60 28.54 -27.42
N THR F 57 13.35 27.63 -26.81
CA THR F 57 12.81 26.77 -25.75
C THR F 57 12.75 27.53 -24.42
N ASP F 58 12.03 26.93 -23.47
CA ASP F 58 11.95 27.50 -22.13
C ASP F 58 13.32 27.70 -21.52
N GLU F 59 14.25 26.78 -21.80
CA GLU F 59 15.61 26.92 -21.27
C GLU F 59 16.35 28.07 -21.95
N GLY F 60 16.27 28.14 -23.27
CA GLY F 60 16.90 29.22 -24.00
C GLY F 60 17.53 28.80 -25.32
N ARG F 61 17.59 27.48 -25.56
CA ARG F 61 18.17 26.97 -26.79
C ARG F 61 17.43 27.50 -28.00
N THR F 62 18.12 28.25 -28.85
CA THR F 62 17.51 28.90 -29.99
C THR F 62 17.58 28.01 -31.24
N ASN F 63 16.64 28.22 -32.14
CA ASN F 63 16.53 27.45 -33.38
C ASN F 63 16.18 28.40 -34.51
N TYR F 64 17.04 28.50 -35.51
CA TYR F 64 16.83 29.39 -36.65
C TYR F 64 16.79 28.59 -37.94
N ALA F 65 16.11 29.14 -38.94
CA ALA F 65 15.98 28.49 -40.24
C ALA F 65 17.20 28.81 -41.11
N ASP F 66 17.22 28.23 -42.32
CA ASP F 66 18.36 28.40 -43.21
C ASP F 66 18.34 29.76 -43.90
N PHE F 67 17.16 30.24 -44.31
CA PHE F 67 17.08 31.56 -44.92
C PHE F 67 17.36 32.69 -43.95
N VAL F 68 17.41 32.39 -42.65
CA VAL F 68 17.86 33.33 -41.63
C VAL F 68 19.33 33.05 -41.37
N LYS F 69 20.20 33.94 -41.83
CA LYS F 69 21.65 33.75 -41.71
C LYS F 69 22.21 34.59 -40.57
N GLY F 70 21.76 34.26 -39.36
CA GLY F 70 22.19 34.97 -38.17
C GLY F 70 21.73 36.41 -38.07
N ARG F 71 20.91 36.88 -39.01
CA ARG F 71 20.41 38.25 -38.97
C ARG F 71 19.18 38.41 -38.08
N PHE F 72 18.55 37.31 -37.67
CA PHE F 72 17.42 37.35 -36.74
C PHE F 72 17.86 36.79 -35.39
N THR F 73 17.44 37.46 -34.32
CA THR F 73 17.76 37.05 -32.95
C THR F 73 16.47 37.00 -32.15
N ILE F 74 16.18 35.84 -31.57
CA ILE F 74 14.95 35.63 -30.81
C ILE F 74 15.28 35.71 -29.32
N SER F 75 14.51 36.52 -28.59
CA SER F 75 14.66 36.70 -27.16
C SER F 75 13.38 36.30 -26.46
N ARG F 76 13.51 35.77 -25.24
CA ARG F 76 12.35 35.29 -24.49
C ARG F 76 12.50 35.69 -23.03
N ASP F 77 11.57 36.51 -22.54
CA ASP F 77 11.55 36.95 -21.15
C ASP F 77 10.43 36.20 -20.44
N ASN F 78 10.79 35.32 -19.52
CA ASN F 78 9.81 34.56 -18.76
C ASN F 78 9.23 35.36 -17.60
N SER F 79 9.92 36.41 -17.15
CA SER F 79 9.37 37.26 -16.10
C SER F 79 8.07 37.91 -16.54
N LYS F 80 8.08 38.52 -17.72
CA LYS F 80 6.89 39.18 -18.27
C LYS F 80 6.19 38.33 -19.33
N LYS F 81 6.69 37.13 -19.60
CA LYS F 81 6.08 36.20 -20.55
C LYS F 81 5.96 36.82 -21.94
N THR F 82 7.06 37.38 -22.43
CA THR F 82 7.09 38.02 -23.74
C THR F 82 8.17 37.38 -24.60
N VAL F 83 7.98 37.47 -25.91
CA VAL F 83 8.96 36.97 -26.88
C VAL F 83 9.18 38.04 -27.93
N HIS F 84 10.45 38.36 -28.17
CA HIS F 84 10.84 39.39 -29.12
C HIS F 84 11.69 38.76 -30.23
N LEU F 85 11.69 39.44 -31.38
CA LEU F 85 12.46 39.02 -32.55
C LEU F 85 13.11 40.25 -33.16
N GLN F 86 14.44 40.32 -33.11
CA GLN F 86 15.22 41.37 -33.74
C GLN F 86 15.59 40.91 -35.15
N MET F 87 14.97 41.51 -36.16
CA MET F 87 15.25 41.20 -37.54
C MET F 87 16.13 42.29 -38.13
N ASP F 88 17.32 41.91 -38.60
CA ASP F 88 18.26 42.84 -39.21
C ASP F 88 18.48 42.50 -40.68
N ASN F 89 18.87 43.52 -41.45
CA ASN F 89 19.15 43.39 -42.88
C ASN F 89 17.98 42.75 -43.63
N LEU F 90 16.83 43.42 -43.53
CA LEU F 90 15.62 42.90 -44.17
C LEU F 90 15.75 42.96 -45.69
N ASN F 91 15.30 41.89 -46.33
CA ASN F 91 15.31 41.76 -47.79
C ASN F 91 13.90 41.55 -48.31
N PRO F 92 13.66 41.83 -49.59
CA PRO F 92 12.31 41.59 -50.15
C PRO F 92 11.87 40.14 -50.07
N GLU F 93 12.77 39.23 -49.68
CA GLU F 93 12.41 37.84 -49.45
C GLU F 93 11.67 37.65 -48.13
N ASP F 94 11.76 38.61 -47.21
CA ASP F 94 11.11 38.52 -45.91
C ASP F 94 9.71 39.11 -45.87
N THR F 95 9.25 39.75 -46.94
CA THR F 95 7.93 40.37 -46.97
C THR F 95 6.82 39.34 -46.76
N ALA F 96 6.19 39.37 -45.59
CA ALA F 96 5.19 38.37 -45.22
C ALA F 96 4.55 38.76 -43.90
N VAL F 97 3.52 38.02 -43.51
CA VAL F 97 2.91 38.19 -42.20
C VAL F 97 3.54 37.19 -41.23
N TYR F 98 4.00 37.70 -40.08
CA TYR F 98 4.66 36.89 -39.08
C TYR F 98 3.67 36.53 -37.98
N TYR F 99 3.63 35.26 -37.62
CA TYR F 99 2.75 34.74 -36.57
C TYR F 99 3.59 34.23 -35.42
N CYS F 100 3.12 34.48 -34.20
CA CYS F 100 3.77 33.98 -33.00
C CYS F 100 3.03 32.76 -32.49
N LYS F 101 3.74 31.66 -32.30
CA LYS F 101 3.15 30.38 -31.94
C LYS F 101 3.69 29.91 -30.61
N LEU F 102 2.80 29.39 -29.77
CA LEU F 102 3.16 28.74 -28.52
C LEU F 102 2.94 27.23 -28.71
N GLU F 103 4.03 26.49 -28.74
CA GLU F 103 4.02 25.05 -28.97
C GLU F 103 4.21 24.35 -27.63
N HIS F 104 3.18 23.65 -27.17
CA HIS F 104 3.29 22.93 -25.90
C HIS F 104 4.37 21.87 -25.99
N ASP F 105 5.30 21.90 -25.04
CA ASP F 105 6.42 20.98 -25.05
C ASP F 105 5.98 19.52 -24.87
N LEU F 106 4.75 19.30 -24.38
CA LEU F 106 4.17 17.96 -24.29
C LEU F 106 3.16 17.68 -25.39
N GLY F 107 2.99 18.59 -26.34
CA GLY F 107 2.09 18.35 -27.46
C GLY F 107 0.62 18.34 -27.11
N TYR F 108 0.23 18.97 -26.01
CA TYR F 108 -1.19 19.01 -25.64
C TYR F 108 -2.01 19.82 -26.65
N TYR F 109 -1.60 21.05 -26.90
CA TYR F 109 -2.29 21.96 -27.82
C TYR F 109 -1.37 23.12 -28.13
N ASP F 110 -1.68 23.82 -29.21
CA ASP F 110 -0.86 24.93 -29.69
C ASP F 110 -1.68 26.21 -29.77
N TYR F 111 -1.01 27.33 -29.50
CA TYR F 111 -1.60 28.65 -29.60
C TYR F 111 -1.01 29.40 -30.79
N TRP F 112 -1.89 30.07 -31.55
CA TRP F 112 -1.47 30.86 -32.70
C TRP F 112 -2.02 32.27 -32.56
N GLY F 113 -1.18 33.25 -32.93
CA GLY F 113 -1.59 34.64 -32.91
C GLY F 113 -2.21 35.08 -34.23
N GLN F 114 -2.71 36.32 -34.22
CA GLN F 114 -3.32 36.87 -35.41
C GLN F 114 -2.29 37.36 -36.42
N GLY F 115 -1.06 37.59 -35.99
CA GLY F 115 0.02 37.93 -36.90
C GLY F 115 0.14 39.43 -37.12
N THR F 116 1.32 39.82 -37.61
CA THR F 116 1.58 41.21 -37.98
C THR F 116 2.33 41.24 -39.31
N GLN F 117 1.99 42.21 -40.15
CA GLN F 117 2.53 42.27 -41.50
C GLN F 117 3.87 43.01 -41.52
N VAL F 118 4.84 42.45 -42.23
CA VAL F 118 6.15 43.06 -42.41
C VAL F 118 6.40 43.15 -43.91
N THR F 119 6.66 44.37 -44.38
CA THR F 119 6.93 44.64 -45.78
C THR F 119 8.18 45.52 -45.88
N VAL F 120 9.00 45.27 -46.89
CA VAL F 120 10.22 46.03 -47.08
C VAL F 120 10.30 46.58 -48.51
N SER G 5 24.39 -26.09 24.26
CA SER G 5 24.71 -24.84 24.94
C SER G 5 26.08 -24.32 24.54
N GLN G 6 26.83 -23.82 25.52
CA GLN G 6 28.11 -23.19 25.26
C GLN G 6 29.08 -24.19 24.65
N VAL G 7 29.90 -23.70 23.72
CA VAL G 7 30.88 -24.53 23.00
C VAL G 7 32.20 -23.77 22.93
N GLN G 8 33.30 -24.44 23.30
CA GLN G 8 34.61 -23.83 23.26
C GLN G 8 35.29 -24.15 21.94
N LEU G 9 36.06 -23.18 21.43
CA LEU G 9 36.73 -23.30 20.14
C LEU G 9 38.21 -22.95 20.31
N VAL G 10 39.08 -23.87 19.86
CA VAL G 10 40.52 -23.67 19.89
C VAL G 10 41.04 -23.81 18.47
N GLU G 11 42.05 -23.01 18.12
CA GLU G 11 42.59 -22.98 16.77
C GLU G 11 44.07 -23.33 16.79
N THR G 12 44.48 -24.28 15.94
CA THR G 12 45.85 -24.72 15.82
C THR G 12 46.23 -24.78 14.35
N GLY G 13 47.52 -24.62 14.06
CA GLY G 13 48.05 -24.87 12.73
C GLY G 13 48.75 -23.70 12.08
N GLY G 14 48.60 -22.48 12.61
CA GLY G 14 49.22 -21.33 11.98
C GLY G 14 50.73 -21.42 11.98
N GLY G 15 51.34 -20.77 11.00
CA GLY G 15 52.78 -20.80 10.89
C GLY G 15 53.25 -20.02 9.68
N LEU G 16 54.50 -20.28 9.29
CA LEU G 16 55.12 -19.64 8.14
C LEU G 16 55.25 -20.63 6.99
N VAL G 17 54.78 -20.22 5.81
CA VAL G 17 54.85 -21.02 4.60
C VAL G 17 55.24 -20.11 3.45
N GLN G 18 55.39 -20.70 2.26
CA GLN G 18 55.82 -19.99 1.07
C GLN G 18 54.67 -19.89 0.08
N ALA G 19 54.71 -18.85 -0.75
CA ALA G 19 53.61 -18.59 -1.67
C ALA G 19 53.41 -19.74 -2.65
N GLY G 20 52.17 -20.23 -2.73
CA GLY G 20 51.77 -21.26 -3.67
C GLY G 20 51.46 -22.61 -3.04
N ASP G 21 52.11 -22.94 -1.92
CA ASP G 21 51.92 -24.24 -1.30
C ASP G 21 50.57 -24.29 -0.57
N SER G 22 50.34 -25.36 0.16
CA SER G 22 49.08 -25.58 0.86
C SER G 22 49.30 -25.57 2.37
N LEU G 23 48.20 -25.51 3.11
CA LEU G 23 48.22 -25.48 4.56
C LEU G 23 46.86 -25.90 5.07
N THR G 24 46.81 -26.39 6.31
CA THR G 24 45.55 -26.77 6.92
C THR G 24 45.48 -26.26 8.35
N LEU G 25 44.41 -25.54 8.66
CA LEU G 25 44.16 -25.04 10.00
C LEU G 25 43.08 -25.88 10.66
N SER G 26 43.25 -26.17 11.95
CA SER G 26 42.33 -27.00 12.70
C SER G 26 41.61 -26.17 13.75
N CYS G 27 40.30 -26.39 13.87
CA CYS G 27 39.46 -25.76 14.87
C CYS G 27 38.82 -26.89 15.67
N ALA G 28 39.32 -27.10 16.89
CA ALA G 28 38.76 -28.10 17.78
C ALA G 28 37.65 -27.47 18.60
N ALA G 29 36.60 -28.27 18.84
CA ALA G 29 35.41 -27.80 19.53
C ALA G 29 35.13 -28.71 20.71
N THR G 30 34.92 -28.12 21.88
CA THR G 30 34.55 -28.84 23.10
C THR G 30 33.26 -28.22 23.61
N GLY G 31 32.13 -28.84 23.25
CA GLY G 31 30.83 -28.39 23.69
C GLY G 31 29.92 -29.59 23.86
N ARG G 32 28.66 -29.30 24.17
CA ARG G 32 27.71 -30.38 24.43
C ARG G 32 27.35 -31.12 23.14
N THR G 33 27.16 -30.39 22.04
CA THR G 33 26.51 -30.96 20.87
C THR G 33 27.22 -30.65 19.56
N LEU G 34 27.20 -29.37 19.16
CA LEU G 34 27.65 -28.80 17.89
C LEU G 34 26.55 -29.03 16.86
N ASP G 35 25.44 -29.66 17.25
CA ASP G 35 24.29 -29.80 16.37
C ASP G 35 23.58 -28.47 16.22
N TYR G 36 23.09 -28.20 15.00
CA TYR G 36 22.42 -26.95 14.66
C TYR G 36 23.33 -25.74 14.87
N TYR G 37 24.62 -25.93 14.69
CA TYR G 37 25.60 -24.85 14.75
C TYR G 37 26.24 -24.67 13.38
N ALA G 38 26.75 -23.46 13.15
CA ALA G 38 27.50 -23.14 11.94
C ALA G 38 28.87 -22.65 12.37
N LEU G 39 29.90 -23.24 11.78
CA LEU G 39 31.29 -22.92 12.08
C LEU G 39 31.89 -22.14 10.92
N GLY G 40 32.45 -20.98 11.22
CA GLY G 40 33.00 -20.12 10.19
C GLY G 40 34.43 -19.71 10.51
N TRP G 41 35.11 -19.26 9.47
CA TRP G 41 36.48 -18.80 9.51
C TRP G 41 36.55 -17.39 8.96
N PHE G 42 37.31 -16.54 9.64
CA PHE G 42 37.47 -15.12 9.32
C PHE G 42 38.94 -14.75 9.30
N ARG G 43 39.29 -13.80 8.43
CA ARG G 43 40.63 -13.22 8.38
C ARG G 43 40.65 -11.86 9.08
N GLN G 44 41.83 -11.46 9.52
CA GLN G 44 42.02 -10.11 10.04
C GLN G 44 43.49 -9.74 9.88
N VAL G 45 43.76 -8.76 9.01
CA VAL G 45 45.09 -8.17 8.91
C VAL G 45 45.14 -7.03 9.92
N PRO G 46 46.20 -6.90 10.73
CA PRO G 46 46.26 -5.80 11.71
C PRO G 46 46.16 -4.44 11.03
N GLY G 47 44.98 -3.84 11.10
CA GLY G 47 44.71 -2.61 10.41
C GLY G 47 43.28 -2.52 9.89
N ASN G 48 42.97 -3.29 8.85
CA ASN G 48 41.66 -3.26 8.24
C ASN G 48 40.65 -4.07 9.07
N LYS G 49 39.39 -4.02 8.64
CA LYS G 49 38.33 -4.74 9.32
C LYS G 49 38.48 -6.25 9.11
N ARG G 50 37.98 -7.01 10.09
CA ARG G 50 37.99 -8.46 10.00
C ARG G 50 37.03 -8.92 8.91
N GLU G 51 37.55 -9.65 7.92
CA GLU G 51 36.75 -10.12 6.80
C GLU G 51 36.42 -11.61 6.95
N PHE G 52 35.51 -12.07 6.09
CA PHE G 52 34.96 -13.41 6.16
C PHE G 52 35.69 -14.34 5.20
N VAL G 53 36.10 -15.51 5.70
CA VAL G 53 36.68 -16.54 4.84
C VAL G 53 35.58 -17.46 4.36
N ALA G 54 35.11 -18.33 5.25
CA ALA G 54 34.24 -19.41 4.78
C ALA G 54 33.63 -20.16 5.95
N ALA G 55 32.44 -20.73 5.72
CA ALA G 55 31.68 -21.35 6.80
C ALA G 55 30.95 -22.59 6.32
N ILE G 56 30.60 -23.45 7.28
CA ILE G 56 29.72 -24.60 7.05
C ILE G 56 28.73 -24.69 8.20
N ASN G 57 27.73 -25.55 8.03
CA ASN G 57 26.63 -25.69 8.97
C ASN G 57 26.68 -26.98 9.78
N TRP G 58 27.71 -27.81 9.58
CA TRP G 58 27.98 -28.99 10.39
C TRP G 58 26.92 -30.07 10.26
N LEU G 59 25.67 -29.77 10.61
CA LEU G 59 24.66 -30.81 10.63
C LEU G 59 24.35 -31.30 9.21
N GLY G 60 24.31 -30.39 8.24
CA GLY G 60 23.99 -30.81 6.88
C GLY G 60 24.98 -30.38 5.81
N GLY G 61 26.22 -30.11 6.21
CA GLY G 61 27.31 -29.84 5.29
C GLY G 61 27.11 -28.70 4.31
N SER G 62 26.28 -27.72 4.63
CA SER G 62 26.13 -26.57 3.75
C SER G 62 27.35 -25.66 3.86
N THR G 63 28.06 -25.48 2.74
CA THR G 63 29.28 -24.68 2.73
C THR G 63 29.05 -23.35 2.03
N TYR G 64 29.92 -22.39 2.33
CA TYR G 64 29.94 -21.10 1.66
C TYR G 64 31.33 -20.48 1.78
N TYR G 65 31.87 -20.01 0.65
CA TYR G 65 33.21 -19.42 0.60
C TYR G 65 33.11 -17.99 0.08
N ALA G 66 33.97 -17.11 0.62
CA ALA G 66 34.06 -15.75 0.12
C ALA G 66 34.86 -15.68 -1.17
N ASP G 67 34.50 -14.71 -2.02
CA ASP G 67 35.10 -14.62 -3.36
C ASP G 67 36.59 -14.36 -3.33
N SER G 68 37.16 -13.99 -2.18
CA SER G 68 38.61 -13.88 -2.07
C SER G 68 39.29 -15.24 -2.02
N VAL G 69 38.57 -16.29 -1.62
CA VAL G 69 39.15 -17.61 -1.44
C VAL G 69 38.39 -18.70 -2.16
N ARG G 70 37.35 -18.37 -2.93
CA ARG G 70 36.59 -19.38 -3.66
C ARG G 70 37.48 -20.11 -4.66
N GLY G 71 37.39 -21.44 -4.66
CA GLY G 71 38.21 -22.28 -5.50
C GLY G 71 39.58 -22.58 -4.97
N ARG G 72 40.07 -21.81 -3.99
CA ARG G 72 41.37 -22.03 -3.38
C ARG G 72 41.27 -22.64 -1.99
N PHE G 73 40.42 -22.10 -1.13
CA PHE G 73 40.22 -22.63 0.21
C PHE G 73 39.06 -23.62 0.21
N THR G 74 39.21 -24.71 0.97
CA THR G 74 38.19 -25.74 1.07
C THR G 74 37.94 -26.08 2.53
N LEU G 75 36.65 -26.22 2.89
CA LEU G 75 36.27 -26.64 4.23
C LEU G 75 36.11 -28.16 4.29
N SER G 76 36.44 -28.72 5.45
CA SER G 76 36.23 -30.15 5.69
C SER G 76 35.99 -30.35 7.17
N ARG G 77 35.22 -31.38 7.50
CA ARG G 77 34.90 -31.67 8.89
C ARG G 77 35.36 -33.08 9.24
N ASP G 78 35.45 -33.34 10.54
CA ASP G 78 35.76 -34.67 11.05
C ASP G 78 34.98 -34.88 12.34
N ASN G 79 34.01 -35.79 12.30
CA ASN G 79 33.17 -36.06 13.45
C ASN G 79 33.77 -37.12 14.37
N SER G 80 34.87 -37.77 13.96
CA SER G 80 35.56 -38.67 14.86
C SER G 80 36.11 -37.94 16.08
N LYS G 81 36.60 -36.72 15.88
CA LYS G 81 37.16 -35.91 16.95
C LYS G 81 36.45 -34.56 17.10
N SER G 82 35.36 -34.34 16.37
CA SER G 82 34.58 -33.10 16.46
C SER G 82 35.45 -31.89 16.11
N THR G 83 36.14 -31.98 14.97
CA THR G 83 37.10 -30.96 14.55
C THR G 83 36.77 -30.45 13.16
N LEU G 84 37.19 -29.22 12.89
CA LEU G 84 37.00 -28.57 11.59
C LEU G 84 38.36 -28.29 10.98
N TYR G 85 38.46 -28.40 9.65
CA TYR G 85 39.72 -28.17 8.95
C TYR G 85 39.48 -27.21 7.79
N LEU G 86 40.30 -26.16 7.73
CA LEU G 86 40.33 -25.21 6.63
C LEU G 86 41.60 -25.48 5.82
N ASN G 87 41.44 -25.99 4.61
CA ASN G 87 42.56 -26.33 3.73
C ASN G 87 42.75 -25.15 2.77
N MET G 88 43.78 -24.35 3.05
CA MET G 88 44.13 -23.20 2.22
C MET G 88 45.14 -23.66 1.17
N ASN G 89 44.73 -23.66 -0.09
CA ASN G 89 45.57 -24.08 -1.20
C ASN G 89 45.93 -22.87 -2.06
N ASN G 90 47.12 -22.92 -2.66
CA ASN G 90 47.63 -21.86 -3.53
C ASN G 90 47.65 -20.52 -2.79
N LEU G 91 48.32 -20.51 -1.65
CA LEU G 91 48.38 -19.31 -0.82
C LEU G 91 49.09 -18.17 -1.54
N ILE G 92 48.64 -16.96 -1.29
CA ILE G 92 49.21 -15.76 -1.90
C ILE G 92 49.58 -14.78 -0.80
N PRO G 93 50.46 -13.83 -1.09
CA PRO G 93 50.89 -12.88 -0.04
C PRO G 93 49.76 -12.11 0.62
N ASP G 94 48.61 -11.97 -0.03
CA ASP G 94 47.48 -11.25 0.56
C ASP G 94 46.72 -12.08 1.60
N ASP G 95 47.05 -13.36 1.75
CA ASP G 95 46.39 -14.20 2.75
C ASP G 95 47.02 -14.09 4.13
N THR G 96 48.15 -13.39 4.27
CA THR G 96 48.80 -13.19 5.56
C THR G 96 47.88 -12.43 6.51
N ALA G 97 47.40 -13.10 7.55
CA ALA G 97 46.45 -12.48 8.49
C ALA G 97 46.27 -13.40 9.68
N VAL G 98 45.49 -12.92 10.67
CA VAL G 98 45.08 -13.73 11.80
C VAL G 98 43.75 -14.38 11.45
N TYR G 99 43.72 -15.71 11.49
CA TYR G 99 42.52 -16.47 11.18
C TYR G 99 41.81 -16.86 12.46
N TYR G 100 40.53 -16.52 12.55
CA TYR G 100 39.69 -16.86 13.69
C TYR G 100 38.62 -17.86 13.25
N CYS G 101 38.19 -18.68 14.20
CA CYS G 101 37.15 -19.68 13.99
C CYS G 101 36.03 -19.43 14.99
N ALA G 102 34.80 -19.34 14.50
CA ALA G 102 33.67 -18.91 15.31
C ALA G 102 32.48 -19.83 15.06
N ALA G 103 31.50 -19.76 15.96
CA ALA G 103 30.32 -20.61 15.92
C ALA G 103 29.06 -19.77 16.13
N ASP G 104 27.99 -20.15 15.44
CA ASP G 104 26.68 -19.51 15.60
C ASP G 104 25.59 -20.56 15.69
N PHE G 105 24.61 -20.32 16.55
CA PHE G 105 23.51 -21.25 16.75
C PHE G 105 22.26 -20.73 16.05
N SER G 106 21.62 -21.61 15.27
CA SER G 106 20.32 -21.32 14.68
C SER G 106 19.63 -22.64 14.39
N ILE G 107 18.32 -22.69 14.66
CA ILE G 107 17.56 -23.92 14.49
C ILE G 107 17.31 -24.27 13.03
N ALA G 108 17.68 -23.39 12.11
CA ALA G 108 17.47 -23.62 10.68
C ALA G 108 18.70 -24.17 9.97
N TYR G 109 19.80 -24.43 10.69
CA TYR G 109 21.05 -24.82 10.03
C TYR G 109 21.01 -26.23 9.45
N SER G 110 20.16 -27.12 9.96
CA SER G 110 20.03 -28.46 9.40
C SER G 110 19.74 -28.41 7.91
N GLY G 111 20.38 -29.32 7.16
CA GLY G 111 20.05 -29.49 5.76
C GLY G 111 20.87 -28.63 4.81
N THR G 112 20.22 -28.11 3.77
CA THR G 112 20.88 -27.31 2.75
C THR G 112 20.92 -25.83 3.07
N TYR G 113 20.54 -25.44 4.28
CA TYR G 113 20.47 -24.01 4.62
C TYR G 113 21.86 -23.41 4.73
N PRO G 114 22.10 -22.25 4.11
CA PRO G 114 23.44 -21.67 4.12
C PRO G 114 23.79 -21.10 5.48
N PRO G 115 25.05 -21.24 5.90
CA PRO G 115 25.47 -20.63 7.17
C PRO G 115 25.52 -19.11 7.07
N ALA G 116 25.74 -18.48 8.22
CA ALA G 116 25.86 -17.04 8.28
C ALA G 116 27.24 -16.59 7.81
N TYR G 117 27.30 -15.37 7.28
CA TYR G 117 28.54 -14.84 6.72
C TYR G 117 29.05 -13.62 7.46
N ALA G 118 28.35 -13.14 8.47
CA ALA G 118 28.73 -11.94 9.20
C ALA G 118 29.24 -12.32 10.59
N GLU G 119 30.26 -11.61 11.05
CA GLU G 119 30.85 -11.90 12.35
C GLU G 119 29.83 -11.77 13.47
N TYR G 120 28.93 -10.78 13.36
CA TYR G 120 27.99 -10.50 14.43
C TYR G 120 26.98 -11.63 14.61
N ASP G 121 26.65 -12.35 13.54
CA ASP G 121 25.77 -13.51 13.68
C ASP G 121 26.43 -14.58 14.55
N TYR G 122 27.74 -14.75 14.41
CA TYR G 122 28.48 -15.71 15.21
C TYR G 122 28.71 -15.17 16.62
N ASP G 123 28.42 -16.00 17.63
CA ASP G 123 28.45 -15.56 19.01
C ASP G 123 29.64 -16.08 19.80
N TYR G 124 30.13 -17.28 19.50
CA TYR G 124 31.28 -17.86 20.18
C TYR G 124 32.51 -17.77 19.27
N TRP G 125 33.65 -17.45 19.86
CA TRP G 125 34.87 -17.20 19.11
C TRP G 125 36.05 -17.93 19.74
N GLY G 126 37.12 -18.03 18.95
CA GLY G 126 38.39 -18.52 19.43
C GLY G 126 39.45 -17.43 19.43
N GLN G 127 40.66 -17.82 19.80
CA GLN G 127 41.76 -16.86 19.90
C GLN G 127 42.47 -16.63 18.58
N GLY G 128 42.36 -17.56 17.63
CA GLY G 128 42.92 -17.38 16.31
C GLY G 128 44.38 -17.78 16.21
N THR G 129 44.82 -17.95 14.97
CA THR G 129 46.22 -18.27 14.69
C THR G 129 46.70 -17.44 13.51
N GLN G 130 47.98 -17.07 13.55
CA GLN G 130 48.55 -16.21 12.52
C GLN G 130 49.06 -17.05 11.35
N VAL G 131 48.78 -16.59 10.14
CA VAL G 131 49.28 -17.21 8.92
C VAL G 131 50.07 -16.16 8.15
N THR G 132 51.33 -16.47 7.87
CA THR G 132 52.23 -15.58 7.14
C THR G 132 52.87 -16.37 6.01
N VAL G 133 52.78 -15.84 4.79
CA VAL G 133 53.27 -16.54 3.60
C VAL G 133 54.48 -15.82 2.98
N VAL H 7 13.85 32.84 -1.65
CA VAL H 7 13.54 33.60 -0.45
C VAL H 7 14.64 33.40 0.58
N GLN H 8 14.85 34.41 1.44
CA GLN H 8 15.88 34.31 2.46
C GLN H 8 15.50 35.18 3.66
N LEU H 9 15.79 34.67 4.85
CA LEU H 9 15.62 35.40 6.09
C LEU H 9 17.00 35.68 6.67
N VAL H 10 17.27 36.95 6.97
CA VAL H 10 18.52 37.32 7.64
C VAL H 10 18.18 38.06 8.92
N GLU H 11 18.79 37.61 10.02
CA GLU H 11 18.59 38.21 11.33
C GLU H 11 19.87 38.90 11.79
N THR H 12 19.70 39.96 12.56
CA THR H 12 20.80 40.78 13.07
C THR H 12 20.46 41.26 14.47
N GLY H 13 21.48 41.80 15.13
CA GLY H 13 21.34 42.28 16.49
C GLY H 13 21.94 41.40 17.56
N GLY H 14 22.63 40.33 17.19
CA GLY H 14 23.23 39.45 18.16
C GLY H 14 24.61 39.92 18.59
N ALA H 15 24.80 40.09 19.88
CA ALA H 15 26.08 40.52 20.43
C ALA H 15 26.11 40.17 21.91
N LEU H 16 27.00 40.82 22.66
CA LEU H 16 27.08 40.64 24.10
C LEU H 16 26.03 41.51 24.80
N VAL H 17 25.51 40.99 25.91
CA VAL H 17 24.56 41.72 26.75
C VAL H 17 24.88 41.46 28.21
N GLN H 18 24.91 42.52 29.00
CA GLN H 18 24.97 42.38 30.44
C GLN H 18 23.55 42.21 30.99
N PRO H 19 23.40 41.50 32.11
CA PRO H 19 22.05 41.25 32.65
C PRO H 19 21.20 42.50 32.80
N GLY H 20 21.80 43.66 33.08
CA GLY H 20 21.04 44.89 33.11
C GLY H 20 20.59 45.35 31.74
N GLN H 21 21.41 45.10 30.71
CA GLN H 21 21.12 45.59 29.37
C GLN H 21 19.90 44.90 28.77
N SER H 22 19.36 45.53 27.73
CA SER H 22 18.19 45.01 27.02
C SER H 22 18.51 44.89 25.54
N LEU H 23 18.01 43.82 24.91
CA LEU H 23 18.40 43.46 23.56
C LEU H 23 17.22 43.57 22.60
N THR H 24 17.52 43.77 21.31
CA THR H 24 16.52 43.80 20.26
C THR H 24 17.08 43.08 19.03
N LEU H 25 16.44 41.98 18.65
CA LEU H 25 16.84 41.20 17.48
C LEU H 25 15.89 41.47 16.33
N SER H 26 16.45 41.67 15.13
CA SER H 26 15.67 41.98 13.95
C SER H 26 15.80 40.86 12.92
N CYS H 27 14.73 40.62 12.17
CA CYS H 27 14.74 39.63 11.10
C CYS H 27 14.03 40.20 9.88
N THR H 28 14.69 40.19 8.73
CA THR H 28 14.10 40.70 7.51
C THR H 28 14.11 39.63 6.41
N THR H 29 13.18 39.80 5.47
CA THR H 29 12.98 38.90 4.34
C THR H 29 12.85 39.72 3.06
N SER H 30 12.78 39.03 1.93
CA SER H 30 12.76 39.68 0.62
C SER H 30 11.39 39.69 -0.04
N GLU H 31 10.55 38.68 0.20
CA GLU H 31 9.25 38.58 -0.47
C GLU H 31 8.07 38.78 0.48
N ASN H 32 8.31 39.12 1.74
CA ASN H 32 7.26 39.32 2.74
C ASN H 32 6.40 38.06 2.88
N VAL H 33 7.04 37.01 3.39
CA VAL H 33 6.30 35.79 3.76
C VAL H 33 5.75 35.87 5.17
N PHE H 34 6.11 36.91 5.93
CA PHE H 34 5.56 37.07 7.28
C PHE H 34 4.06 37.26 7.25
N GLY H 35 3.52 37.89 6.21
CA GLY H 35 2.08 38.07 6.08
C GLY H 35 1.31 36.86 5.60
N ILE H 36 2.01 35.80 5.21
CA ILE H 36 1.37 34.55 4.80
C ILE H 36 1.30 33.55 5.94
N TYR H 37 2.44 33.26 6.57
CA TYR H 37 2.50 32.34 7.70
C TYR H 37 2.50 33.08 9.03
N GLY H 38 3.45 33.98 9.20
CA GLY H 38 3.69 34.65 10.47
C GLY H 38 5.18 34.72 10.67
N MET H 39 5.64 34.51 11.91
CA MET H 39 7.06 34.40 12.17
C MET H 39 7.27 33.74 13.52
N ALA H 40 8.46 33.16 13.68
CA ALA H 40 8.86 32.53 14.92
C ALA H 40 10.33 32.79 15.18
N TRP H 41 10.66 33.07 16.43
CA TRP H 41 12.05 33.10 16.90
C TRP H 41 12.29 31.83 17.69
N LEU H 42 13.35 31.09 17.32
CA LEU H 42 13.74 29.88 18.04
C LEU H 42 15.20 30.00 18.44
N ARG H 43 15.53 29.70 19.69
CA ARG H 43 16.89 29.81 20.20
C ARG H 43 17.44 28.44 20.55
N GLN H 44 18.71 28.22 20.21
CA GLN H 44 19.41 26.98 20.52
C GLN H 44 20.69 27.32 21.29
N ALA H 45 20.84 26.77 22.48
CA ALA H 45 22.06 26.95 23.25
C ALA H 45 23.13 25.95 22.81
N GLN H 49 19.21 22.36 23.61
CA GLN H 49 18.38 21.89 22.51
C GLN H 49 17.53 23.01 21.92
N ARG H 50 16.88 22.73 20.80
CA ARG H 50 16.03 23.72 20.14
C ARG H 50 14.89 24.16 21.05
N GLU H 51 14.77 25.48 21.25
CA GLU H 51 13.70 26.08 22.04
C GLU H 51 12.93 27.06 21.19
N LEU H 52 11.61 26.96 21.19
CA LEU H 52 10.74 27.94 20.54
C LEU H 52 10.51 29.08 21.53
N VAL H 53 11.19 30.21 21.32
CA VAL H 53 11.08 31.31 22.26
C VAL H 53 9.89 32.21 21.94
N ALA H 54 9.65 32.55 20.67
CA ALA H 54 8.53 33.43 20.34
C ALA H 54 7.84 32.95 19.08
N SER H 55 6.51 33.14 19.03
CA SER H 55 5.76 32.87 17.82
C SER H 55 4.67 33.93 17.67
N ILE H 56 4.38 34.28 16.42
CA ILE H 56 3.30 35.22 16.12
C ILE H 56 2.76 34.90 14.74
N THR H 57 1.45 35.03 14.57
CA THR H 57 0.83 34.75 13.29
C THR H 57 0.84 36.02 12.43
N SER H 58 0.38 35.88 11.18
CA SER H 58 0.31 37.03 10.30
C SER H 58 -0.74 38.04 10.76
N ARG H 59 -1.70 37.62 11.58
CA ARG H 59 -2.73 38.52 12.08
C ARG H 59 -2.25 39.31 13.30
N GLY H 60 -1.27 38.81 14.04
CA GLY H 60 -0.72 39.51 15.18
C GLY H 60 -0.78 38.75 16.49
N THR H 61 -1.55 37.68 16.58
CA THR H 61 -1.62 36.91 17.82
C THR H 61 -0.27 36.31 18.15
N ALA H 62 0.19 36.53 19.38
CA ALA H 62 1.52 36.13 19.80
C ALA H 62 1.43 35.09 20.92
N HIS H 63 2.39 34.17 20.91
CA HIS H 63 2.52 33.16 21.94
C HIS H 63 4.00 33.05 22.34
N TYR H 64 4.22 32.83 23.64
CA TYR H 64 5.56 32.82 24.21
C TYR H 64 5.77 31.52 24.98
N HIS H 65 7.04 31.16 25.13
CA HIS H 65 7.41 30.04 25.97
C HIS H 65 7.37 30.45 27.44
N ASP H 66 7.18 29.46 28.32
CA ASP H 66 7.01 29.76 29.74
C ASP H 66 8.31 30.24 30.37
N SER H 67 9.46 29.87 29.82
CA SER H 67 10.73 30.39 30.33
C SER H 67 10.86 31.88 30.05
N VAL H 68 10.41 32.33 28.88
CA VAL H 68 10.59 33.71 28.44
C VAL H 68 9.30 34.52 28.57
N LYS H 69 8.26 33.97 29.18
CA LYS H 69 6.99 34.67 29.27
C LYS H 69 7.14 35.93 30.11
N GLY H 70 6.85 37.07 29.50
CA GLY H 70 6.99 38.35 30.16
C GLY H 70 8.23 39.11 29.73
N ARG H 71 9.40 38.55 29.99
CA ARG H 71 10.66 39.23 29.70
C ARG H 71 10.93 39.39 28.21
N PHE H 72 10.15 38.73 27.36
CA PHE H 72 10.31 38.82 25.91
C PHE H 72 9.04 39.39 25.30
N THR H 73 9.20 40.06 24.16
CA THR H 73 8.06 40.58 23.42
C THR H 73 8.37 40.53 21.93
N ILE H 74 7.44 39.99 21.15
CA ILE H 74 7.61 39.83 19.71
C ILE H 74 6.68 40.80 19.01
N SER H 75 7.21 41.50 18.02
CA SER H 75 6.46 42.47 17.25
C SER H 75 6.66 42.21 15.77
N ARG H 76 5.62 42.41 15.00
CA ARG H 76 5.64 42.21 13.56
C ARG H 76 5.13 43.43 12.79
N GLU H 77 4.11 44.11 13.32
CA GLU H 77 3.64 45.39 12.81
C GLU H 77 3.18 45.29 11.36
N SER H 78 2.12 44.50 11.16
CA SER H 78 1.35 44.46 9.91
C SER H 78 2.21 44.41 8.65
N GLY H 79 1.99 45.37 7.75
CA GLY H 79 2.59 45.37 6.43
C GLY H 79 4.10 45.38 6.39
N LYS H 80 4.76 45.63 7.52
CA LYS H 80 6.21 45.67 7.53
C LYS H 80 6.80 44.30 7.20
N THR H 81 7.98 44.31 6.58
CA THR H 81 8.67 43.10 6.15
C THR H 81 9.81 42.74 7.08
N THR H 82 9.87 43.32 8.27
CA THR H 82 10.87 43.01 9.27
C THR H 82 10.18 42.82 10.62
N ALA H 83 10.62 41.81 11.36
CA ALA H 83 10.04 41.47 12.66
C ALA H 83 11.08 41.63 13.74
N TYR H 84 10.65 42.07 14.92
CA TYR H 84 11.56 42.35 16.02
C TYR H 84 11.20 41.50 17.24
N LEU H 85 12.23 41.15 18.01
CA LEU H 85 12.09 40.49 19.30
C LEU H 85 12.86 41.30 20.32
N GLN H 86 12.16 41.93 21.25
CA GLN H 86 12.78 42.77 22.27
C GLN H 86 12.78 42.03 23.61
N THR H 87 13.87 42.22 24.36
CA THR H 87 14.08 41.54 25.62
C THR H 87 14.60 42.54 26.64
N THR H 88 14.06 42.46 27.86
CA THR H 88 14.48 43.31 28.97
C THR H 88 14.84 42.41 30.15
N SER H 89 15.82 42.86 30.93
CA SER H 89 16.34 42.10 32.07
C SER H 89 16.81 40.71 31.63
N VAL H 90 17.74 40.71 30.68
CA VAL H 90 18.29 39.47 30.17
C VAL H 90 19.03 38.72 31.29
N ASN H 91 19.02 37.39 31.21
CA ASN H 91 19.71 36.55 32.18
C ASN H 91 20.48 35.46 31.46
N PRO H 92 21.35 34.70 32.17
CA PRO H 92 22.18 33.69 31.48
C PRO H 92 21.44 32.73 30.55
N GLU H 93 20.15 32.47 30.79
CA GLU H 93 19.43 31.50 29.98
C GLU H 93 19.32 31.90 28.50
N ASP H 94 19.61 33.15 28.16
CA ASP H 94 19.46 33.65 26.79
C ASP H 94 20.75 33.57 25.97
N THR H 95 21.78 32.88 26.47
CA THR H 95 22.99 32.68 25.69
C THR H 95 22.72 31.56 24.68
N ALA H 96 22.51 31.94 23.42
CA ALA H 96 22.10 30.98 22.40
C ALA H 96 22.23 31.61 21.03
N ILE H 97 22.15 30.77 20.01
CA ILE H 97 22.02 31.22 18.63
C ILE H 97 20.53 31.33 18.32
N TYR H 98 20.11 32.50 17.85
CA TYR H 98 18.72 32.78 17.58
C TYR H 98 18.46 32.69 16.08
N TYR H 99 17.48 31.88 15.70
CA TYR H 99 17.11 31.66 14.32
C TYR H 99 15.70 32.19 14.08
N CYS H 100 15.51 32.70 12.86
CA CYS H 100 14.26 33.26 12.40
C CYS H 100 13.56 32.25 11.50
N ASN H 101 12.25 32.12 11.64
CA ASN H 101 11.47 31.16 10.87
C ASN H 101 10.20 31.81 10.37
N SER H 102 9.85 31.51 9.12
CA SER H 102 8.57 31.91 8.56
C SER H 102 8.16 30.84 7.56
N GLY H 103 7.22 29.98 7.96
CA GLY H 103 6.84 28.85 7.16
C GLY H 103 7.98 27.88 6.98
N PRO H 104 8.41 27.67 5.73
CA PRO H 104 9.51 26.74 5.46
C PRO H 104 10.90 27.37 5.45
N TYR H 105 11.00 28.69 5.54
CA TYR H 105 12.26 29.39 5.41
C TYR H 105 12.86 29.65 6.79
N TRP H 106 14.19 29.57 6.87
CA TRP H 106 14.92 29.76 8.11
C TRP H 106 16.06 30.74 7.91
N GLY H 107 16.38 31.47 8.97
CA GLY H 107 17.59 32.26 9.02
C GLY H 107 18.77 31.42 9.42
N GLN H 108 19.92 32.08 9.54
CA GLN H 108 21.16 31.39 9.92
C GLN H 108 21.74 31.93 11.21
N GLY H 109 20.90 32.48 12.07
CA GLY H 109 21.25 32.68 13.46
C GLY H 109 22.07 33.92 13.80
N THR H 110 21.81 34.49 14.98
CA THR H 110 22.68 35.48 15.60
C THR H 110 23.07 34.97 16.98
N GLN H 111 24.35 35.08 17.32
CA GLN H 111 24.82 34.62 18.61
C GLN H 111 24.56 35.70 19.67
N VAL H 112 23.95 35.31 20.78
CA VAL H 112 23.72 36.19 21.92
C VAL H 112 24.33 35.55 23.15
N THR H 113 25.20 36.31 23.83
CA THR H 113 25.95 35.80 24.97
C THR H 113 25.84 36.78 26.13
N VAL H 114 25.74 36.23 27.35
CA VAL H 114 25.66 37.02 28.57
C VAL H 114 27.02 37.04 29.24
N SER H 115 27.25 38.08 30.04
CA SER H 115 28.49 38.17 30.82
C SER H 115 28.38 37.35 32.10
#